data_7Z9W
# 
_entry.id   7Z9W 
# 
_audit_conform.dict_name       mmcif_pdbx.dic 
_audit_conform.dict_version    5.384 
_audit_conform.dict_location   http://mmcif.pdb.org/dictionaries/ascii/mmcif_pdbx.dic 
# 
loop_
_database_2.database_id 
_database_2.database_code 
_database_2.pdbx_database_accession 
_database_2.pdbx_DOI 
PDB   7Z9W         pdb_00007z9w 10.2210/pdb7z9w/pdb 
WWPDB D_1292121848 ?            ?                   
# 
loop_
_pdbx_audit_revision_history.ordinal 
_pdbx_audit_revision_history.data_content_type 
_pdbx_audit_revision_history.major_revision 
_pdbx_audit_revision_history.minor_revision 
_pdbx_audit_revision_history.revision_date 
1 'Structure model' 1 0 2022-12-07 
2 'Structure model' 1 1 2024-01-31 
# 
_pdbx_audit_revision_details.ordinal             1 
_pdbx_audit_revision_details.revision_ordinal    1 
_pdbx_audit_revision_details.data_content_type   'Structure model' 
_pdbx_audit_revision_details.provider            repository 
_pdbx_audit_revision_details.type                'Initial release' 
_pdbx_audit_revision_details.description         ? 
_pdbx_audit_revision_details.details             ? 
# 
loop_
_pdbx_audit_revision_group.ordinal 
_pdbx_audit_revision_group.revision_ordinal 
_pdbx_audit_revision_group.data_content_type 
_pdbx_audit_revision_group.group 
1 2 'Structure model' 'Data collection'        
2 2 'Structure model' 'Refinement description' 
# 
loop_
_pdbx_audit_revision_category.ordinal 
_pdbx_audit_revision_category.revision_ordinal 
_pdbx_audit_revision_category.data_content_type 
_pdbx_audit_revision_category.category 
1 2 'Structure model' chem_comp_atom                
2 2 'Structure model' chem_comp_bond                
3 2 'Structure model' pdbx_initial_refinement_model 
# 
_pdbx_database_status.status_code                     REL 
_pdbx_database_status.status_code_sf                  REL 
_pdbx_database_status.status_code_mr                  ? 
_pdbx_database_status.entry_id                        7Z9W 
_pdbx_database_status.recvd_initial_deposition_date   2022-03-21 
_pdbx_database_status.SG_entry                        N 
_pdbx_database_status.deposit_site                    PDBE 
_pdbx_database_status.process_site                    PDBE 
_pdbx_database_status.status_code_cs                  ? 
_pdbx_database_status.status_code_nmr_data            ? 
_pdbx_database_status.methods_development_category    ? 
_pdbx_database_status.pdb_format_compatible           N 
# 
_pdbx_contact_author.id                 2 
_pdbx_contact_author.email              martin.noble@ncl.ac.uk 
_pdbx_contact_author.name_first         Martin 
_pdbx_contact_author.name_last          Noble 
_pdbx_contact_author.name_mi            E.M 
_pdbx_contact_author.role               'principal investigator/group leader' 
_pdbx_contact_author.identifier_ORCID   0000-0002-3595-9807 
# 
loop_
_audit_author.name 
_audit_author.pdbx_ordinal 
_audit_author.identifier_ORCID 
'Turberville, S.' 1 0000-0003-2173-9675 
'Martin, M.P.'    2 0000-0003-4810-3351 
'Hope, I.'        3 ?                   
'Noble, M.E.M.'   4 0000-0002-3595-9807 
# 
_citation.abstract                  ? 
_citation.abstract_id_CAS           ? 
_citation.book_id_ISBN              ? 
_citation.book_publisher            ? 
_citation.book_publisher_city       ? 
_citation.book_title                ? 
_citation.coordinate_linkage        ? 
_citation.country                   US 
_citation.database_id_Medline       ? 
_citation.details                   ? 
_citation.id                        primary 
_citation.journal_abbrev            J.Med.Chem. 
_citation.journal_id_ASTM           JMCMAR 
_citation.journal_id_CSD            0151 
_citation.journal_id_ISSN           0022-2623 
_citation.journal_full              ? 
_citation.journal_issue             ? 
_citation.journal_volume            65 
_citation.language                  ? 
_citation.page_first                15416 
_citation.page_last                 15432 
_citation.title                     
;Mapping Ligand Interactions of Bromodomains BRD4 and ATAD2 with FragLites and PepLites&#9472;Halogenated Probes of Druglike and Peptide-like Molecular Interactions.
;
_citation.year                      2022 
_citation.database_id_CSD           ? 
_citation.pdbx_database_id_DOI      10.1021/acs.jmedchem.2c01357 
_citation.pdbx_database_id_PubMed   36367089 
_citation.pdbx_database_id_patent   ? 
_citation.unpublished_flag          ? 
# 
loop_
_citation_author.citation_id 
_citation_author.name 
_citation_author.ordinal 
_citation_author.identifier_ORCID 
primary 'Davison, G.'       1  0000-0001-5466-2702 
primary 'Martin, M.P.'      2  ?                   
primary 'Turberville, S.'   3  ?                   
primary 'Dormen, S.'        4  ?                   
primary 'Heath, R.'         5  ?                   
primary 'Heptinstall, A.B.' 6  ?                   
primary 'Lawson, M.'        7  ?                   
primary 'Miller, D.C.'      8  0000-0001-6846-2007 
primary 'Ng, Y.M.'          9  ?                   
primary 'Sanderson, J.N.'   10 0000-0003-1000-2897 
primary 'Hope, I.'          11 0000-0002-8002-5026 
primary 'Wood, D.J.'        12 ?                   
primary 'Cano, C.'          13 0000-0002-2032-2272 
primary 'Endicott, J.A.'    14 ?                   
primary 'Hardcastle, I.R.'  15 0000-0001-7495-3769 
primary 'Noble, M.E.M.'     16 ?                   
primary 'Waring, M.J.'      17 0000-0002-9110-8783 
# 
loop_
_entity.id 
_entity.type 
_entity.src_method 
_entity.pdbx_description 
_entity.formula_weight 
_entity.pdbx_number_of_molecules 
_entity.pdbx_ec 
_entity.pdbx_mutation 
_entity.pdbx_fragment 
_entity.details 
1 polymer     man 'Isoform C of Bromodomain-containing protein 4' 15294.578 1   ? ? ? ? 
2 non-polymer syn GLYCEROL                                        92.094    2   ? ? ? ? 
3 non-polymer syn 4-bromo-1H-pyrazole                             146.973   1   ? ? ? ? 
4 water       nat water                                           18.015    174 ? ? ? ? 
# 
_entity_name_com.entity_id   1 
_entity_name_com.name        'Protein HUNK1' 
# 
_entity_poly.entity_id                      1 
_entity_poly.type                           'polypeptide(L)' 
_entity_poly.nstd_linkage                   no 
_entity_poly.nstd_monomer                   no 
_entity_poly.pdbx_seq_one_letter_code       
;GSHMNPPPPETSNPNKPKRQTNQLQYLLRVVLKTLWKHQFAWPFQQPVDAVKLNLPDYYKIIKTPMDMGTIKKRLENNYY
WNAQECIQDFNTMFTNCYIYNKPGDDIVLMAEALEKLFLQKINELPTEE
;
_entity_poly.pdbx_seq_one_letter_code_can   
;GSHMNPPPPETSNPNKPKRQTNQLQYLLRVVLKTLWKHQFAWPFQQPVDAVKLNLPDYYKIIKTPMDMGTIKKRLENNYY
WNAQECIQDFNTMFTNCYIYNKPGDDIVLMAEALEKLFLQKINELPTEE
;
_entity_poly.pdbx_strand_id                 AAA 
_entity_poly.pdbx_target_identifier         ? 
# 
loop_
_pdbx_entity_nonpoly.entity_id 
_pdbx_entity_nonpoly.name 
_pdbx_entity_nonpoly.comp_id 
2 GLYCEROL            GOL 
3 4-bromo-1H-pyrazole BYZ 
4 water               HOH 
# 
loop_
_entity_poly_seq.entity_id 
_entity_poly_seq.num 
_entity_poly_seq.mon_id 
_entity_poly_seq.hetero 
1 1   GLY n 
1 2   SER n 
1 3   HIS n 
1 4   MET n 
1 5   ASN n 
1 6   PRO n 
1 7   PRO n 
1 8   PRO n 
1 9   PRO n 
1 10  GLU n 
1 11  THR n 
1 12  SER n 
1 13  ASN n 
1 14  PRO n 
1 15  ASN n 
1 16  LYS n 
1 17  PRO n 
1 18  LYS n 
1 19  ARG n 
1 20  GLN n 
1 21  THR n 
1 22  ASN n 
1 23  GLN n 
1 24  LEU n 
1 25  GLN n 
1 26  TYR n 
1 27  LEU n 
1 28  LEU n 
1 29  ARG n 
1 30  VAL n 
1 31  VAL n 
1 32  LEU n 
1 33  LYS n 
1 34  THR n 
1 35  LEU n 
1 36  TRP n 
1 37  LYS n 
1 38  HIS n 
1 39  GLN n 
1 40  PHE n 
1 41  ALA n 
1 42  TRP n 
1 43  PRO n 
1 44  PHE n 
1 45  GLN n 
1 46  GLN n 
1 47  PRO n 
1 48  VAL n 
1 49  ASP n 
1 50  ALA n 
1 51  VAL n 
1 52  LYS n 
1 53  LEU n 
1 54  ASN n 
1 55  LEU n 
1 56  PRO n 
1 57  ASP n 
1 58  TYR n 
1 59  TYR n 
1 60  LYS n 
1 61  ILE n 
1 62  ILE n 
1 63  LYS n 
1 64  THR n 
1 65  PRO n 
1 66  MET n 
1 67  ASP n 
1 68  MET n 
1 69  GLY n 
1 70  THR n 
1 71  ILE n 
1 72  LYS n 
1 73  LYS n 
1 74  ARG n 
1 75  LEU n 
1 76  GLU n 
1 77  ASN n 
1 78  ASN n 
1 79  TYR n 
1 80  TYR n 
1 81  TRP n 
1 82  ASN n 
1 83  ALA n 
1 84  GLN n 
1 85  GLU n 
1 86  CYS n 
1 87  ILE n 
1 88  GLN n 
1 89  ASP n 
1 90  PHE n 
1 91  ASN n 
1 92  THR n 
1 93  MET n 
1 94  PHE n 
1 95  THR n 
1 96  ASN n 
1 97  CYS n 
1 98  TYR n 
1 99  ILE n 
1 100 TYR n 
1 101 ASN n 
1 102 LYS n 
1 103 PRO n 
1 104 GLY n 
1 105 ASP n 
1 106 ASP n 
1 107 ILE n 
1 108 VAL n 
1 109 LEU n 
1 110 MET n 
1 111 ALA n 
1 112 GLU n 
1 113 ALA n 
1 114 LEU n 
1 115 GLU n 
1 116 LYS n 
1 117 LEU n 
1 118 PHE n 
1 119 LEU n 
1 120 GLN n 
1 121 LYS n 
1 122 ILE n 
1 123 ASN n 
1 124 GLU n 
1 125 LEU n 
1 126 PRO n 
1 127 THR n 
1 128 GLU n 
1 129 GLU n 
# 
_entity_src_gen.entity_id                          1 
_entity_src_gen.pdbx_src_id                        1 
_entity_src_gen.pdbx_alt_source_flag               sample 
_entity_src_gen.pdbx_seq_type                      'Biological sequence' 
_entity_src_gen.pdbx_beg_seq_num                   1 
_entity_src_gen.pdbx_end_seq_num                   129 
_entity_src_gen.gene_src_common_name               human 
_entity_src_gen.gene_src_genus                     ? 
_entity_src_gen.pdbx_gene_src_gene                 'BRD4, HUNK1' 
_entity_src_gen.gene_src_species                   ? 
_entity_src_gen.gene_src_strain                    ? 
_entity_src_gen.gene_src_tissue                    ? 
_entity_src_gen.gene_src_tissue_fraction           ? 
_entity_src_gen.gene_src_details                   ? 
_entity_src_gen.pdbx_gene_src_fragment             ? 
_entity_src_gen.pdbx_gene_src_scientific_name      'Homo sapiens' 
_entity_src_gen.pdbx_gene_src_ncbi_taxonomy_id     9606 
_entity_src_gen.pdbx_gene_src_variant              ? 
_entity_src_gen.pdbx_gene_src_cell_line            ? 
_entity_src_gen.pdbx_gene_src_atcc                 ? 
_entity_src_gen.pdbx_gene_src_organ                ? 
_entity_src_gen.pdbx_gene_src_organelle            ? 
_entity_src_gen.pdbx_gene_src_cell                 ? 
_entity_src_gen.pdbx_gene_src_cellular_location    ? 
_entity_src_gen.host_org_common_name               ? 
_entity_src_gen.pdbx_host_org_scientific_name      'Escherichia coli BL21(DE3)' 
_entity_src_gen.pdbx_host_org_ncbi_taxonomy_id     469008 
_entity_src_gen.host_org_genus                     ? 
_entity_src_gen.pdbx_host_org_gene                 ? 
_entity_src_gen.pdbx_host_org_organ                ? 
_entity_src_gen.host_org_species                   ? 
_entity_src_gen.pdbx_host_org_tissue               ? 
_entity_src_gen.pdbx_host_org_tissue_fraction      ? 
_entity_src_gen.pdbx_host_org_strain               ? 
_entity_src_gen.pdbx_host_org_variant              ? 
_entity_src_gen.pdbx_host_org_cell_line            ? 
_entity_src_gen.pdbx_host_org_atcc                 ? 
_entity_src_gen.pdbx_host_org_culture_collection   ? 
_entity_src_gen.pdbx_host_org_cell                 ? 
_entity_src_gen.pdbx_host_org_organelle            ? 
_entity_src_gen.pdbx_host_org_cellular_location    ? 
_entity_src_gen.pdbx_host_org_vector_type          ? 
_entity_src_gen.pdbx_host_org_vector               ? 
_entity_src_gen.host_org_details                   ? 
_entity_src_gen.expression_system_id               ? 
_entity_src_gen.plasmid_name                       pET28b 
_entity_src_gen.plasmid_details                    ? 
_entity_src_gen.pdbx_description                   ? 
# 
loop_
_chem_comp.id 
_chem_comp.type 
_chem_comp.mon_nstd_flag 
_chem_comp.name 
_chem_comp.pdbx_synonyms 
_chem_comp.formula 
_chem_comp.formula_weight 
ALA 'L-peptide linking' y ALANINE             ?                               'C3 H7 N O2'     89.093  
ARG 'L-peptide linking' y ARGININE            ?                               'C6 H15 N4 O2 1' 175.209 
ASN 'L-peptide linking' y ASPARAGINE          ?                               'C4 H8 N2 O3'    132.118 
ASP 'L-peptide linking' y 'ASPARTIC ACID'     ?                               'C4 H7 N O4'     133.103 
BYZ non-polymer         . 4-bromo-1H-pyrazole ?                               'C3 H3 Br N2'    146.973 
CYS 'L-peptide linking' y CYSTEINE            ?                               'C3 H7 N O2 S'   121.158 
GLN 'L-peptide linking' y GLUTAMINE           ?                               'C5 H10 N2 O3'   146.144 
GLU 'L-peptide linking' y 'GLUTAMIC ACID'     ?                               'C5 H9 N O4'     147.129 
GLY 'peptide linking'   y GLYCINE             ?                               'C2 H5 N O2'     75.067  
GOL non-polymer         . GLYCEROL            'GLYCERIN; PROPANE-1,2,3-TRIOL' 'C3 H8 O3'       92.094  
HIS 'L-peptide linking' y HISTIDINE           ?                               'C6 H10 N3 O2 1' 156.162 
HOH non-polymer         . WATER               ?                               'H2 O'           18.015  
ILE 'L-peptide linking' y ISOLEUCINE          ?                               'C6 H13 N O2'    131.173 
LEU 'L-peptide linking' y LEUCINE             ?                               'C6 H13 N O2'    131.173 
LYS 'L-peptide linking' y LYSINE              ?                               'C6 H15 N2 O2 1' 147.195 
MET 'L-peptide linking' y METHIONINE          ?                               'C5 H11 N O2 S'  149.211 
PHE 'L-peptide linking' y PHENYLALANINE       ?                               'C9 H11 N O2'    165.189 
PRO 'L-peptide linking' y PROLINE             ?                               'C5 H9 N O2'     115.130 
SER 'L-peptide linking' y SERINE              ?                               'C3 H7 N O3'     105.093 
THR 'L-peptide linking' y THREONINE           ?                               'C4 H9 N O3'     119.119 
TRP 'L-peptide linking' y TRYPTOPHAN          ?                               'C11 H12 N2 O2'  204.225 
TYR 'L-peptide linking' y TYROSINE            ?                               'C9 H11 N O3'    181.189 
VAL 'L-peptide linking' y VALINE              ?                               'C5 H11 N O2'    117.146 
# 
loop_
_pdbx_poly_seq_scheme.asym_id 
_pdbx_poly_seq_scheme.entity_id 
_pdbx_poly_seq_scheme.seq_id 
_pdbx_poly_seq_scheme.mon_id 
_pdbx_poly_seq_scheme.ndb_seq_num 
_pdbx_poly_seq_scheme.pdb_seq_num 
_pdbx_poly_seq_scheme.auth_seq_num 
_pdbx_poly_seq_scheme.pdb_mon_id 
_pdbx_poly_seq_scheme.auth_mon_id 
_pdbx_poly_seq_scheme.pdb_strand_id 
_pdbx_poly_seq_scheme.pdb_ins_code 
_pdbx_poly_seq_scheme.hetero 
A 1 1   GLY 1   40  40  GLY GLY AAA . n 
A 1 2   SER 2   41  41  SER SER AAA . n 
A 1 3   HIS 3   42  42  HIS HIS AAA . n 
A 1 4   MET 4   43  43  MET MET AAA . n 
A 1 5   ASN 5   44  44  ASN ASN AAA . n 
A 1 6   PRO 6   45  45  PRO PRO AAA . n 
A 1 7   PRO 7   46  46  PRO PRO AAA . n 
A 1 8   PRO 8   47  47  PRO PRO AAA . n 
A 1 9   PRO 9   48  48  PRO PRO AAA . n 
A 1 10  GLU 10  49  49  GLU GLU AAA . n 
A 1 11  THR 11  50  50  THR THR AAA . n 
A 1 12  SER 12  51  51  SER SER AAA . n 
A 1 13  ASN 13  52  52  ASN ASN AAA . n 
A 1 14  PRO 14  53  53  PRO PRO AAA . n 
A 1 15  ASN 15  54  54  ASN ASN AAA . n 
A 1 16  LYS 16  55  55  LYS LYS AAA . n 
A 1 17  PRO 17  56  56  PRO PRO AAA . n 
A 1 18  LYS 18  57  57  LYS LYS AAA . n 
A 1 19  ARG 19  58  58  ARG ARG AAA . n 
A 1 20  GLN 20  59  59  GLN GLN AAA . n 
A 1 21  THR 21  60  60  THR THR AAA . n 
A 1 22  ASN 22  61  61  ASN ASN AAA . n 
A 1 23  GLN 23  62  62  GLN GLN AAA . n 
A 1 24  LEU 24  63  63  LEU LEU AAA . n 
A 1 25  GLN 25  64  64  GLN GLN AAA . n 
A 1 26  TYR 26  65  65  TYR TYR AAA . n 
A 1 27  LEU 27  66  66  LEU LEU AAA . n 
A 1 28  LEU 28  67  67  LEU LEU AAA . n 
A 1 29  ARG 29  68  68  ARG ARG AAA . n 
A 1 30  VAL 30  69  69  VAL VAL AAA . n 
A 1 31  VAL 31  70  70  VAL VAL AAA . n 
A 1 32  LEU 32  71  71  LEU LEU AAA . n 
A 1 33  LYS 33  72  72  LYS LYS AAA . n 
A 1 34  THR 34  73  73  THR THR AAA . n 
A 1 35  LEU 35  74  74  LEU LEU AAA . n 
A 1 36  TRP 36  75  75  TRP TRP AAA . n 
A 1 37  LYS 37  76  76  LYS LYS AAA . n 
A 1 38  HIS 38  77  77  HIS HIS AAA . n 
A 1 39  GLN 39  78  78  GLN GLN AAA . n 
A 1 40  PHE 40  79  79  PHE PHE AAA . n 
A 1 41  ALA 41  80  80  ALA ALA AAA . n 
A 1 42  TRP 42  81  81  TRP TRP AAA . n 
A 1 43  PRO 43  82  82  PRO PRO AAA . n 
A 1 44  PHE 44  83  83  PHE PHE AAA . n 
A 1 45  GLN 45  84  84  GLN GLN AAA . n 
A 1 46  GLN 46  85  85  GLN GLN AAA . n 
A 1 47  PRO 47  86  86  PRO PRO AAA . n 
A 1 48  VAL 48  87  87  VAL VAL AAA . n 
A 1 49  ASP 49  88  88  ASP ASP AAA . n 
A 1 50  ALA 50  89  89  ALA ALA AAA . n 
A 1 51  VAL 51  90  90  VAL VAL AAA . n 
A 1 52  LYS 52  91  91  LYS LYS AAA . n 
A 1 53  LEU 53  92  92  LEU LEU AAA . n 
A 1 54  ASN 54  93  93  ASN ASN AAA . n 
A 1 55  LEU 55  94  94  LEU LEU AAA . n 
A 1 56  PRO 56  95  95  PRO PRO AAA . n 
A 1 57  ASP 57  96  96  ASP ASP AAA . n 
A 1 58  TYR 58  97  97  TYR TYR AAA . n 
A 1 59  TYR 59  98  98  TYR TYR AAA . n 
A 1 60  LYS 60  99  99  LYS LYS AAA . n 
A 1 61  ILE 61  100 100 ILE ILE AAA . n 
A 1 62  ILE 62  101 101 ILE ILE AAA . n 
A 1 63  LYS 63  102 102 LYS LYS AAA . n 
A 1 64  THR 64  103 103 THR THR AAA . n 
A 1 65  PRO 65  104 104 PRO PRO AAA . n 
A 1 66  MET 66  105 105 MET MET AAA . n 
A 1 67  ASP 67  106 106 ASP ASP AAA . n 
A 1 68  MET 68  107 107 MET MET AAA . n 
A 1 69  GLY 69  108 108 GLY GLY AAA . n 
A 1 70  THR 70  109 109 THR THR AAA . n 
A 1 71  ILE 71  110 110 ILE ILE AAA . n 
A 1 72  LYS 72  111 111 LYS LYS AAA . n 
A 1 73  LYS 73  112 112 LYS LYS AAA . n 
A 1 74  ARG 74  113 113 ARG ARG AAA . n 
A 1 75  LEU 75  114 114 LEU LEU AAA . n 
A 1 76  GLU 76  115 115 GLU GLU AAA . n 
A 1 77  ASN 77  116 116 ASN ASN AAA . n 
A 1 78  ASN 78  117 117 ASN ASN AAA . n 
A 1 79  TYR 79  118 118 TYR TYR AAA . n 
A 1 80  TYR 80  119 119 TYR TYR AAA . n 
A 1 81  TRP 81  120 120 TRP TRP AAA . n 
A 1 82  ASN 82  121 121 ASN ASN AAA . n 
A 1 83  ALA 83  122 122 ALA ALA AAA . n 
A 1 84  GLN 84  123 123 GLN GLN AAA . n 
A 1 85  GLU 85  124 124 GLU GLU AAA . n 
A 1 86  CYS 86  125 125 CYS CYS AAA . n 
A 1 87  ILE 87  126 126 ILE ILE AAA . n 
A 1 88  GLN 88  127 127 GLN GLN AAA . n 
A 1 89  ASP 89  128 128 ASP ASP AAA . n 
A 1 90  PHE 90  129 129 PHE PHE AAA . n 
A 1 91  ASN 91  130 130 ASN ASN AAA . n 
A 1 92  THR 92  131 131 THR THR AAA . n 
A 1 93  MET 93  132 132 MET MET AAA . n 
A 1 94  PHE 94  133 133 PHE PHE AAA . n 
A 1 95  THR 95  134 134 THR THR AAA . n 
A 1 96  ASN 96  135 135 ASN ASN AAA . n 
A 1 97  CYS 97  136 136 CYS CYS AAA . n 
A 1 98  TYR 98  137 137 TYR TYR AAA . n 
A 1 99  ILE 99  138 138 ILE ILE AAA . n 
A 1 100 TYR 100 139 139 TYR TYR AAA . n 
A 1 101 ASN 101 140 140 ASN ASN AAA . n 
A 1 102 LYS 102 141 141 LYS LYS AAA . n 
A 1 103 PRO 103 142 142 PRO PRO AAA . n 
A 1 104 GLY 104 143 143 GLY GLY AAA . n 
A 1 105 ASP 105 144 144 ASP ASP AAA . n 
A 1 106 ASP 106 145 145 ASP ASP AAA . n 
A 1 107 ILE 107 146 146 ILE ILE AAA . n 
A 1 108 VAL 108 147 147 VAL VAL AAA . n 
A 1 109 LEU 109 148 148 LEU LEU AAA . n 
A 1 110 MET 110 149 149 MET MET AAA . n 
A 1 111 ALA 111 150 150 ALA ALA AAA . n 
A 1 112 GLU 112 151 151 GLU GLU AAA . n 
A 1 113 ALA 113 152 152 ALA ALA AAA . n 
A 1 114 LEU 114 153 153 LEU LEU AAA . n 
A 1 115 GLU 115 154 154 GLU GLU AAA . n 
A 1 116 LYS 116 155 155 LYS LYS AAA . n 
A 1 117 LEU 117 156 156 LEU LEU AAA . n 
A 1 118 PHE 118 157 157 PHE PHE AAA . n 
A 1 119 LEU 119 158 158 LEU LEU AAA . n 
A 1 120 GLN 120 159 159 GLN GLN AAA . n 
A 1 121 LYS 121 160 160 LYS LYS AAA . n 
A 1 122 ILE 122 161 161 ILE ILE AAA . n 
A 1 123 ASN 123 162 162 ASN ASN AAA . n 
A 1 124 GLU 124 163 163 GLU GLU AAA . n 
A 1 125 LEU 125 164 164 LEU LEU AAA . n 
A 1 126 PRO 126 165 165 PRO PRO AAA . n 
A 1 127 THR 127 166 166 THR THR AAA . n 
A 1 128 GLU 128 167 167 GLU GLU AAA . n 
A 1 129 GLU 129 168 168 GLU GLU AAA . n 
# 
loop_
_pdbx_nonpoly_scheme.asym_id 
_pdbx_nonpoly_scheme.entity_id 
_pdbx_nonpoly_scheme.mon_id 
_pdbx_nonpoly_scheme.ndb_seq_num 
_pdbx_nonpoly_scheme.pdb_seq_num 
_pdbx_nonpoly_scheme.auth_seq_num 
_pdbx_nonpoly_scheme.pdb_mon_id 
_pdbx_nonpoly_scheme.auth_mon_id 
_pdbx_nonpoly_scheme.pdb_strand_id 
_pdbx_nonpoly_scheme.pdb_ins_code 
B 2 GOL 1   201 1   GOL GOL AAA . 
C 2 GOL 1   202 2   GOL GOL AAA . 
D 3 BYZ 1   203 1   BYZ DRG AAA . 
E 4 HOH 1   301 173 HOH HOH AAA . 
E 4 HOH 2   302 91  HOH HOH AAA . 
E 4 HOH 3   303 160 HOH HOH AAA . 
E 4 HOH 4   304 141 HOH HOH AAA . 
E 4 HOH 5   305 104 HOH HOH AAA . 
E 4 HOH 6   306 109 HOH HOH AAA . 
E 4 HOH 7   307 99  HOH HOH AAA . 
E 4 HOH 8   308 172 HOH HOH AAA . 
E 4 HOH 9   309 163 HOH HOH AAA . 
E 4 HOH 10  310 52  HOH HOH AAA . 
E 4 HOH 11  311 143 HOH HOH AAA . 
E 4 HOH 12  312 128 HOH HOH AAA . 
E 4 HOH 13  313 58  HOH HOH AAA . 
E 4 HOH 14  314 156 HOH HOH AAA . 
E 4 HOH 15  315 90  HOH HOH AAA . 
E 4 HOH 16  316 4   HOH HOH AAA . 
E 4 HOH 17  317 181 HOH HOH AAA . 
E 4 HOH 18  318 22  HOH HOH AAA . 
E 4 HOH 19  319 74  HOH HOH AAA . 
E 4 HOH 20  320 159 HOH HOH AAA . 
E 4 HOH 21  321 37  HOH HOH AAA . 
E 4 HOH 22  322 29  HOH HOH AAA . 
E 4 HOH 23  323 26  HOH HOH AAA . 
E 4 HOH 24  324 27  HOH HOH AAA . 
E 4 HOH 25  325 87  HOH HOH AAA . 
E 4 HOH 26  326 120 HOH HOH AAA . 
E 4 HOH 27  327 46  HOH HOH AAA . 
E 4 HOH 28  328 10  HOH HOH AAA . 
E 4 HOH 29  329 137 HOH HOH AAA . 
E 4 HOH 30  330 49  HOH HOH AAA . 
E 4 HOH 31  331 105 HOH HOH AAA . 
E 4 HOH 32  332 25  HOH HOH AAA . 
E 4 HOH 33  333 180 HOH HOH AAA . 
E 4 HOH 34  334 75  HOH HOH AAA . 
E 4 HOH 35  335 171 HOH HOH AAA . 
E 4 HOH 36  336 48  HOH HOH AAA . 
E 4 HOH 37  337 61  HOH HOH AAA . 
E 4 HOH 38  338 11  HOH HOH AAA . 
E 4 HOH 39  339 65  HOH HOH AAA . 
E 4 HOH 40  340 16  HOH HOH AAA . 
E 4 HOH 41  341 39  HOH HOH AAA . 
E 4 HOH 42  342 50  HOH HOH AAA . 
E 4 HOH 43  343 126 HOH HOH AAA . 
E 4 HOH 44  344 73  HOH HOH AAA . 
E 4 HOH 45  345 92  HOH HOH AAA . 
E 4 HOH 46  346 57  HOH HOH AAA . 
E 4 HOH 47  347 64  HOH HOH AAA . 
E 4 HOH 48  348 175 HOH HOH AAA . 
E 4 HOH 49  349 136 HOH HOH AAA . 
E 4 HOH 50  350 132 HOH HOH AAA . 
E 4 HOH 51  351 166 HOH HOH AAA . 
E 4 HOH 52  352 56  HOH HOH AAA . 
E 4 HOH 53  353 19  HOH HOH AAA . 
E 4 HOH 54  354 97  HOH HOH AAA . 
E 4 HOH 55  355 152 HOH HOH AAA . 
E 4 HOH 56  356 53  HOH HOH AAA . 
E 4 HOH 57  357 185 HOH HOH AAA . 
E 4 HOH 58  358 80  HOH HOH AAA . 
E 4 HOH 59  359 45  HOH HOH AAA . 
E 4 HOH 60  360 34  HOH HOH AAA . 
E 4 HOH 61  361 47  HOH HOH AAA . 
E 4 HOH 62  362 43  HOH HOH AAA . 
E 4 HOH 63  363 13  HOH HOH AAA . 
E 4 HOH 64  364 82  HOH HOH AAA . 
E 4 HOH 65  365 178 HOH HOH AAA . 
E 4 HOH 66  366 8   HOH HOH AAA . 
E 4 HOH 67  367 51  HOH HOH AAA . 
E 4 HOH 68  368 81  HOH HOH AAA . 
E 4 HOH 69  369 12  HOH HOH AAA . 
E 4 HOH 70  370 17  HOH HOH AAA . 
E 4 HOH 71  371 6   HOH HOH AAA . 
E 4 HOH 72  372 177 HOH HOH AAA . 
E 4 HOH 73  373 1   HOH HOH AAA . 
E 4 HOH 74  374 154 HOH HOH AAA . 
E 4 HOH 75  375 63  HOH HOH AAA . 
E 4 HOH 76  376 35  HOH HOH AAA . 
E 4 HOH 77  377 30  HOH HOH AAA . 
E 4 HOH 78  378 142 HOH HOH AAA . 
E 4 HOH 79  379 24  HOH HOH AAA . 
E 4 HOH 80  380 36  HOH HOH AAA . 
E 4 HOH 81  381 62  HOH HOH AAA . 
E 4 HOH 82  382 71  HOH HOH AAA . 
E 4 HOH 83  383 135 HOH HOH AAA . 
E 4 HOH 84  384 20  HOH HOH AAA . 
E 4 HOH 85  385 174 HOH HOH AAA . 
E 4 HOH 86  386 164 HOH HOH AAA . 
E 4 HOH 87  387 42  HOH HOH AAA . 
E 4 HOH 88  388 83  HOH HOH AAA . 
E 4 HOH 89  389 133 HOH HOH AAA . 
E 4 HOH 90  390 86  HOH HOH AAA . 
E 4 HOH 91  391 184 HOH HOH AAA . 
E 4 HOH 92  392 9   HOH HOH AAA . 
E 4 HOH 93  393 2   HOH HOH AAA . 
E 4 HOH 94  394 100 HOH HOH AAA . 
E 4 HOH 95  395 7   HOH HOH AAA . 
E 4 HOH 96  396 129 HOH HOH AAA . 
E 4 HOH 97  397 23  HOH HOH AAA . 
E 4 HOH 98  398 118 HOH HOH AAA . 
E 4 HOH 99  399 33  HOH HOH AAA . 
E 4 HOH 100 400 138 HOH HOH AAA . 
E 4 HOH 101 401 151 HOH HOH AAA . 
E 4 HOH 102 402 32  HOH HOH AAA . 
E 4 HOH 103 403 110 HOH HOH AAA . 
E 4 HOH 104 404 113 HOH HOH AAA . 
E 4 HOH 105 405 78  HOH HOH AAA . 
E 4 HOH 106 406 5   HOH HOH AAA . 
E 4 HOH 107 407 44  HOH HOH AAA . 
E 4 HOH 108 408 94  HOH HOH AAA . 
E 4 HOH 109 409 31  HOH HOH AAA . 
E 4 HOH 110 410 18  HOH HOH AAA . 
E 4 HOH 111 411 38  HOH HOH AAA . 
E 4 HOH 112 412 102 HOH HOH AAA . 
E 4 HOH 113 413 168 HOH HOH AAA . 
E 4 HOH 114 414 59  HOH HOH AAA . 
E 4 HOH 115 415 121 HOH HOH AAA . 
E 4 HOH 116 416 21  HOH HOH AAA . 
E 4 HOH 117 417 3   HOH HOH AAA . 
E 4 HOH 118 418 41  HOH HOH AAA . 
E 4 HOH 119 419 98  HOH HOH AAA . 
E 4 HOH 120 420 153 HOH HOH AAA . 
E 4 HOH 121 421 134 HOH HOH AAA . 
E 4 HOH 122 422 182 HOH HOH AAA . 
E 4 HOH 123 423 157 HOH HOH AAA . 
E 4 HOH 124 424 162 HOH HOH AAA . 
E 4 HOH 125 425 96  HOH HOH AAA . 
E 4 HOH 126 426 95  HOH HOH AAA . 
E 4 HOH 127 427 117 HOH HOH AAA . 
E 4 HOH 128 428 40  HOH HOH AAA . 
E 4 HOH 129 429 68  HOH HOH AAA . 
E 4 HOH 130 430 111 HOH HOH AAA . 
E 4 HOH 131 431 123 HOH HOH AAA . 
E 4 HOH 132 432 124 HOH HOH AAA . 
E 4 HOH 133 433 89  HOH HOH AAA . 
E 4 HOH 134 434 125 HOH HOH AAA . 
E 4 HOH 135 435 15  HOH HOH AAA . 
E 4 HOH 136 436 139 HOH HOH AAA . 
E 4 HOH 137 437 122 HOH HOH AAA . 
E 4 HOH 138 438 85  HOH HOH AAA . 
E 4 HOH 139 439 93  HOH HOH AAA . 
E 4 HOH 140 440 114 HOH HOH AAA . 
E 4 HOH 141 441 127 HOH HOH AAA . 
E 4 HOH 142 442 149 HOH HOH AAA . 
E 4 HOH 143 443 84  HOH HOH AAA . 
E 4 HOH 144 444 60  HOH HOH AAA . 
E 4 HOH 145 445 55  HOH HOH AAA . 
E 4 HOH 146 446 70  HOH HOH AAA . 
E 4 HOH 147 447 79  HOH HOH AAA . 
E 4 HOH 148 448 67  HOH HOH AAA . 
E 4 HOH 149 449 103 HOH HOH AAA . 
E 4 HOH 150 450 69  HOH HOH AAA . 
E 4 HOH 151 451 66  HOH HOH AAA . 
E 4 HOH 152 452 165 HOH HOH AAA . 
E 4 HOH 153 453 131 HOH HOH AAA . 
E 4 HOH 154 454 140 HOH HOH AAA . 
E 4 HOH 155 455 144 HOH HOH AAA . 
E 4 HOH 156 456 108 HOH HOH AAA . 
E 4 HOH 157 457 167 HOH HOH AAA . 
E 4 HOH 158 458 148 HOH HOH AAA . 
E 4 HOH 159 459 54  HOH HOH AAA . 
E 4 HOH 160 460 101 HOH HOH AAA . 
E 4 HOH 161 461 155 HOH HOH AAA . 
E 4 HOH 162 462 179 HOH HOH AAA . 
E 4 HOH 163 463 28  HOH HOH AAA . 
E 4 HOH 164 464 115 HOH HOH AAA . 
E 4 HOH 165 465 183 HOH HOH AAA . 
E 4 HOH 166 466 106 HOH HOH AAA . 
E 4 HOH 167 467 119 HOH HOH AAA . 
E 4 HOH 168 468 76  HOH HOH AAA . 
E 4 HOH 169 469 147 HOH HOH AAA . 
E 4 HOH 170 470 116 HOH HOH AAA . 
E 4 HOH 171 471 72  HOH HOH AAA . 
E 4 HOH 172 472 112 HOH HOH AAA . 
E 4 HOH 173 473 150 HOH HOH AAA . 
E 4 HOH 174 474 77  HOH HOH AAA . 
# 
loop_
_software.citation_id 
_software.classification 
_software.compiler_name 
_software.compiler_version 
_software.contact_author 
_software.contact_author_email 
_software.date 
_software.description 
_software.dependencies 
_software.hardware 
_software.language 
_software.location 
_software.mods 
_software.name 
_software.os 
_software.os_version 
_software.type 
_software.version 
_software.pdbx_ordinal 
? refinement       ? ? ? ? ? ? ? ? ? ? ? REFMAC  ? ? ? 5.8.0258 1 
? 'data reduction' ? ? ? ? ? ? ? ? ? ? ? xia2    ? ? ? .        2 
? 'data scaling'   ? ? ? ? ? ? ? ? ? ? ? Aimless ? ? ? .        3 
? phasing          ? ? ? ? ? ? ? ? ? ? ? PHASER  ? ? ? .        4 
# 
_cell.angle_alpha                  90.000 
_cell.angle_alpha_esd              ? 
_cell.angle_beta                   90.000 
_cell.angle_beta_esd               ? 
_cell.angle_gamma                  90.000 
_cell.angle_gamma_esd              ? 
_cell.entry_id                     7Z9W 
_cell.details                      ? 
_cell.formula_units_Z              ? 
_cell.length_a                     38.008 
_cell.length_a_esd                 ? 
_cell.length_b                     43.052 
_cell.length_b_esd                 ? 
_cell.length_c                     79.399 
_cell.length_c_esd                 ? 
_cell.volume                       ? 
_cell.volume_esd                   ? 
_cell.Z_PDB                        4 
_cell.reciprocal_angle_alpha       ? 
_cell.reciprocal_angle_beta        ? 
_cell.reciprocal_angle_gamma       ? 
_cell.reciprocal_angle_alpha_esd   ? 
_cell.reciprocal_angle_beta_esd    ? 
_cell.reciprocal_angle_gamma_esd   ? 
_cell.reciprocal_length_a          ? 
_cell.reciprocal_length_b          ? 
_cell.reciprocal_length_c          ? 
_cell.reciprocal_length_a_esd      ? 
_cell.reciprocal_length_b_esd      ? 
_cell.reciprocal_length_c_esd      ? 
_cell.pdbx_unique_axis             ? 
# 
_symmetry.entry_id                         7Z9W 
_symmetry.cell_setting                     ? 
_symmetry.Int_Tables_number                19 
_symmetry.space_group_name_Hall            ? 
_symmetry.space_group_name_H-M             'P 21 21 21' 
_symmetry.pdbx_full_space_group_name_H-M   ? 
# 
_exptl.absorpt_coefficient_mu     ? 
_exptl.absorpt_correction_T_max   ? 
_exptl.absorpt_correction_T_min   ? 
_exptl.absorpt_correction_type    ? 
_exptl.absorpt_process_details    ? 
_exptl.entry_id                   7Z9W 
_exptl.crystals_number            1 
_exptl.details                    ? 
_exptl.method                     'X-RAY DIFFRACTION' 
_exptl.method_details             ? 
# 
_exptl_crystal.colour                      ? 
_exptl_crystal.density_diffrn              ? 
_exptl_crystal.density_Matthews            2.12 
_exptl_crystal.density_method              ? 
_exptl_crystal.density_percent_sol         42.08 
_exptl_crystal.description                 ? 
_exptl_crystal.F_000                       ? 
_exptl_crystal.id                          1 
_exptl_crystal.preparation                 ? 
_exptl_crystal.size_max                    ? 
_exptl_crystal.size_mid                    ? 
_exptl_crystal.size_min                    ? 
_exptl_crystal.size_rad                    ? 
_exptl_crystal.colour_lustre               ? 
_exptl_crystal.colour_modifier             ? 
_exptl_crystal.colour_primary              ? 
_exptl_crystal.density_meas                ? 
_exptl_crystal.density_meas_esd            ? 
_exptl_crystal.density_meas_gt             ? 
_exptl_crystal.density_meas_lt             ? 
_exptl_crystal.density_meas_temp           ? 
_exptl_crystal.density_meas_temp_esd       ? 
_exptl_crystal.density_meas_temp_gt        ? 
_exptl_crystal.density_meas_temp_lt        ? 
_exptl_crystal.pdbx_crystal_image_url      ? 
_exptl_crystal.pdbx_crystal_image_format   ? 
_exptl_crystal.pdbx_mosaicity              ? 
_exptl_crystal.pdbx_mosaicity_esd          ? 
# 
_exptl_crystal_grow.apparatus       ? 
_exptl_crystal_grow.atmosphere      ? 
_exptl_crystal_grow.crystal_id      1 
_exptl_crystal_grow.details         ? 
_exptl_crystal_grow.method          'VAPOR DIFFUSION, SITTING DROP' 
_exptl_crystal_grow.method_ref      ? 
_exptl_crystal_grow.pH              8.5 
_exptl_crystal_grow.pressure        ? 
_exptl_crystal_grow.pressure_esd    ? 
_exptl_crystal_grow.seeding         ? 
_exptl_crystal_grow.seeding_ref     ? 
_exptl_crystal_grow.temp            293 
_exptl_crystal_grow.temp_details    ? 
_exptl_crystal_grow.temp_esd        ? 
_exptl_crystal_grow.time            ? 
_exptl_crystal_grow.pdbx_details    
;0.1 M Buffer system 3 (1 M Tris, 1 M BICINE, pH 8.5), 34-44% Precipitant Solution 3 (20% PEG 4000, 40%) and 60-80 mM Halogens Mix (NaF, NaBr and NaI) solution
;
_exptl_crystal_grow.pdbx_pH_range   ? 
# 
_diffrn.ambient_environment              ? 
_diffrn.ambient_temp                     100 
_diffrn.ambient_temp_details             ? 
_diffrn.ambient_temp_esd                 ? 
_diffrn.crystal_id                       1 
_diffrn.crystal_support                  ? 
_diffrn.crystal_treatment                ? 
_diffrn.details                          ? 
_diffrn.id                               1 
_diffrn.ambient_pressure                 ? 
_diffrn.ambient_pressure_esd             ? 
_diffrn.ambient_pressure_gt              ? 
_diffrn.ambient_pressure_lt              ? 
_diffrn.ambient_temp_gt                  ? 
_diffrn.ambient_temp_lt                  ? 
_diffrn.pdbx_serial_crystal_experiment   N 
# 
_diffrn_detector.details                      ? 
_diffrn_detector.detector                     PIXEL 
_diffrn_detector.diffrn_id                    1 
_diffrn_detector.type                         'DECTRIS PILATUS 6M' 
_diffrn_detector.area_resol_mean              ? 
_diffrn_detector.dtime                        ? 
_diffrn_detector.pdbx_frames_total            ? 
_diffrn_detector.pdbx_collection_time_total   ? 
_diffrn_detector.pdbx_collection_date         2019-08-04 
_diffrn_detector.pdbx_frequency               ? 
# 
_diffrn_radiation.collimation                      ? 
_diffrn_radiation.diffrn_id                        1 
_diffrn_radiation.filter_edge                      ? 
_diffrn_radiation.inhomogeneity                    ? 
_diffrn_radiation.monochromator                    ? 
_diffrn_radiation.polarisn_norm                    ? 
_diffrn_radiation.polarisn_ratio                   ? 
_diffrn_radiation.probe                            ? 
_diffrn_radiation.type                             ? 
_diffrn_radiation.xray_symbol                      ? 
_diffrn_radiation.wavelength_id                    1 
_diffrn_radiation.pdbx_monochromatic_or_laue_m_l   M 
_diffrn_radiation.pdbx_wavelength_list             ? 
_diffrn_radiation.pdbx_wavelength                  ? 
_diffrn_radiation.pdbx_diffrn_protocol             'SINGLE WAVELENGTH' 
_diffrn_radiation.pdbx_analyzer                    ? 
_diffrn_radiation.pdbx_scattering_type             x-ray 
# 
_diffrn_radiation_wavelength.id           1 
_diffrn_radiation_wavelength.wavelength   0.95397 
_diffrn_radiation_wavelength.wt           1.0 
# 
_diffrn_source.current                     ? 
_diffrn_source.details                     ? 
_diffrn_source.diffrn_id                   1 
_diffrn_source.power                       ? 
_diffrn_source.size                        ? 
_diffrn_source.source                      SYNCHROTRON 
_diffrn_source.target                      ? 
_diffrn_source.type                        'DIAMOND BEAMLINE I04-1' 
_diffrn_source.voltage                     ? 
_diffrn_source.take-off_angle              ? 
_diffrn_source.pdbx_wavelength_list        0.95397 
_diffrn_source.pdbx_wavelength             ? 
_diffrn_source.pdbx_synchrotron_beamline   I04-1 
_diffrn_source.pdbx_synchrotron_site       Diamond 
# 
_reflns.B_iso_Wilson_estimate                          ? 
_reflns.entry_id                                       7Z9W 
_reflns.data_reduction_details                         ? 
_reflns.data_reduction_method                          ? 
_reflns.d_resolution_high                              0.988 
_reflns.d_resolution_low                               39.731 
_reflns.details                                        ? 
_reflns.limit_h_max                                    ? 
_reflns.limit_h_min                                    ? 
_reflns.limit_k_max                                    ? 
_reflns.limit_k_min                                    ? 
_reflns.limit_l_max                                    ? 
_reflns.limit_l_min                                    ? 
_reflns.number_all                                     ? 
_reflns.number_obs                                     61691 
_reflns.observed_criterion                             ? 
_reflns.observed_criterion_F_max                       ? 
_reflns.observed_criterion_F_min                       ? 
_reflns.observed_criterion_I_max                       ? 
_reflns.observed_criterion_I_min                       ? 
_reflns.observed_criterion_sigma_F                     ? 
_reflns.observed_criterion_sigma_I                     ? 
_reflns.percent_possible_obs                           83.6 
_reflns.R_free_details                                 ? 
_reflns.Rmerge_F_all                                   ? 
_reflns.Rmerge_F_obs                                   ? 
_reflns.Friedel_coverage                               ? 
_reflns.number_gt                                      ? 
_reflns.threshold_expression                           ? 
_reflns.pdbx_redundancy                                5.5 
_reflns.pdbx_Rmerge_I_obs                              0.045 
_reflns.pdbx_Rmerge_I_all                              ? 
_reflns.pdbx_Rsym_value                                ? 
_reflns.pdbx_netI_over_av_sigmaI                       ? 
_reflns.pdbx_netI_over_sigmaI                          12.7 
_reflns.pdbx_res_netI_over_av_sigmaI_2                 ? 
_reflns.pdbx_res_netI_over_sigmaI_2                    ? 
_reflns.pdbx_chi_squared                               ? 
_reflns.pdbx_scaling_rejects                           ? 
_reflns.pdbx_d_res_high_opt                            ? 
_reflns.pdbx_d_res_low_opt                             ? 
_reflns.pdbx_d_res_opt_method                          ? 
_reflns.phase_calculation_details                      ? 
_reflns.pdbx_Rrim_I_all                                ? 
_reflns.pdbx_Rpim_I_all                                ? 
_reflns.pdbx_d_opt                                     ? 
_reflns.pdbx_number_measured_all                       ? 
_reflns.pdbx_diffrn_id                                 1 
_reflns.pdbx_ordinal                                   1 
_reflns.pdbx_CC_half                                   0.998 
_reflns.pdbx_CC_star                                   ? 
_reflns.pdbx_R_split                                   ? 
_reflns.pdbx_aniso_diffraction_limit_axis_1_ortho[1]   ? 
_reflns.pdbx_aniso_diffraction_limit_axis_1_ortho[2]   ? 
_reflns.pdbx_aniso_diffraction_limit_axis_1_ortho[3]   ? 
_reflns.pdbx_aniso_diffraction_limit_axis_2_ortho[1]   ? 
_reflns.pdbx_aniso_diffraction_limit_axis_2_ortho[2]   ? 
_reflns.pdbx_aniso_diffraction_limit_axis_2_ortho[3]   ? 
_reflns.pdbx_aniso_diffraction_limit_axis_3_ortho[1]   ? 
_reflns.pdbx_aniso_diffraction_limit_axis_3_ortho[2]   ? 
_reflns.pdbx_aniso_diffraction_limit_axis_3_ortho[3]   ? 
_reflns.pdbx_aniso_diffraction_limit_1                 ? 
_reflns.pdbx_aniso_diffraction_limit_2                 ? 
_reflns.pdbx_aniso_diffraction_limit_3                 ? 
_reflns.pdbx_aniso_B_tensor_eigenvector_1_ortho[1]     ? 
_reflns.pdbx_aniso_B_tensor_eigenvector_1_ortho[2]     ? 
_reflns.pdbx_aniso_B_tensor_eigenvector_1_ortho[3]     ? 
_reflns.pdbx_aniso_B_tensor_eigenvector_2_ortho[1]     ? 
_reflns.pdbx_aniso_B_tensor_eigenvector_2_ortho[2]     ? 
_reflns.pdbx_aniso_B_tensor_eigenvector_2_ortho[3]     ? 
_reflns.pdbx_aniso_B_tensor_eigenvector_3_ortho[1]     ? 
_reflns.pdbx_aniso_B_tensor_eigenvector_3_ortho[2]     ? 
_reflns.pdbx_aniso_B_tensor_eigenvector_3_ortho[3]     ? 
_reflns.pdbx_aniso_B_tensor_eigenvalue_1               ? 
_reflns.pdbx_aniso_B_tensor_eigenvalue_2               ? 
_reflns.pdbx_aniso_B_tensor_eigenvalue_3               ? 
_reflns.pdbx_orthogonalization_convention              ? 
_reflns.pdbx_percent_possible_ellipsoidal              ? 
_reflns.pdbx_percent_possible_spherical                ? 
_reflns.pdbx_percent_possible_ellipsoidal_anomalous    ? 
_reflns.pdbx_percent_possible_spherical_anomalous      ? 
_reflns.pdbx_redundancy_anomalous                      ? 
_reflns.pdbx_CC_half_anomalous                         ? 
_reflns.pdbx_absDiff_over_sigma_anomalous              ? 
_reflns.pdbx_percent_possible_anomalous                ? 
_reflns.pdbx_observed_signal_threshold                 ? 
_reflns.pdbx_signal_type                               ? 
_reflns.pdbx_signal_details                            ? 
_reflns.pdbx_signal_software_id                        ? 
# 
loop_
_reflns_shell.d_res_high 
_reflns_shell.d_res_low 
_reflns_shell.meanI_over_sigI_all 
_reflns_shell.meanI_over_sigI_obs 
_reflns_shell.number_measured_all 
_reflns_shell.number_measured_obs 
_reflns_shell.number_possible 
_reflns_shell.number_unique_all 
_reflns_shell.number_unique_obs 
_reflns_shell.percent_possible_all 
_reflns_shell.percent_possible_obs 
_reflns_shell.Rmerge_F_all 
_reflns_shell.Rmerge_F_obs 
_reflns_shell.Rmerge_I_all 
_reflns_shell.Rmerge_I_obs 
_reflns_shell.meanI_over_sigI_gt 
_reflns_shell.meanI_over_uI_all 
_reflns_shell.meanI_over_uI_gt 
_reflns_shell.number_measured_gt 
_reflns_shell.number_unique_gt 
_reflns_shell.percent_possible_gt 
_reflns_shell.Rmerge_F_gt 
_reflns_shell.Rmerge_I_gt 
_reflns_shell.pdbx_redundancy 
_reflns_shell.pdbx_Rsym_value 
_reflns_shell.pdbx_chi_squared 
_reflns_shell.pdbx_netI_over_sigmaI_all 
_reflns_shell.pdbx_netI_over_sigmaI_obs 
_reflns_shell.pdbx_Rrim_I_all 
_reflns_shell.pdbx_Rpim_I_all 
_reflns_shell.pdbx_rejects 
_reflns_shell.pdbx_ordinal 
_reflns_shell.pdbx_diffrn_id 
_reflns_shell.pdbx_CC_half 
_reflns_shell.pdbx_CC_star 
_reflns_shell.pdbx_R_split 
_reflns_shell.pdbx_percent_possible_ellipsoidal 
_reflns_shell.pdbx_percent_possible_spherical 
_reflns_shell.pdbx_percent_possible_ellipsoidal_anomalous 
_reflns_shell.pdbx_percent_possible_spherical_anomalous 
_reflns_shell.pdbx_redundancy_anomalous 
_reflns_shell.pdbx_CC_half_anomalous 
_reflns_shell.pdbx_absDiff_over_sigma_anomalous 
_reflns_shell.pdbx_percent_possible_anomalous 
5.32  37.70 ? ? ? ? ? ? 567 99.9 ? ? ? ? 0.061 ? ? ? ? ? ? ? ? 6.6 ? ? ? ? ? ? ? 1 1 0.99  ? ? ? ? ? ? ? ? ? ? 
0.988 1.01  ? ? ? ? ? ? 283 7.6  ? ? ? ? 0.75  ? ? ? ? ? ? ? ? 1.1 ? ? ? ? ? ? ? 2 1 0.404 ? ? ? ? ? ? ? ? ? ? 
# 
_refine.aniso_B[1][1]                            0.534 
_refine.aniso_B[1][2]                            0.000 
_refine.aniso_B[1][3]                            -0.000 
_refine.aniso_B[2][2]                            -0.457 
_refine.aniso_B[2][3]                            0.000 
_refine.aniso_B[3][3]                            -0.078 
_refine.B_iso_max                                ? 
_refine.B_iso_mean                               15.901 
_refine.B_iso_min                                ? 
_refine.correlation_coeff_Fo_to_Fc               0.964 
_refine.correlation_coeff_Fo_to_Fc_free          0.953 
_refine.details                                  'Hydrogens have been added in their riding positions' 
_refine.diff_density_max                         ? 
_refine.diff_density_max_esd                     ? 
_refine.diff_density_min                         ? 
_refine.diff_density_min_esd                     ? 
_refine.diff_density_rms                         ? 
_refine.diff_density_rms_esd                     ? 
_refine.entry_id                                 7Z9W 
_refine.pdbx_refine_id                           'X-RAY DIFFRACTION' 
_refine.ls_abs_structure_details                 ? 
_refine.ls_abs_structure_Flack                   ? 
_refine.ls_abs_structure_Flack_esd               ? 
_refine.ls_abs_structure_Rogers                  ? 
_refine.ls_abs_structure_Rogers_esd              ? 
_refine.ls_d_res_high                            0.988 
_refine.ls_d_res_low                             39.731 
_refine.ls_extinction_coef                       ? 
_refine.ls_extinction_coef_esd                   ? 
_refine.ls_extinction_expression                 ? 
_refine.ls_extinction_method                     ? 
_refine.ls_goodness_of_fit_all                   ? 
_refine.ls_goodness_of_fit_all_esd               ? 
_refine.ls_goodness_of_fit_obs                   ? 
_refine.ls_goodness_of_fit_obs_esd               ? 
_refine.ls_hydrogen_treatment                    ? 
_refine.ls_matrix_type                           ? 
_refine.ls_number_constraints                    ? 
_refine.ls_number_parameters                     ? 
_refine.ls_number_reflns_all                     ? 
_refine.ls_number_reflns_obs                     61616 
_refine.ls_number_reflns_R_free                  3101 
_refine.ls_number_reflns_R_work                  58515 
_refine.ls_number_restraints                     ? 
_refine.ls_percent_reflns_obs                    83.569 
_refine.ls_percent_reflns_R_free                 5.033 
_refine.ls_R_factor_all                          0.201 
_refine.ls_R_factor_obs                          ? 
_refine.ls_R_factor_R_free                       0.2205 
_refine.ls_R_factor_R_free_error                 ? 
_refine.ls_R_factor_R_free_error_details         ? 
_refine.ls_R_factor_R_work                       0.1994 
_refine.ls_R_Fsqd_factor_obs                     ? 
_refine.ls_R_I_factor_obs                        ? 
_refine.ls_redundancy_reflns_all                 ? 
_refine.ls_redundancy_reflns_obs                 ? 
_refine.ls_restrained_S_all                      ? 
_refine.ls_restrained_S_obs                      ? 
_refine.ls_shift_over_esd_max                    ? 
_refine.ls_shift_over_esd_mean                   ? 
_refine.ls_structure_factor_coef                 ? 
_refine.ls_weighting_details                     ? 
_refine.ls_weighting_scheme                      ? 
_refine.ls_wR_factor_all                         ? 
_refine.ls_wR_factor_obs                         ? 
_refine.ls_wR_factor_R_free                      ? 
_refine.ls_wR_factor_R_work                      ? 
_refine.occupancy_max                            ? 
_refine.occupancy_min                            ? 
_refine.solvent_model_details                    'MASK BULK SOLVENT' 
_refine.solvent_model_param_bsol                 ? 
_refine.solvent_model_param_ksol                 ? 
_refine.pdbx_R_complete                          ? 
_refine.ls_R_factor_gt                           ? 
_refine.ls_goodness_of_fit_gt                    ? 
_refine.ls_goodness_of_fit_ref                   ? 
_refine.ls_shift_over_su_max                     ? 
_refine.ls_shift_over_su_max_lt                  ? 
_refine.ls_shift_over_su_mean                    ? 
_refine.ls_shift_over_su_mean_lt                 ? 
_refine.pdbx_ls_sigma_I                          ? 
_refine.pdbx_ls_sigma_F                          ? 
_refine.pdbx_ls_sigma_Fsqd                       ? 
_refine.pdbx_data_cutoff_high_absF               ? 
_refine.pdbx_data_cutoff_high_rms_absF           ? 
_refine.pdbx_data_cutoff_low_absF                ? 
_refine.pdbx_isotropic_thermal_model             ? 
_refine.pdbx_ls_cross_valid_method               'FREE R-VALUE' 
_refine.pdbx_method_to_determine_struct          'MOLECULAR REPLACEMENT' 
_refine.pdbx_starting_model                      5LRQ 
_refine.pdbx_stereochemistry_target_values       ? 
_refine.pdbx_R_Free_selection_details            ? 
_refine.pdbx_stereochem_target_val_spec_case     ? 
_refine.pdbx_overall_ESU_R                       0.033 
_refine.pdbx_overall_ESU_R_Free                  0.035 
_refine.pdbx_solvent_vdw_probe_radii             1.200 
_refine.pdbx_solvent_ion_probe_radii             0.800 
_refine.pdbx_solvent_shrinkage_radii             0.800 
_refine.pdbx_real_space_R                        ? 
_refine.pdbx_density_correlation                 ? 
_refine.pdbx_pd_number_of_powder_patterns        ? 
_refine.pdbx_pd_number_of_points                 ? 
_refine.pdbx_pd_meas_number_of_points            ? 
_refine.pdbx_pd_proc_ls_prof_R_factor            ? 
_refine.pdbx_pd_proc_ls_prof_wR_factor           ? 
_refine.pdbx_pd_Marquardt_correlation_coeff      ? 
_refine.pdbx_pd_Fsqrd_R_factor                   ? 
_refine.pdbx_pd_ls_matrix_band_width             ? 
_refine.pdbx_overall_phase_error                 ? 
_refine.pdbx_overall_SU_R_free_Cruickshank_DPI   ? 
_refine.pdbx_overall_SU_R_free_Blow_DPI          ? 
_refine.pdbx_overall_SU_R_Blow_DPI               ? 
_refine.pdbx_TLS_residual_ADP_flag               ? 
_refine.pdbx_diffrn_id                           1 
_refine.overall_SU_B                             0.520 
_refine.overall_SU_ML                            0.026 
_refine.overall_SU_R_Cruickshank_DPI             ? 
_refine.overall_SU_R_free                        ? 
_refine.overall_FOM_free_R_set                   ? 
_refine.overall_FOM_work_R_set                   ? 
_refine.pdbx_average_fsc_overall                 ? 
_refine.pdbx_average_fsc_work                    ? 
_refine.pdbx_average_fsc_free                    ? 
# 
_refine_hist.pdbx_refine_id                   'X-RAY DIFFRACTION' 
_refine_hist.cycle_id                         LAST 
_refine_hist.pdbx_number_atoms_protein        1076 
_refine_hist.pdbx_number_atoms_nucleic_acid   0 
_refine_hist.pdbx_number_atoms_ligand         18 
_refine_hist.number_atoms_solvent             174 
_refine_hist.number_atoms_total               1268 
_refine_hist.d_res_high                       0.988 
_refine_hist.d_res_low                        39.731 
# 
loop_
_refine_ls_restr.pdbx_refine_id 
_refine_ls_restr.criterion 
_refine_ls_restr.dev_ideal 
_refine_ls_restr.dev_ideal_target 
_refine_ls_restr.number 
_refine_ls_restr.rejects 
_refine_ls_restr.type 
_refine_ls_restr.weight 
_refine_ls_restr.pdbx_restraint_function 
'X-RAY DIFFRACTION' ? 0.011  0.012  1146 ? r_bond_refined_d               ? ? 
'X-RAY DIFFRACTION' ? 1.823  1.655  1560 ? r_angle_refined_deg            ? ? 
'X-RAY DIFFRACTION' ? 5.682  5.000  134  ? r_dihedral_angle_1_deg         ? ? 
'X-RAY DIFFRACTION' ? 37.523 25.000 58   ? r_dihedral_angle_2_deg         ? ? 
'X-RAY DIFFRACTION' ? 12.012 15.000 203  ? r_dihedral_angle_3_deg         ? ? 
'X-RAY DIFFRACTION' ? 31.793 15.000 3    ? r_dihedral_angle_4_deg         ? ? 
'X-RAY DIFFRACTION' ? 0.098  0.200  147  ? r_chiral_restr                 ? ? 
'X-RAY DIFFRACTION' ? 0.012  0.020  885  ? r_gen_planes_refined           ? ? 
'X-RAY DIFFRACTION' ? 0.254  0.200  572  ? r_nbd_refined                  ? ? 
'X-RAY DIFFRACTION' ? 0.322  0.200  789  ? r_nbtor_refined                ? ? 
'X-RAY DIFFRACTION' ? 0.202  0.200  113  ? r_xyhbond_nbd_refined          ? ? 
'X-RAY DIFFRACTION' ? 0.222  0.200  41   ? r_symmetry_nbd_refined         ? ? 
'X-RAY DIFFRACTION' ? 0.429  0.200  28   ? r_symmetry_xyhbond_nbd_refined ? ? 
'X-RAY DIFFRACTION' ? 1.353  1.196  527  ? r_mcbond_it                    ? ? 
'X-RAY DIFFRACTION' ? 1.912  1.798  661  ? r_mcangle_it                   ? ? 
'X-RAY DIFFRACTION' ? 2.517  1.492  619  ? r_scbond_it                    ? ? 
'X-RAY DIFFRACTION' ? 3.612  2.137  898  ? r_scangle_it                   ? ? 
'X-RAY DIFFRACTION' ? 5.215  18.825 1871 ? r_lrange_it                    ? ? 
# 
loop_
_refine_ls_shell.pdbx_refine_id 
_refine_ls_shell.d_res_high 
_refine_ls_shell.d_res_low 
_refine_ls_shell.number_reflns_all 
_refine_ls_shell.number_reflns_obs 
_refine_ls_shell.number_reflns_R_free 
_refine_ls_shell.number_reflns_R_work 
_refine_ls_shell.percent_reflns_obs 
_refine_ls_shell.percent_reflns_R_free 
_refine_ls_shell.R_factor_all 
_refine_ls_shell.R_factor_obs 
_refine_ls_shell.R_factor_R_free 
_refine_ls_shell.R_factor_R_free_error 
_refine_ls_shell.R_factor_R_work 
_refine_ls_shell.redundancy_reflns_all 
_refine_ls_shell.redundancy_reflns_obs 
_refine_ls_shell.wR_factor_all 
_refine_ls_shell.wR_factor_obs 
_refine_ls_shell.wR_factor_R_free 
_refine_ls_shell.wR_factor_R_work 
_refine_ls_shell.pdbx_R_complete 
_refine_ls_shell.pdbx_total_number_of_bins_used 
_refine_ls_shell.pdbx_phase_error 
_refine_ls_shell.pdbx_fsc_work 
_refine_ls_shell.pdbx_fsc_free 
'X-RAY DIFFRACTION' 0.988 1.014  . . 25  576  11.1565  . . . 0.312 . 0.341 . . . . . . . . . . . 
'X-RAY DIFFRACTION' 1.014 1.042  . . 93  1809 36.0842  . . . 0.323 . 0.347 . . . . . . . . . . . 
'X-RAY DIFFRACTION' 1.042 1.072  . . 158 2823 58.5658  . . . 0.308 . 0.320 . . . . . . . . . . . 
'X-RAY DIFFRACTION' 1.072 1.105  . . 166 3666 76.7167  . . . 0.253 . 0.282 . . . . . . . . . . . 
'X-RAY DIFFRACTION' 1.105 1.141  . . 213 4127 90.7380  . . . 0.253 . 0.243 . . . . . . . . . . . 
'X-RAY DIFFRACTION' 1.141 1.181  . . 236 4302 97.1526  . . . 0.219 . 0.226 . . . . . . . . . . . 
'X-RAY DIFFRACTION' 1.181 1.226  . . 250 4203 98.4524  . . . 0.228 . 0.211 . . . . . . . . . . . 
'X-RAY DIFFRACTION' 1.226 1.276  . . 219 4092 99.5612  . . . 0.216 . 0.206 . . . . . . . . . . . 
'X-RAY DIFFRACTION' 1.276 1.332  . . 190 3939 99.8549  . . . 0.196 . 0.192 . . . . . . . . . . . 
'X-RAY DIFFRACTION' 1.332 1.397  . . 217 3803 99.9254  . . . 0.214 . 0.188 . . . . . . . . . . . 
'X-RAY DIFFRACTION' 1.397 1.473  . . 186 3615 100.0000 . . . 0.220 . 0.180 . . . . . . . . . . . 
'X-RAY DIFFRACTION' 1.473 1.562  . . 169 3442 100.0000 . . . 0.201 . 0.181 . . . . . . . . . . . 
'X-RAY DIFFRACTION' 1.562 1.670  . . 172 3207 100.0000 . . . 0.186 . 0.173 . . . . . . . . . . . 
'X-RAY DIFFRACTION' 1.670 1.804  . . 146 3047 100.0000 . . . 0.224 . 0.188 . . . . . . . . . . . 
'X-RAY DIFFRACTION' 1.804 1.976  . . 150 2767 99.9657  . . . 0.225 . 0.187 . . . . . . . . . . . 
'X-RAY DIFFRACTION' 1.976 2.209  . . 145 2530 100.0000 . . . 0.220 . 0.194 . . . . . . . . . . . 
'X-RAY DIFFRACTION' 2.209 2.550  . . 120 2243 100.0000 . . . 0.198 . 0.193 . . . . . . . . . . . 
'X-RAY DIFFRACTION' 2.550 3.123  . . 128 1895 99.9506  . . . 0.205 . 0.200 . . . . . . . . . . . 
'X-RAY DIFFRACTION' 3.123 4.413  . . 66  1543 100.0000 . . . 0.217 . 0.178 . . . . . . . . . . . 
'X-RAY DIFFRACTION' 4.413 39.731 . . 52  886  100.0000 . . . 0.290 . 0.255 . . . . . . . . . . . 
# 
_struct.entry_id                     7Z9W 
_struct.title                        'BRD4 in complex with FragLite1' 
_struct.pdbx_model_details           ? 
_struct.pdbx_formula_weight          ? 
_struct.pdbx_formula_weight_method   ? 
_struct.pdbx_model_type_details      ? 
_struct.pdbx_CASP_flag               N 
# 
_struct_keywords.entry_id        7Z9W 
_struct_keywords.text            'ATAD2, INHIBITOR, FRAGMENT, BROMODOMAIN, FRAGLITE, TRANSCRIPTION' 
_struct_keywords.pdbx_keywords   TRANSCRIPTION 
# 
loop_
_struct_asym.id 
_struct_asym.pdbx_blank_PDB_chainid_flag 
_struct_asym.pdbx_modified 
_struct_asym.entity_id 
_struct_asym.details 
A N N 1 ? 
B N N 2 ? 
C N N 2 ? 
D N N 3 ? 
E N N 4 ? 
# 
_struct_ref.id                         1 
_struct_ref.db_name                    UNP 
_struct_ref.db_code                    BRD4-2_HUMAN 
_struct_ref.pdbx_db_accession          O60885-2 
_struct_ref.pdbx_db_isoform            ? 
_struct_ref.entity_id                  1 
_struct_ref.pdbx_seq_one_letter_code   
;NPPPPETSNPNKPKRQTNQLQYLLRVVLKTLWKHQFAWPFQQPVDAVKLNLPDYYKIIKTPMDMGTIKKRLENNYYWNAQ
ECIQDFNTMFTNCYIYNKPGDDIVLMAEALEKLFLQKINELPTEE
;
_struct_ref.pdbx_align_begin           44 
# 
_struct_ref_seq.align_id                      1 
_struct_ref_seq.ref_id                        1 
_struct_ref_seq.pdbx_PDB_id_code              7Z9W 
_struct_ref_seq.pdbx_strand_id                AAA 
_struct_ref_seq.seq_align_beg                 5 
_struct_ref_seq.pdbx_seq_align_beg_ins_code   ? 
_struct_ref_seq.seq_align_end                 129 
_struct_ref_seq.pdbx_seq_align_end_ins_code   ? 
_struct_ref_seq.pdbx_db_accession             O60885-2 
_struct_ref_seq.db_align_beg                  44 
_struct_ref_seq.pdbx_db_align_beg_ins_code    ? 
_struct_ref_seq.db_align_end                  168 
_struct_ref_seq.pdbx_db_align_end_ins_code    ? 
_struct_ref_seq.pdbx_auth_seq_align_beg       44 
_struct_ref_seq.pdbx_auth_seq_align_end       168 
# 
loop_
_struct_ref_seq_dif.align_id 
_struct_ref_seq_dif.pdbx_pdb_id_code 
_struct_ref_seq_dif.mon_id 
_struct_ref_seq_dif.pdbx_pdb_strand_id 
_struct_ref_seq_dif.seq_num 
_struct_ref_seq_dif.pdbx_pdb_ins_code 
_struct_ref_seq_dif.pdbx_seq_db_name 
_struct_ref_seq_dif.pdbx_seq_db_accession_code 
_struct_ref_seq_dif.db_mon_id 
_struct_ref_seq_dif.pdbx_seq_db_seq_num 
_struct_ref_seq_dif.details 
_struct_ref_seq_dif.pdbx_auth_seq_num 
_struct_ref_seq_dif.pdbx_ordinal 
1 7Z9W GLY AAA 1 ? UNP O60885-2 ? ? 'expression tag' 40 1 
1 7Z9W SER AAA 2 ? UNP O60885-2 ? ? 'expression tag' 41 2 
1 7Z9W HIS AAA 3 ? UNP O60885-2 ? ? 'expression tag' 42 3 
1 7Z9W MET AAA 4 ? UNP O60885-2 ? ? 'expression tag' 43 4 
# 
_pdbx_struct_assembly.id                   1 
_pdbx_struct_assembly.details              author_defined_assembly 
_pdbx_struct_assembly.method_details       ? 
_pdbx_struct_assembly.oligomeric_details   monomeric 
_pdbx_struct_assembly.oligomeric_count     1 
# 
_pdbx_struct_assembly_gen.assembly_id       1 
_pdbx_struct_assembly_gen.oper_expression   1 
_pdbx_struct_assembly_gen.asym_id_list      A,B,C,D,E 
# 
_pdbx_struct_assembly_auth_evidence.id                     1 
_pdbx_struct_assembly_auth_evidence.assembly_id            1 
_pdbx_struct_assembly_auth_evidence.experimental_support   'gel filtration' 
_pdbx_struct_assembly_auth_evidence.details                ? 
# 
_pdbx_struct_oper_list.id                   1 
_pdbx_struct_oper_list.type                 'identity operation' 
_pdbx_struct_oper_list.name                 1_555 
_pdbx_struct_oper_list.symmetry_operation   x,y,z 
_pdbx_struct_oper_list.matrix[1][1]         1.0000000000 
_pdbx_struct_oper_list.matrix[1][2]         0.0000000000 
_pdbx_struct_oper_list.matrix[1][3]         0.0000000000 
_pdbx_struct_oper_list.vector[1]            0.0000000000 
_pdbx_struct_oper_list.matrix[2][1]         0.0000000000 
_pdbx_struct_oper_list.matrix[2][2]         1.0000000000 
_pdbx_struct_oper_list.matrix[2][3]         0.0000000000 
_pdbx_struct_oper_list.vector[2]            0.0000000000 
_pdbx_struct_oper_list.matrix[3][1]         0.0000000000 
_pdbx_struct_oper_list.matrix[3][2]         0.0000000000 
_pdbx_struct_oper_list.matrix[3][3]         1.0000000000 
_pdbx_struct_oper_list.vector[3]            0.0000000000 
# 
loop_
_struct_conf.conf_type_id 
_struct_conf.id 
_struct_conf.pdbx_PDB_helix_id 
_struct_conf.beg_label_comp_id 
_struct_conf.beg_label_asym_id 
_struct_conf.beg_label_seq_id 
_struct_conf.pdbx_beg_PDB_ins_code 
_struct_conf.end_label_comp_id 
_struct_conf.end_label_asym_id 
_struct_conf.end_label_seq_id 
_struct_conf.pdbx_end_PDB_ins_code 
_struct_conf.beg_auth_comp_id 
_struct_conf.beg_auth_asym_id 
_struct_conf.beg_auth_seq_id 
_struct_conf.end_auth_comp_id 
_struct_conf.end_auth_asym_id 
_struct_conf.end_auth_seq_id 
_struct_conf.pdbx_PDB_helix_class 
_struct_conf.details 
_struct_conf.pdbx_PDB_helix_length 
HELX_P HELX_P1 AA1 THR A 21  ? VAL A 30  ? THR AAA 60  VAL AAA 69  1 ? 10 
HELX_P HELX_P2 AA2 VAL A 30  ? LYS A 37  ? VAL AAA 69  LYS AAA 76  1 ? 8  
HELX_P HELX_P3 AA3 ALA A 41  ? GLN A 45  ? ALA AAA 80  GLN AAA 84  5 ? 5  
HELX_P HELX_P4 AA4 ASP A 57  ? ILE A 62  ? ASP AAA 96  ILE AAA 101 1 ? 6  
HELX_P HELX_P5 AA5 ASP A 67  ? ASN A 77  ? ASP AAA 106 ASN AAA 116 1 ? 11 
HELX_P HELX_P6 AA6 ASN A 82  ? ASN A 101 ? ASN AAA 121 ASN AAA 140 1 ? 20 
HELX_P HELX_P7 AA7 ASP A 105 ? GLU A 124 ? ASP AAA 144 GLU AAA 163 1 ? 20 
# 
_struct_conf_type.id          HELX_P 
_struct_conf_type.criteria    ? 
_struct_conf_type.reference   ? 
# 
loop_
_pdbx_validate_close_contact.id 
_pdbx_validate_close_contact.PDB_model_num 
_pdbx_validate_close_contact.auth_atom_id_1 
_pdbx_validate_close_contact.auth_asym_id_1 
_pdbx_validate_close_contact.auth_comp_id_1 
_pdbx_validate_close_contact.auth_seq_id_1 
_pdbx_validate_close_contact.PDB_ins_code_1 
_pdbx_validate_close_contact.label_alt_id_1 
_pdbx_validate_close_contact.auth_atom_id_2 
_pdbx_validate_close_contact.auth_asym_id_2 
_pdbx_validate_close_contact.auth_comp_id_2 
_pdbx_validate_close_contact.auth_seq_id_2 
_pdbx_validate_close_contact.PDB_ins_code_2 
_pdbx_validate_close_contact.label_alt_id_2 
_pdbx_validate_close_contact.dist 
1 1 O   AAA HOH 445 ? ? O AAA HOH 447 ? ? 1.00 
2 1 OD1 AAA ASN 130 ? ? O AAA HOH 301 ? ? 1.96 
3 1 CA  AAA GLY 143 ? ? O AAA HOH 308 ? ? 2.02 
4 1 NZ  AAA LYS 76  ? ? O AAA HOH 302 ? ? 2.07 
5 1 O   AAA HOH 320 ? ? O AAA HOH 357 ? ? 2.10 
6 1 O   AAA HOH 301 ? ? O AAA HOH 335 ? ? 2.12 
7 1 O   AAA HOH 320 ? ? O AAA HOH 361 ? ? 2.18 
# 
_pdbx_validate_symm_contact.id                1 
_pdbx_validate_symm_contact.PDB_model_num     1 
_pdbx_validate_symm_contact.auth_atom_id_1    O 
_pdbx_validate_symm_contact.auth_asym_id_1    AAA 
_pdbx_validate_symm_contact.auth_comp_id_1    HOH 
_pdbx_validate_symm_contact.auth_seq_id_1     447 
_pdbx_validate_symm_contact.PDB_ins_code_1    ? 
_pdbx_validate_symm_contact.label_alt_id_1    ? 
_pdbx_validate_symm_contact.site_symmetry_1   1_555 
_pdbx_validate_symm_contact.auth_atom_id_2    O 
_pdbx_validate_symm_contact.auth_asym_id_2    AAA 
_pdbx_validate_symm_contact.auth_comp_id_2    HOH 
_pdbx_validate_symm_contact.auth_seq_id_2     459 
_pdbx_validate_symm_contact.PDB_ins_code_2    ? 
_pdbx_validate_symm_contact.label_alt_id_2    ? 
_pdbx_validate_symm_contact.site_symmetry_2   4_455 
_pdbx_validate_symm_contact.dist              2.09 
# 
loop_
_pdbx_validate_torsion.id 
_pdbx_validate_torsion.PDB_model_num 
_pdbx_validate_torsion.auth_comp_id 
_pdbx_validate_torsion.auth_asym_id 
_pdbx_validate_torsion.auth_seq_id 
_pdbx_validate_torsion.PDB_ins_code 
_pdbx_validate_torsion.label_alt_id 
_pdbx_validate_torsion.phi 
_pdbx_validate_torsion.psi 
1 1 ASN AAA 52  ? ? -165.76 103.93 
2 1 ASN AAA 117 ? ? 36.97   70.52  
# 
_pdbx_entry_details.entry_id                 7Z9W 
_pdbx_entry_details.has_ligand_of_interest   Y 
_pdbx_entry_details.compound_details         ? 
_pdbx_entry_details.source_details           ? 
_pdbx_entry_details.nonpolymer_details       ? 
_pdbx_entry_details.sequence_details         ? 
# 
loop_
_chem_comp_atom.comp_id 
_chem_comp_atom.atom_id 
_chem_comp_atom.type_symbol 
_chem_comp_atom.pdbx_aromatic_flag 
_chem_comp_atom.pdbx_stereo_config 
_chem_comp_atom.pdbx_ordinal 
ALA N    N  N N 1   
ALA CA   C  N S 2   
ALA C    C  N N 3   
ALA O    O  N N 4   
ALA CB   C  N N 5   
ALA OXT  O  N N 6   
ALA H    H  N N 7   
ALA H2   H  N N 8   
ALA HA   H  N N 9   
ALA HB1  H  N N 10  
ALA HB2  H  N N 11  
ALA HB3  H  N N 12  
ALA HXT  H  N N 13  
ARG N    N  N N 14  
ARG CA   C  N S 15  
ARG C    C  N N 16  
ARG O    O  N N 17  
ARG CB   C  N N 18  
ARG CG   C  N N 19  
ARG CD   C  N N 20  
ARG NE   N  N N 21  
ARG CZ   C  N N 22  
ARG NH1  N  N N 23  
ARG NH2  N  N N 24  
ARG OXT  O  N N 25  
ARG H    H  N N 26  
ARG H2   H  N N 27  
ARG HA   H  N N 28  
ARG HB2  H  N N 29  
ARG HB3  H  N N 30  
ARG HG2  H  N N 31  
ARG HG3  H  N N 32  
ARG HD2  H  N N 33  
ARG HD3  H  N N 34  
ARG HE   H  N N 35  
ARG HH11 H  N N 36  
ARG HH12 H  N N 37  
ARG HH21 H  N N 38  
ARG HH22 H  N N 39  
ARG HXT  H  N N 40  
ASN N    N  N N 41  
ASN CA   C  N S 42  
ASN C    C  N N 43  
ASN O    O  N N 44  
ASN CB   C  N N 45  
ASN CG   C  N N 46  
ASN OD1  O  N N 47  
ASN ND2  N  N N 48  
ASN OXT  O  N N 49  
ASN H    H  N N 50  
ASN H2   H  N N 51  
ASN HA   H  N N 52  
ASN HB2  H  N N 53  
ASN HB3  H  N N 54  
ASN HD21 H  N N 55  
ASN HD22 H  N N 56  
ASN HXT  H  N N 57  
ASP N    N  N N 58  
ASP CA   C  N S 59  
ASP C    C  N N 60  
ASP O    O  N N 61  
ASP CB   C  N N 62  
ASP CG   C  N N 63  
ASP OD1  O  N N 64  
ASP OD2  O  N N 65  
ASP OXT  O  N N 66  
ASP H    H  N N 67  
ASP H2   H  N N 68  
ASP HA   H  N N 69  
ASP HB2  H  N N 70  
ASP HB3  H  N N 71  
ASP HD2  H  N N 72  
ASP HXT  H  N N 73  
BYZ BR4  BR N N 74  
BYZ C4   C  Y N 75  
BYZ C5   C  Y N 76  
BYZ N1   N  Y N 77  
BYZ N2   N  Y N 78  
BYZ C3   C  Y N 79  
BYZ H1   H  N N 80  
BYZ H2   H  N N 81  
BYZ H3   H  N N 82  
CYS N    N  N N 83  
CYS CA   C  N R 84  
CYS C    C  N N 85  
CYS O    O  N N 86  
CYS CB   C  N N 87  
CYS SG   S  N N 88  
CYS OXT  O  N N 89  
CYS H    H  N N 90  
CYS H2   H  N N 91  
CYS HA   H  N N 92  
CYS HB2  H  N N 93  
CYS HB3  H  N N 94  
CYS HG   H  N N 95  
CYS HXT  H  N N 96  
GLN N    N  N N 97  
GLN CA   C  N S 98  
GLN C    C  N N 99  
GLN O    O  N N 100 
GLN CB   C  N N 101 
GLN CG   C  N N 102 
GLN CD   C  N N 103 
GLN OE1  O  N N 104 
GLN NE2  N  N N 105 
GLN OXT  O  N N 106 
GLN H    H  N N 107 
GLN H2   H  N N 108 
GLN HA   H  N N 109 
GLN HB2  H  N N 110 
GLN HB3  H  N N 111 
GLN HG2  H  N N 112 
GLN HG3  H  N N 113 
GLN HE21 H  N N 114 
GLN HE22 H  N N 115 
GLN HXT  H  N N 116 
GLU N    N  N N 117 
GLU CA   C  N S 118 
GLU C    C  N N 119 
GLU O    O  N N 120 
GLU CB   C  N N 121 
GLU CG   C  N N 122 
GLU CD   C  N N 123 
GLU OE1  O  N N 124 
GLU OE2  O  N N 125 
GLU OXT  O  N N 126 
GLU H    H  N N 127 
GLU H2   H  N N 128 
GLU HA   H  N N 129 
GLU HB2  H  N N 130 
GLU HB3  H  N N 131 
GLU HG2  H  N N 132 
GLU HG3  H  N N 133 
GLU HE2  H  N N 134 
GLU HXT  H  N N 135 
GLY N    N  N N 136 
GLY CA   C  N N 137 
GLY C    C  N N 138 
GLY O    O  N N 139 
GLY OXT  O  N N 140 
GLY H    H  N N 141 
GLY H2   H  N N 142 
GLY HA2  H  N N 143 
GLY HA3  H  N N 144 
GLY HXT  H  N N 145 
GOL C1   C  N N 146 
GOL O1   O  N N 147 
GOL C2   C  N N 148 
GOL O2   O  N N 149 
GOL C3   C  N N 150 
GOL O3   O  N N 151 
GOL H11  H  N N 152 
GOL H12  H  N N 153 
GOL HO1  H  N N 154 
GOL H2   H  N N 155 
GOL HO2  H  N N 156 
GOL H31  H  N N 157 
GOL H32  H  N N 158 
GOL HO3  H  N N 159 
HIS N    N  N N 160 
HIS CA   C  N S 161 
HIS C    C  N N 162 
HIS O    O  N N 163 
HIS CB   C  N N 164 
HIS CG   C  Y N 165 
HIS ND1  N  Y N 166 
HIS CD2  C  Y N 167 
HIS CE1  C  Y N 168 
HIS NE2  N  Y N 169 
HIS OXT  O  N N 170 
HIS H    H  N N 171 
HIS H2   H  N N 172 
HIS HA   H  N N 173 
HIS HB2  H  N N 174 
HIS HB3  H  N N 175 
HIS HD1  H  N N 176 
HIS HD2  H  N N 177 
HIS HE1  H  N N 178 
HIS HE2  H  N N 179 
HIS HXT  H  N N 180 
HOH O    O  N N 181 
HOH H1   H  N N 182 
HOH H2   H  N N 183 
ILE N    N  N N 184 
ILE CA   C  N S 185 
ILE C    C  N N 186 
ILE O    O  N N 187 
ILE CB   C  N S 188 
ILE CG1  C  N N 189 
ILE CG2  C  N N 190 
ILE CD1  C  N N 191 
ILE OXT  O  N N 192 
ILE H    H  N N 193 
ILE H2   H  N N 194 
ILE HA   H  N N 195 
ILE HB   H  N N 196 
ILE HG12 H  N N 197 
ILE HG13 H  N N 198 
ILE HG21 H  N N 199 
ILE HG22 H  N N 200 
ILE HG23 H  N N 201 
ILE HD11 H  N N 202 
ILE HD12 H  N N 203 
ILE HD13 H  N N 204 
ILE HXT  H  N N 205 
LEU N    N  N N 206 
LEU CA   C  N S 207 
LEU C    C  N N 208 
LEU O    O  N N 209 
LEU CB   C  N N 210 
LEU CG   C  N N 211 
LEU CD1  C  N N 212 
LEU CD2  C  N N 213 
LEU OXT  O  N N 214 
LEU H    H  N N 215 
LEU H2   H  N N 216 
LEU HA   H  N N 217 
LEU HB2  H  N N 218 
LEU HB3  H  N N 219 
LEU HG   H  N N 220 
LEU HD11 H  N N 221 
LEU HD12 H  N N 222 
LEU HD13 H  N N 223 
LEU HD21 H  N N 224 
LEU HD22 H  N N 225 
LEU HD23 H  N N 226 
LEU HXT  H  N N 227 
LYS N    N  N N 228 
LYS CA   C  N S 229 
LYS C    C  N N 230 
LYS O    O  N N 231 
LYS CB   C  N N 232 
LYS CG   C  N N 233 
LYS CD   C  N N 234 
LYS CE   C  N N 235 
LYS NZ   N  N N 236 
LYS OXT  O  N N 237 
LYS H    H  N N 238 
LYS H2   H  N N 239 
LYS HA   H  N N 240 
LYS HB2  H  N N 241 
LYS HB3  H  N N 242 
LYS HG2  H  N N 243 
LYS HG3  H  N N 244 
LYS HD2  H  N N 245 
LYS HD3  H  N N 246 
LYS HE2  H  N N 247 
LYS HE3  H  N N 248 
LYS HZ1  H  N N 249 
LYS HZ2  H  N N 250 
LYS HZ3  H  N N 251 
LYS HXT  H  N N 252 
MET N    N  N N 253 
MET CA   C  N S 254 
MET C    C  N N 255 
MET O    O  N N 256 
MET CB   C  N N 257 
MET CG   C  N N 258 
MET SD   S  N N 259 
MET CE   C  N N 260 
MET OXT  O  N N 261 
MET H    H  N N 262 
MET H2   H  N N 263 
MET HA   H  N N 264 
MET HB2  H  N N 265 
MET HB3  H  N N 266 
MET HG2  H  N N 267 
MET HG3  H  N N 268 
MET HE1  H  N N 269 
MET HE2  H  N N 270 
MET HE3  H  N N 271 
MET HXT  H  N N 272 
PHE N    N  N N 273 
PHE CA   C  N S 274 
PHE C    C  N N 275 
PHE O    O  N N 276 
PHE CB   C  N N 277 
PHE CG   C  Y N 278 
PHE CD1  C  Y N 279 
PHE CD2  C  Y N 280 
PHE CE1  C  Y N 281 
PHE CE2  C  Y N 282 
PHE CZ   C  Y N 283 
PHE OXT  O  N N 284 
PHE H    H  N N 285 
PHE H2   H  N N 286 
PHE HA   H  N N 287 
PHE HB2  H  N N 288 
PHE HB3  H  N N 289 
PHE HD1  H  N N 290 
PHE HD2  H  N N 291 
PHE HE1  H  N N 292 
PHE HE2  H  N N 293 
PHE HZ   H  N N 294 
PHE HXT  H  N N 295 
PRO N    N  N N 296 
PRO CA   C  N S 297 
PRO C    C  N N 298 
PRO O    O  N N 299 
PRO CB   C  N N 300 
PRO CG   C  N N 301 
PRO CD   C  N N 302 
PRO OXT  O  N N 303 
PRO H    H  N N 304 
PRO HA   H  N N 305 
PRO HB2  H  N N 306 
PRO HB3  H  N N 307 
PRO HG2  H  N N 308 
PRO HG3  H  N N 309 
PRO HD2  H  N N 310 
PRO HD3  H  N N 311 
PRO HXT  H  N N 312 
SER N    N  N N 313 
SER CA   C  N S 314 
SER C    C  N N 315 
SER O    O  N N 316 
SER CB   C  N N 317 
SER OG   O  N N 318 
SER OXT  O  N N 319 
SER H    H  N N 320 
SER H2   H  N N 321 
SER HA   H  N N 322 
SER HB2  H  N N 323 
SER HB3  H  N N 324 
SER HG   H  N N 325 
SER HXT  H  N N 326 
THR N    N  N N 327 
THR CA   C  N S 328 
THR C    C  N N 329 
THR O    O  N N 330 
THR CB   C  N R 331 
THR OG1  O  N N 332 
THR CG2  C  N N 333 
THR OXT  O  N N 334 
THR H    H  N N 335 
THR H2   H  N N 336 
THR HA   H  N N 337 
THR HB   H  N N 338 
THR HG1  H  N N 339 
THR HG21 H  N N 340 
THR HG22 H  N N 341 
THR HG23 H  N N 342 
THR HXT  H  N N 343 
TRP N    N  N N 344 
TRP CA   C  N S 345 
TRP C    C  N N 346 
TRP O    O  N N 347 
TRP CB   C  N N 348 
TRP CG   C  Y N 349 
TRP CD1  C  Y N 350 
TRP CD2  C  Y N 351 
TRP NE1  N  Y N 352 
TRP CE2  C  Y N 353 
TRP CE3  C  Y N 354 
TRP CZ2  C  Y N 355 
TRP CZ3  C  Y N 356 
TRP CH2  C  Y N 357 
TRP OXT  O  N N 358 
TRP H    H  N N 359 
TRP H2   H  N N 360 
TRP HA   H  N N 361 
TRP HB2  H  N N 362 
TRP HB3  H  N N 363 
TRP HD1  H  N N 364 
TRP HE1  H  N N 365 
TRP HE3  H  N N 366 
TRP HZ2  H  N N 367 
TRP HZ3  H  N N 368 
TRP HH2  H  N N 369 
TRP HXT  H  N N 370 
TYR N    N  N N 371 
TYR CA   C  N S 372 
TYR C    C  N N 373 
TYR O    O  N N 374 
TYR CB   C  N N 375 
TYR CG   C  Y N 376 
TYR CD1  C  Y N 377 
TYR CD2  C  Y N 378 
TYR CE1  C  Y N 379 
TYR CE2  C  Y N 380 
TYR CZ   C  Y N 381 
TYR OH   O  N N 382 
TYR OXT  O  N N 383 
TYR H    H  N N 384 
TYR H2   H  N N 385 
TYR HA   H  N N 386 
TYR HB2  H  N N 387 
TYR HB3  H  N N 388 
TYR HD1  H  N N 389 
TYR HD2  H  N N 390 
TYR HE1  H  N N 391 
TYR HE2  H  N N 392 
TYR HH   H  N N 393 
TYR HXT  H  N N 394 
VAL N    N  N N 395 
VAL CA   C  N S 396 
VAL C    C  N N 397 
VAL O    O  N N 398 
VAL CB   C  N N 399 
VAL CG1  C  N N 400 
VAL CG2  C  N N 401 
VAL OXT  O  N N 402 
VAL H    H  N N 403 
VAL H2   H  N N 404 
VAL HA   H  N N 405 
VAL HB   H  N N 406 
VAL HG11 H  N N 407 
VAL HG12 H  N N 408 
VAL HG13 H  N N 409 
VAL HG21 H  N N 410 
VAL HG22 H  N N 411 
VAL HG23 H  N N 412 
VAL HXT  H  N N 413 
# 
loop_
_chem_comp_bond.comp_id 
_chem_comp_bond.atom_id_1 
_chem_comp_bond.atom_id_2 
_chem_comp_bond.value_order 
_chem_comp_bond.pdbx_aromatic_flag 
_chem_comp_bond.pdbx_stereo_config 
_chem_comp_bond.pdbx_ordinal 
ALA N   CA   sing N N 1   
ALA N   H    sing N N 2   
ALA N   H2   sing N N 3   
ALA CA  C    sing N N 4   
ALA CA  CB   sing N N 5   
ALA CA  HA   sing N N 6   
ALA C   O    doub N N 7   
ALA C   OXT  sing N N 8   
ALA CB  HB1  sing N N 9   
ALA CB  HB2  sing N N 10  
ALA CB  HB3  sing N N 11  
ALA OXT HXT  sing N N 12  
ARG N   CA   sing N N 13  
ARG N   H    sing N N 14  
ARG N   H2   sing N N 15  
ARG CA  C    sing N N 16  
ARG CA  CB   sing N N 17  
ARG CA  HA   sing N N 18  
ARG C   O    doub N N 19  
ARG C   OXT  sing N N 20  
ARG CB  CG   sing N N 21  
ARG CB  HB2  sing N N 22  
ARG CB  HB3  sing N N 23  
ARG CG  CD   sing N N 24  
ARG CG  HG2  sing N N 25  
ARG CG  HG3  sing N N 26  
ARG CD  NE   sing N N 27  
ARG CD  HD2  sing N N 28  
ARG CD  HD3  sing N N 29  
ARG NE  CZ   sing N N 30  
ARG NE  HE   sing N N 31  
ARG CZ  NH1  sing N N 32  
ARG CZ  NH2  doub N N 33  
ARG NH1 HH11 sing N N 34  
ARG NH1 HH12 sing N N 35  
ARG NH2 HH21 sing N N 36  
ARG NH2 HH22 sing N N 37  
ARG OXT HXT  sing N N 38  
ASN N   CA   sing N N 39  
ASN N   H    sing N N 40  
ASN N   H2   sing N N 41  
ASN CA  C    sing N N 42  
ASN CA  CB   sing N N 43  
ASN CA  HA   sing N N 44  
ASN C   O    doub N N 45  
ASN C   OXT  sing N N 46  
ASN CB  CG   sing N N 47  
ASN CB  HB2  sing N N 48  
ASN CB  HB3  sing N N 49  
ASN CG  OD1  doub N N 50  
ASN CG  ND2  sing N N 51  
ASN ND2 HD21 sing N N 52  
ASN ND2 HD22 sing N N 53  
ASN OXT HXT  sing N N 54  
ASP N   CA   sing N N 55  
ASP N   H    sing N N 56  
ASP N   H2   sing N N 57  
ASP CA  C    sing N N 58  
ASP CA  CB   sing N N 59  
ASP CA  HA   sing N N 60  
ASP C   O    doub N N 61  
ASP C   OXT  sing N N 62  
ASP CB  CG   sing N N 63  
ASP CB  HB2  sing N N 64  
ASP CB  HB3  sing N N 65  
ASP CG  OD1  doub N N 66  
ASP CG  OD2  sing N N 67  
ASP OD2 HD2  sing N N 68  
ASP OXT HXT  sing N N 69  
BYZ N2  C3   doub Y N 70  
BYZ N2  N1   sing Y N 71  
BYZ C3  C4   sing Y N 72  
BYZ N1  C5   sing Y N 73  
BYZ C4  C5   doub Y N 74  
BYZ C4  BR4  sing N N 75  
BYZ C5  H1   sing N N 76  
BYZ N1  H2   sing N N 77  
BYZ C3  H3   sing N N 78  
CYS N   CA   sing N N 79  
CYS N   H    sing N N 80  
CYS N   H2   sing N N 81  
CYS CA  C    sing N N 82  
CYS CA  CB   sing N N 83  
CYS CA  HA   sing N N 84  
CYS C   O    doub N N 85  
CYS C   OXT  sing N N 86  
CYS CB  SG   sing N N 87  
CYS CB  HB2  sing N N 88  
CYS CB  HB3  sing N N 89  
CYS SG  HG   sing N N 90  
CYS OXT HXT  sing N N 91  
GLN N   CA   sing N N 92  
GLN N   H    sing N N 93  
GLN N   H2   sing N N 94  
GLN CA  C    sing N N 95  
GLN CA  CB   sing N N 96  
GLN CA  HA   sing N N 97  
GLN C   O    doub N N 98  
GLN C   OXT  sing N N 99  
GLN CB  CG   sing N N 100 
GLN CB  HB2  sing N N 101 
GLN CB  HB3  sing N N 102 
GLN CG  CD   sing N N 103 
GLN CG  HG2  sing N N 104 
GLN CG  HG3  sing N N 105 
GLN CD  OE1  doub N N 106 
GLN CD  NE2  sing N N 107 
GLN NE2 HE21 sing N N 108 
GLN NE2 HE22 sing N N 109 
GLN OXT HXT  sing N N 110 
GLU N   CA   sing N N 111 
GLU N   H    sing N N 112 
GLU N   H2   sing N N 113 
GLU CA  C    sing N N 114 
GLU CA  CB   sing N N 115 
GLU CA  HA   sing N N 116 
GLU C   O    doub N N 117 
GLU C   OXT  sing N N 118 
GLU CB  CG   sing N N 119 
GLU CB  HB2  sing N N 120 
GLU CB  HB3  sing N N 121 
GLU CG  CD   sing N N 122 
GLU CG  HG2  sing N N 123 
GLU CG  HG3  sing N N 124 
GLU CD  OE1  doub N N 125 
GLU CD  OE2  sing N N 126 
GLU OE2 HE2  sing N N 127 
GLU OXT HXT  sing N N 128 
GLY N   CA   sing N N 129 
GLY N   H    sing N N 130 
GLY N   H2   sing N N 131 
GLY CA  C    sing N N 132 
GLY CA  HA2  sing N N 133 
GLY CA  HA3  sing N N 134 
GLY C   O    doub N N 135 
GLY C   OXT  sing N N 136 
GLY OXT HXT  sing N N 137 
GOL C1  O1   sing N N 138 
GOL C1  C2   sing N N 139 
GOL C1  H11  sing N N 140 
GOL C1  H12  sing N N 141 
GOL O1  HO1  sing N N 142 
GOL C2  O2   sing N N 143 
GOL C2  C3   sing N N 144 
GOL C2  H2   sing N N 145 
GOL O2  HO2  sing N N 146 
GOL C3  O3   sing N N 147 
GOL C3  H31  sing N N 148 
GOL C3  H32  sing N N 149 
GOL O3  HO3  sing N N 150 
HIS N   CA   sing N N 151 
HIS N   H    sing N N 152 
HIS N   H2   sing N N 153 
HIS CA  C    sing N N 154 
HIS CA  CB   sing N N 155 
HIS CA  HA   sing N N 156 
HIS C   O    doub N N 157 
HIS C   OXT  sing N N 158 
HIS CB  CG   sing N N 159 
HIS CB  HB2  sing N N 160 
HIS CB  HB3  sing N N 161 
HIS CG  ND1  sing Y N 162 
HIS CG  CD2  doub Y N 163 
HIS ND1 CE1  doub Y N 164 
HIS ND1 HD1  sing N N 165 
HIS CD2 NE2  sing Y N 166 
HIS CD2 HD2  sing N N 167 
HIS CE1 NE2  sing Y N 168 
HIS CE1 HE1  sing N N 169 
HIS NE2 HE2  sing N N 170 
HIS OXT HXT  sing N N 171 
HOH O   H1   sing N N 172 
HOH O   H2   sing N N 173 
ILE N   CA   sing N N 174 
ILE N   H    sing N N 175 
ILE N   H2   sing N N 176 
ILE CA  C    sing N N 177 
ILE CA  CB   sing N N 178 
ILE CA  HA   sing N N 179 
ILE C   O    doub N N 180 
ILE C   OXT  sing N N 181 
ILE CB  CG1  sing N N 182 
ILE CB  CG2  sing N N 183 
ILE CB  HB   sing N N 184 
ILE CG1 CD1  sing N N 185 
ILE CG1 HG12 sing N N 186 
ILE CG1 HG13 sing N N 187 
ILE CG2 HG21 sing N N 188 
ILE CG2 HG22 sing N N 189 
ILE CG2 HG23 sing N N 190 
ILE CD1 HD11 sing N N 191 
ILE CD1 HD12 sing N N 192 
ILE CD1 HD13 sing N N 193 
ILE OXT HXT  sing N N 194 
LEU N   CA   sing N N 195 
LEU N   H    sing N N 196 
LEU N   H2   sing N N 197 
LEU CA  C    sing N N 198 
LEU CA  CB   sing N N 199 
LEU CA  HA   sing N N 200 
LEU C   O    doub N N 201 
LEU C   OXT  sing N N 202 
LEU CB  CG   sing N N 203 
LEU CB  HB2  sing N N 204 
LEU CB  HB3  sing N N 205 
LEU CG  CD1  sing N N 206 
LEU CG  CD2  sing N N 207 
LEU CG  HG   sing N N 208 
LEU CD1 HD11 sing N N 209 
LEU CD1 HD12 sing N N 210 
LEU CD1 HD13 sing N N 211 
LEU CD2 HD21 sing N N 212 
LEU CD2 HD22 sing N N 213 
LEU CD2 HD23 sing N N 214 
LEU OXT HXT  sing N N 215 
LYS N   CA   sing N N 216 
LYS N   H    sing N N 217 
LYS N   H2   sing N N 218 
LYS CA  C    sing N N 219 
LYS CA  CB   sing N N 220 
LYS CA  HA   sing N N 221 
LYS C   O    doub N N 222 
LYS C   OXT  sing N N 223 
LYS CB  CG   sing N N 224 
LYS CB  HB2  sing N N 225 
LYS CB  HB3  sing N N 226 
LYS CG  CD   sing N N 227 
LYS CG  HG2  sing N N 228 
LYS CG  HG3  sing N N 229 
LYS CD  CE   sing N N 230 
LYS CD  HD2  sing N N 231 
LYS CD  HD3  sing N N 232 
LYS CE  NZ   sing N N 233 
LYS CE  HE2  sing N N 234 
LYS CE  HE3  sing N N 235 
LYS NZ  HZ1  sing N N 236 
LYS NZ  HZ2  sing N N 237 
LYS NZ  HZ3  sing N N 238 
LYS OXT HXT  sing N N 239 
MET N   CA   sing N N 240 
MET N   H    sing N N 241 
MET N   H2   sing N N 242 
MET CA  C    sing N N 243 
MET CA  CB   sing N N 244 
MET CA  HA   sing N N 245 
MET C   O    doub N N 246 
MET C   OXT  sing N N 247 
MET CB  CG   sing N N 248 
MET CB  HB2  sing N N 249 
MET CB  HB3  sing N N 250 
MET CG  SD   sing N N 251 
MET CG  HG2  sing N N 252 
MET CG  HG3  sing N N 253 
MET SD  CE   sing N N 254 
MET CE  HE1  sing N N 255 
MET CE  HE2  sing N N 256 
MET CE  HE3  sing N N 257 
MET OXT HXT  sing N N 258 
PHE N   CA   sing N N 259 
PHE N   H    sing N N 260 
PHE N   H2   sing N N 261 
PHE CA  C    sing N N 262 
PHE CA  CB   sing N N 263 
PHE CA  HA   sing N N 264 
PHE C   O    doub N N 265 
PHE C   OXT  sing N N 266 
PHE CB  CG   sing N N 267 
PHE CB  HB2  sing N N 268 
PHE CB  HB3  sing N N 269 
PHE CG  CD1  doub Y N 270 
PHE CG  CD2  sing Y N 271 
PHE CD1 CE1  sing Y N 272 
PHE CD1 HD1  sing N N 273 
PHE CD2 CE2  doub Y N 274 
PHE CD2 HD2  sing N N 275 
PHE CE1 CZ   doub Y N 276 
PHE CE1 HE1  sing N N 277 
PHE CE2 CZ   sing Y N 278 
PHE CE2 HE2  sing N N 279 
PHE CZ  HZ   sing N N 280 
PHE OXT HXT  sing N N 281 
PRO N   CA   sing N N 282 
PRO N   CD   sing N N 283 
PRO N   H    sing N N 284 
PRO CA  C    sing N N 285 
PRO CA  CB   sing N N 286 
PRO CA  HA   sing N N 287 
PRO C   O    doub N N 288 
PRO C   OXT  sing N N 289 
PRO CB  CG   sing N N 290 
PRO CB  HB2  sing N N 291 
PRO CB  HB3  sing N N 292 
PRO CG  CD   sing N N 293 
PRO CG  HG2  sing N N 294 
PRO CG  HG3  sing N N 295 
PRO CD  HD2  sing N N 296 
PRO CD  HD3  sing N N 297 
PRO OXT HXT  sing N N 298 
SER N   CA   sing N N 299 
SER N   H    sing N N 300 
SER N   H2   sing N N 301 
SER CA  C    sing N N 302 
SER CA  CB   sing N N 303 
SER CA  HA   sing N N 304 
SER C   O    doub N N 305 
SER C   OXT  sing N N 306 
SER CB  OG   sing N N 307 
SER CB  HB2  sing N N 308 
SER CB  HB3  sing N N 309 
SER OG  HG   sing N N 310 
SER OXT HXT  sing N N 311 
THR N   CA   sing N N 312 
THR N   H    sing N N 313 
THR N   H2   sing N N 314 
THR CA  C    sing N N 315 
THR CA  CB   sing N N 316 
THR CA  HA   sing N N 317 
THR C   O    doub N N 318 
THR C   OXT  sing N N 319 
THR CB  OG1  sing N N 320 
THR CB  CG2  sing N N 321 
THR CB  HB   sing N N 322 
THR OG1 HG1  sing N N 323 
THR CG2 HG21 sing N N 324 
THR CG2 HG22 sing N N 325 
THR CG2 HG23 sing N N 326 
THR OXT HXT  sing N N 327 
TRP N   CA   sing N N 328 
TRP N   H    sing N N 329 
TRP N   H2   sing N N 330 
TRP CA  C    sing N N 331 
TRP CA  CB   sing N N 332 
TRP CA  HA   sing N N 333 
TRP C   O    doub N N 334 
TRP C   OXT  sing N N 335 
TRP CB  CG   sing N N 336 
TRP CB  HB2  sing N N 337 
TRP CB  HB3  sing N N 338 
TRP CG  CD1  doub Y N 339 
TRP CG  CD2  sing Y N 340 
TRP CD1 NE1  sing Y N 341 
TRP CD1 HD1  sing N N 342 
TRP CD2 CE2  doub Y N 343 
TRP CD2 CE3  sing Y N 344 
TRP NE1 CE2  sing Y N 345 
TRP NE1 HE1  sing N N 346 
TRP CE2 CZ2  sing Y N 347 
TRP CE3 CZ3  doub Y N 348 
TRP CE3 HE3  sing N N 349 
TRP CZ2 CH2  doub Y N 350 
TRP CZ2 HZ2  sing N N 351 
TRP CZ3 CH2  sing Y N 352 
TRP CZ3 HZ3  sing N N 353 
TRP CH2 HH2  sing N N 354 
TRP OXT HXT  sing N N 355 
TYR N   CA   sing N N 356 
TYR N   H    sing N N 357 
TYR N   H2   sing N N 358 
TYR CA  C    sing N N 359 
TYR CA  CB   sing N N 360 
TYR CA  HA   sing N N 361 
TYR C   O    doub N N 362 
TYR C   OXT  sing N N 363 
TYR CB  CG   sing N N 364 
TYR CB  HB2  sing N N 365 
TYR CB  HB3  sing N N 366 
TYR CG  CD1  doub Y N 367 
TYR CG  CD2  sing Y N 368 
TYR CD1 CE1  sing Y N 369 
TYR CD1 HD1  sing N N 370 
TYR CD2 CE2  doub Y N 371 
TYR CD2 HD2  sing N N 372 
TYR CE1 CZ   doub Y N 373 
TYR CE1 HE1  sing N N 374 
TYR CE2 CZ   sing Y N 375 
TYR CE2 HE2  sing N N 376 
TYR CZ  OH   sing N N 377 
TYR OH  HH   sing N N 378 
TYR OXT HXT  sing N N 379 
VAL N   CA   sing N N 380 
VAL N   H    sing N N 381 
VAL N   H2   sing N N 382 
VAL CA  C    sing N N 383 
VAL CA  CB   sing N N 384 
VAL CA  HA   sing N N 385 
VAL C   O    doub N N 386 
VAL C   OXT  sing N N 387 
VAL CB  CG1  sing N N 388 
VAL CB  CG2  sing N N 389 
VAL CB  HB   sing N N 390 
VAL CG1 HG11 sing N N 391 
VAL CG1 HG12 sing N N 392 
VAL CG1 HG13 sing N N 393 
VAL CG2 HG21 sing N N 394 
VAL CG2 HG22 sing N N 395 
VAL CG2 HG23 sing N N 396 
VAL OXT HXT  sing N N 397 
# 
loop_
_pdbx_audit_support.funding_organization 
_pdbx_audit_support.country 
_pdbx_audit_support.grant_number 
_pdbx_audit_support.ordinal 
'Cancer Research UK' 'United Kingdom' C57659/A27310 1 
'Cancer Research UK' 'United Kingdom' C1362/A20263  2 
'Cancer Research UK' 'United Kingdom' C2215/A21421  3 
# 
_pdbx_entity_instance_feature.ordinal        1 
_pdbx_entity_instance_feature.comp_id        BYZ 
_pdbx_entity_instance_feature.asym_id        ? 
_pdbx_entity_instance_feature.seq_num        ? 
_pdbx_entity_instance_feature.auth_comp_id   BYZ 
_pdbx_entity_instance_feature.auth_asym_id   ? 
_pdbx_entity_instance_feature.auth_seq_num   ? 
_pdbx_entity_instance_feature.feature_type   'SUBJECT OF INVESTIGATION' 
_pdbx_entity_instance_feature.details        ? 
# 
_pdbx_initial_refinement_model.id               1 
_pdbx_initial_refinement_model.entity_id_list   ? 
_pdbx_initial_refinement_model.type             'experimental model' 
_pdbx_initial_refinement_model.source_name      PDB 
_pdbx_initial_refinement_model.accession_code   5LRQ 
_pdbx_initial_refinement_model.details          ? 
# 
_atom_sites.entry_id                    7Z9W 
_atom_sites.Cartn_transf_matrix[1][1]   ? 
_atom_sites.Cartn_transf_matrix[1][2]   ? 
_atom_sites.Cartn_transf_matrix[1][3]   ? 
_atom_sites.Cartn_transf_matrix[2][1]   ? 
_atom_sites.Cartn_transf_matrix[2][2]   ? 
_atom_sites.Cartn_transf_matrix[2][3]   ? 
_atom_sites.Cartn_transf_matrix[3][1]   ? 
_atom_sites.Cartn_transf_matrix[3][2]   ? 
_atom_sites.Cartn_transf_matrix[3][3]   ? 
_atom_sites.Cartn_transf_vector[1]      ? 
_atom_sites.Cartn_transf_vector[2]      ? 
_atom_sites.Cartn_transf_vector[3]      ? 
_atom_sites.fract_transf_matrix[1][1]   -0.01357567 
_atom_sites.fract_transf_matrix[1][2]   -0.01833214 
_atom_sites.fract_transf_matrix[1][3]   -0.01310916 
_atom_sites.fract_transf_matrix[2][1]   0.00288806 
_atom_sites.fract_transf_matrix[2][2]   -0.01478310 
_atom_sites.fract_transf_matrix[2][3]   0.01768217 
_atom_sites.fract_transf_matrix[3][1]   -0.01067456 
_atom_sites.fract_transf_matrix[3][2]   0.00416696 
_atom_sites.fract_transf_matrix[3][3]   0.00522726 
_atom_sites.fract_transf_vector[1]      -0.320355 
_atom_sites.fract_transf_vector[2]      0.067796 
_atom_sites.fract_transf_vector[3]      -0.115616 
_atom_sites.solution_primary            ? 
_atom_sites.solution_secondary          ? 
_atom_sites.solution_hydrogens          ? 
_atom_sites.special_details             ? 
# 
loop_
_atom_type.symbol 
_atom_type.pdbx_scat_Z 
_atom_type.pdbx_N_electrons 
_atom_type.scat_Cromer_Mann_a1 
_atom_type.scat_Cromer_Mann_b1 
_atom_type.scat_Cromer_Mann_a2 
_atom_type.scat_Cromer_Mann_b2 
_atom_type.scat_Cromer_Mann_a3 
_atom_type.scat_Cromer_Mann_b3 
_atom_type.scat_Cromer_Mann_a4 
_atom_type.scat_Cromer_Mann_b4 
_atom_type.scat_Cromer_Mann_c 
BR 35 35 17.182 2.172  5.237 16.580 5.639 0.261  3.986 41.433 0.001   
C  6  6  2.310  20.844 1.020 10.208 1.589 0.569  0.865 51.651 0.216   
N  7  7  12.222 0.006  3.135 9.893  2.014 28.997 1.167 0.583  -11.538 
O  8  8  3.049  13.277 2.287 5.701  1.546 0.324  0.867 32.909 0.251   
S  16 16 6.905  1.468  5.203 22.215 1.438 0.254  1.586 56.172 1.042   
# 
loop_
_atom_site.group_PDB 
_atom_site.id 
_atom_site.type_symbol 
_atom_site.label_atom_id 
_atom_site.label_alt_id 
_atom_site.label_comp_id 
_atom_site.label_asym_id 
_atom_site.label_entity_id 
_atom_site.label_seq_id 
_atom_site.pdbx_PDB_ins_code 
_atom_site.Cartn_x 
_atom_site.Cartn_y 
_atom_site.Cartn_z 
_atom_site.occupancy 
_atom_site.B_iso_or_equiv 
_atom_site.pdbx_formal_charge 
_atom_site.auth_seq_id 
_atom_site.auth_comp_id 
_atom_site.auth_asym_id 
_atom_site.auth_atom_id 
_atom_site.pdbx_PDB_model_num 
_atom_site.calc_flag 
ATOM   1    N  N   . GLY A 1 1   ? -2.092  7.611   -18.766 1.000 35.626 ? 40  GLY AAA N   1 ? 
ATOM   2    C  CA  . GLY A 1 1   ? -1.231  8.073   -17.638 1.000 24.285 ? 40  GLY AAA CA  1 ? 
ATOM   3    C  C   . GLY A 1 1   ? -0.839  9.537   -17.815 1.000 21.721 ? 40  GLY AAA C   1 ? 
ATOM   4    O  O   . GLY A 1 1   ? 0.076   9.847   -18.566 1.000 22.393 ? 40  GLY AAA O   1 ? 
ATOM   5    N  N   . SER A 1 2   ? -1.478  10.414  -17.042 1.000 19.425 ? 41  SER AAA N   1 ? 
ATOM   6    C  CA  . SER A 1 2   ? -1.280  11.846  -17.189 1.000 15.754 ? 41  SER AAA CA  1 ? 
ATOM   7    C  C   . SER A 1 2   ? 0.068   12.320  -16.683 1.000 14.150 ? 41  SER AAA C   1 ? 
ATOM   8    O  O   . SER A 1 2   ? 0.502   11.914  -15.582 1.000 14.154 ? 41  SER AAA O   1 ? 
ATOM   9    C  CB  . SER A 1 2   ? -2.320  12.507  -16.394 1.000 16.958 ? 41  SER AAA CB  1 ? 
ATOM   10   O  OG  . SER A 1 2   ? -2.100  13.920  -16.373 1.000 14.847 ? 41  SER AAA OG  1 ? 
ATOM   11   N  N   . HIS A 1 3   ? 0.641   13.331  -17.368 1.000 13.366 ? 42  HIS AAA N   1 ? 
ATOM   12   C  CA  . HIS A 1 3   ? 1.796   14.061  -16.907 1.000 13.971 ? 42  HIS AAA CA  1 ? 
ATOM   13   C  C   . HIS A 1 3   ? 1.594   14.830  -15.594 1.000 12.807 ? 42  HIS AAA C   1 ? 
ATOM   14   O  O   . HIS A 1 3   ? 2.540   15.297  -14.959 1.000 15.576 ? 42  HIS AAA O   1 ? 
ATOM   15   C  CB  . HIS A 1 3   ? 2.362   14.994  -18.007 1.000 15.555 ? 42  HIS AAA CB  1 ? 
ATOM   16   C  CG  . HIS A 1 3   ? 1.585   16.265  -18.126 1.000 16.148 ? 42  HIS AAA CG  1 ? 
ATOM   17   N  ND1 . HIS A 1 3   ? 0.331   16.277  -18.633 1.000 15.658 ? 42  HIS AAA ND1 1 ? 
ATOM   18   C  CD2 . HIS A 1 3   ? 1.884   17.550  -17.841 1.000 19.342 ? 42  HIS AAA CD2 1 ? 
ATOM   19   C  CE1 . HIS A 1 3   ? -0.136  17.537  -18.687 1.000 17.112 ? 42  HIS AAA CE1 1 ? 
ATOM   20   N  NE2 . HIS A 1 3   ? 0.785   18.304  -18.167 1.000 17.827 ? 42  HIS AAA NE2 1 ? 
ATOM   21   N  N   . MET A 1 4   ? 0.325   15.007  -15.195 1.000 11.285 ? 43  MET AAA N   1 ? 
ATOM   22   C  CA  . MET A 1 4   ? 0.022   15.748  -13.998 1.000 11.821 ? 43  MET AAA CA  1 ? 
ATOM   23   C  C   . MET A 1 4   ? -0.054  14.840  -12.772 1.000 11.621 ? 43  MET AAA C   1 ? 
ATOM   24   O  O   . MET A 1 4   ? -0.157  15.365  -11.660 1.000 13.816 ? 43  MET AAA O   1 ? 
ATOM   25   C  CB  . MET A 1 4   ? -1.279  16.509  -14.164 1.000 13.839 ? 43  MET AAA CB  1 ? 
ATOM   26   C  CG  . MET A 1 4   ? -1.178  17.566  -15.257 1.000 14.324 ? 43  MET AAA CG  1 ? 
ATOM   27   S  SD  . MET A 1 4   ? -2.469  18.759  -15.241 1.000 17.138 ? 43  MET AAA SD  1 ? 
ATOM   28   C  CE  . MET A 1 4   ? -3.839  17.926  -14.470 1.000 22.875 ? 43  MET AAA CE  1 ? 
ATOM   29   N  N   . ASN A 1 5   ? 0.058   13.518  -12.947 1.000 10.409 ? 44  ASN AAA N   1 ? 
ATOM   30   C  CA  . ASN A 1 5   ? 0.256   12.601  -11.837 1.000 10.770 ? 44  ASN AAA CA  1 ? 
ATOM   31   C  C   . ASN A 1 5   ? 1.742   12.330  -11.709 1.000 11.545 ? 44  ASN AAA C   1 ? 
ATOM   32   O  O   . ASN A 1 5   ? 2.450   12.329  -12.720 1.000 12.466 ? 44  ASN AAA O   1 ? 
ATOM   33   C  CB  . ASN A 1 5   ? -0.517  11.295  -12.010 1.000 11.380 ? 44  ASN AAA CB  1 ? 
ATOM   34   C  CG  . ASN A 1 5   ? -2.001  11.446  -11.815 1.000 11.450 ? 44  ASN AAA CG  1 ? 
ATOM   35   O  OD1 . ASN A 1 5   ? -2.456  12.071  -10.885 1.000 12.824 ? 44  ASN AAA OD1 1 ? 
ATOM   36   N  ND2 . ASN A 1 5   ? -2.764  10.858  -12.705 1.000 12.232 ? 44  ASN AAA ND2 1 ? 
ATOM   37   N  N   . PRO A 1 6   ? 2.275   12.104  -10.505 1.000 11.058 ? 45  PRO AAA N   1 ? 
ATOM   38   C  CA  . PRO A 1 6   ? 3.681   11.776  -10.375 1.000 11.635 ? 45  PRO AAA CA  1 ? 
ATOM   39   C  C   . PRO A 1 6   ? 3.912   10.397  -10.934 1.000 11.820 ? 45  PRO AAA C   1 ? 
ATOM   40   O  O   . PRO A 1 6   ? 2.998   9.566   -11.037 1.000 13.019 ? 45  PRO AAA O   1 ? 
ATOM   41   C  CB  . PRO A 1 6   ? 3.924   11.786  -8.852  1.000 11.781 ? 45  PRO AAA CB  1 ? 
ATOM   42   C  CG  . PRO A 1 6   ? 2.559   11.388  -8.285  1.000 12.631 ? 45  PRO AAA CG  1 ? 
ATOM   43   C  CD  . PRO A 1 6   ? 1.578   12.064  -9.211  1.000 11.100 ? 45  PRO AAA CD  1 ? 
ATOM   44   N  N   . PRO A 1 7   ? 5.183   10.100  -11.269 1.000 12.829 ? 46  PRO AAA N   1 ? 
ATOM   45   C  CA  . PRO A 1 7   ? 5.570   8.733   -11.541 1.000 13.462 ? 46  PRO AAA CA  1 ? 
ATOM   46   C  C   . PRO A 1 7   ? 5.213   7.860   -10.334 1.000 12.604 ? 46  PRO AAA C   1 ? 
ATOM   47   O  O   . PRO A 1 7   ? 5.287   8.316   -9.212  1.000 12.723 ? 46  PRO AAA O   1 ? 
ATOM   48   C  CB  . PRO A 1 7   ? 7.113   8.806   -11.705 1.000 14.123 ? 46  PRO AAA CB  1 ? 
ATOM   49   C  CG  . PRO A 1 7   ? 7.511   10.242  -11.680 1.000 19.832 ? 46  PRO AAA CG  1 ? 
ATOM   50   C  CD  . PRO A 1 7   ? 6.325   11.029  -11.191 1.000 14.269 ? 46  PRO AAA CD  1 ? 
ATOM   51   N  N   . PRO A 1 8   ? 4.832   6.603   -10.541 1.000 13.490 ? 47  PRO AAA N   1 ? 
ATOM   52   C  CA  . PRO A 1 8   ? 4.535   5.704   -9.419  1.000 14.636 ? 47  PRO AAA CA  1 ? 
ATOM   53   C  C   . PRO A 1 8   ? 5.777   5.340   -8.610  1.000 12.523 ? 47  PRO AAA C   1 ? 
ATOM   54   O  O   . PRO A 1 8   ? 6.915   5.577   -9.059  1.000 14.181 ? 47  PRO AAA O   1 ? 
ATOM   55   C  CB  . PRO A 1 8   ? 3.951   4.476   -10.124 1.000 17.976 ? 47  PRO AAA CB  1 ? 
ATOM   56   C  CG  . PRO A 1 8   ? 4.673   4.465   -11.457 1.000 18.747 ? 47  PRO AAA CG  1 ? 
ATOM   57   C  CD  . PRO A 1 8   ? 4.735   5.929   -11.849 1.000 16.348 ? 47  PRO AAA CD  1 ? 
ATOM   58   N  N   . PRO A 1 9   ? 5.634   4.805   -7.384  1.000 12.053 ? 48  PRO AAA N   1 ? 
ATOM   59   C  CA  . PRO A 1 9   ? 6.799   4.366   -6.627  1.000 11.309 ? 48  PRO AAA CA  1 ? 
ATOM   60   C  C   . PRO A 1 9   ? 7.561   3.311   -7.405  1.000 12.534 ? 48  PRO AAA C   1 ? 
ATOM   61   O  O   . PRO A 1 9   ? 6.954   2.597   -8.160  1.000 12.858 ? 48  PRO AAA O   1 ? 
ATOM   62   C  CB  . PRO A 1 9   ? 6.219   3.830   -5.313  1.000 11.514 ? 48  PRO AAA CB  1 ? 
ATOM   63   C  CG  . PRO A 1 9   ? 4.855   4.489   -5.234  1.000 11.702 ? 48  PRO AAA CG  1 ? 
ATOM   64   C  CD  . PRO A 1 9   ? 4.363   4.572   -6.658  1.000 12.204 ? 48  PRO AAA CD  1 ? 
ATOM   65   N  N   . GLU A 1 10  ? 8.897   3.278   -7.161  1.000 12.769 ? 49  GLU AAA N   1 ? 
ATOM   66   C  CA  . GLU A 1 10  ? 9.771   2.311   -7.801  1.000 13.403 ? 49  GLU AAA CA  1 ? 
ATOM   67   C  C   . GLU A 1 10  ? 9.292   0.886   -7.534  1.000 12.145 ? 49  GLU AAA C   1 ? 
ATOM   68   O  O   . GLU A 1 10  ? 9.017   0.502   -6.386  1.000 12.424 ? 49  GLU AAA O   1 ? 
ATOM   69   C  CB  . GLU A 1 10  ? 11.187  2.427   -7.226  1.000 13.084 ? 49  GLU AAA CB  1 ? 
ATOM   70   C  CG  . GLU A 1 10  ? 12.225  1.643   -8.007  1.000 15.025 ? 49  GLU AAA CG  1 ? 
ATOM   71   C  CD  . GLU A 1 10  ? 13.604  1.873   -7.463  1.000 17.614 ? 49  GLU AAA CD  1 ? 
ATOM   72   O  OE1 . GLU A 1 10  ? 14.458  2.507   -8.181  1.000 19.957 ? 49  GLU AAA OE1 1 ? 
ATOM   73   O  OE2 . GLU A 1 10  ? 13.871  1.386   -6.371  1.000 17.934 ? 49  GLU AAA OE2 1 ? 
ATOM   74   N  N   . THR A 1 11  ? 9.244   0.031   -8.555  1.000 12.159 ? 50  THR AAA N   1 ? 
ATOM   75   C  CA  . THR A 1 11  ? 8.931   -1.388  -8.395  1.000 13.197 ? 50  THR AAA CA  1 ? 
ATOM   76   C  C   . THR A 1 11  ? 9.973   -2.313  -9.040  1.000 12.423 ? 50  THR AAA C   1 ? 
ATOM   77   O  O   . THR A 1 11  ? 9.861   -3.509  -8.839  1.000 13.592 ? 50  THR AAA O   1 ? 
ATOM   78   C  CB  . THR A 1 11  ? 7.558   -1.744  -8.982  1.000 13.743 ? 50  THR AAA CB  1 ? 
ATOM   79   O  OG1 . THR A 1 11  ? 7.528   -1.269  -10.349 1.000 15.611 ? 50  THR AAA OG1 1 ? 
ATOM   80   C  CG2 . THR A 1 11  ? 6.423   -1.062  -8.235  1.000 14.128 ? 50  THR AAA CG2 1 ? 
ATOM   81   N  N   . SER A 1 12  ? 10.942  -1.753  -9.744  1.000 12.638 ? 51  SER AAA N   1 ? 
ATOM   82   C  CA  . SER A 1 12  ? 11.971  -2.516  -10.436 1.000 13.705 ? 51  SER AAA CA  1 ? 
ATOM   83   C  C   . SER A 1 12  ? 13.267  -1.727  -10.331 1.000 14.644 ? 51  SER AAA C   1 ? 
ATOM   84   O  O   . SER A 1 12  ? 13.323  -0.539  -10.683 1.000 16.504 ? 51  SER AAA O   1 ? 
ATOM   85   C  CB  . SER A 1 12  ? 11.539  -2.667  -11.892 1.000 15.193 ? 51  SER AAA CB  1 ? 
ATOM   86   O  OG  . SER A 1 12  ? 12.562  -3.301  -12.655 1.000 17.492 ? 51  SER AAA OG  1 ? 
ATOM   87   N  N   . ASN A 1 13  ? 14.320  -2.407  -9.865  1.000 12.479 ? 52  ASN AAA N   1 ? 
ATOM   88   C  CA  . ASN A 1 13  ? 15.628  -1.779  -9.849  1.000 12.964 ? 52  ASN AAA CA  1 ? 
ATOM   89   C  C   . ASN A 1 13  ? 16.638  -2.880  -9.618  1.000 10.389 ? 52  ASN AAA C   1 ? 
ATOM   90   O  O   . ASN A 1 13  ? 16.825  -3.340  -8.474  1.000 10.935 ? 52  ASN AAA O   1 ? 
ATOM   91   C  CB  . ASN A 1 13  ? 15.837  -0.732  -8.750  1.000 14.834 ? 52  ASN AAA CB  1 ? 
ATOM   92   C  CG  . ASN A 1 13  ? 17.174  -0.022  -8.898  1.000 13.855 ? 52  ASN AAA CG  1 ? 
ATOM   93   O  OD1 . ASN A 1 13  ? 18.105  -0.503  -9.523  1.000 16.166 ? 52  ASN AAA OD1 1 ? 
ATOM   94   N  ND2 . ASN A 1 13  ? 17.262  1.171   -8.324  1.000 20.998 ? 52  ASN AAA ND2 1 ? 
ATOM   95   N  N   . PRO A 1 14  ? 17.373  -3.326  -10.641 1.000 10.710 ? 53  PRO AAA N   1 ? 
ATOM   96   C  CA  . PRO A 1 14  ? 18.376  -4.370  -10.432 1.000 11.214 ? 53  PRO AAA CA  1 ? 
ATOM   97   C  C   . PRO A 1 14  ? 19.483  -4.063  -9.455  1.000 11.451 ? 53  PRO AAA C   1 ? 
ATOM   98   O  O   . PRO A 1 14  ? 20.130  -4.987  -8.990  1.000 14.258 ? 53  PRO AAA O   1 ? 
ATOM   99   C  CB  . PRO A 1 14  ? 18.994  -4.530  -11.828 1.000 11.647 ? 53  PRO AAA CB  1 ? 
ATOM   100  C  CG  . PRO A 1 14  ? 17.837  -4.202  -12.718 1.000 12.972 ? 53  PRO AAA CG  1 ? 
ATOM   101  C  CD  . PRO A 1 14  ? 17.175  -2.985  -12.067 1.000 11.603 ? 53  PRO AAA CD  1 ? 
ATOM   102  N  N   . ASN A 1 15  ? 19.749  -2.812  -9.164  1.000 11.205 ? 54  ASN AAA N   1 ? 
ATOM   103  C  CA  . ASN A 1 15  ? 20.827  -2.490  -8.234  1.000 11.310 ? 54  ASN AAA CA  1 ? 
ATOM   104  C  C   . ASN A 1 15  ? 20.433  -2.695  -6.782  1.000 10.755 ? 54  ASN AAA C   1 ? 
ATOM   105  O  O   . ASN A 1 15  ? 21.287  -2.690  -5.899  1.000 12.923 ? 54  ASN AAA O   1 ? 
ATOM   106  C  CB  . ASN A 1 15  ? 21.260  -1.049  -8.399  1.000 12.514 ? 54  ASN AAA CB  1 ? 
ATOM   107  C  CG  . ASN A 1 15  ? 21.885  -0.830  -9.754  1.000 12.605 ? 54  ASN AAA CG  1 ? 
ATOM   108  O  OD1 . ASN A 1 15  ? 22.672  -1.662  -10.213 1.000 15.545 ? 54  ASN AAA OD1 1 ? 
ATOM   109  N  ND2 . ASN A 1 15  ? 21.552  0.278   -10.385 1.000 16.989 ? 54  ASN AAA ND2 1 ? 
ATOM   110  N  N   . LYS A 1 16  ? 19.143  -2.797  -6.481  1.000 10.778 ? 55  LYS AAA N   1 ? 
ATOM   111  C  CA  . LYS A 1 16  ? 18.666  -3.024  -5.118  1.000 11.104 ? 55  LYS AAA CA  1 ? 
ATOM   112  C  C   . LYS A 1 16  ? 18.722  -4.502  -4.763  1.000 11.214 ? 55  LYS AAA C   1 ? 
ATOM   113  O  O   . LYS A 1 16  ? 18.125  -5.327  -5.417  1.000 12.164 ? 55  LYS AAA O   1 ? 
ATOM   114  C  CB  . LYS A 1 16  ? 17.247  -2.486  -4.988  1.000 10.788 ? 55  LYS AAA CB  1 ? 
ATOM   115  C  CG  . LYS A 1 16  ? 16.652  -2.640  -3.585  1.000 11.321 ? 55  LYS AAA CG  1 ? 
ATOM   116  C  CD  . LYS A 1 16  ? 15.181  -2.207  -3.489  1.000 11.563 ? 55  LYS AAA CD  1 ? 
ATOM   117  C  CE  . LYS A 1 16  ? 14.590  -2.127  -2.090  1.000 12.315 ? 55  LYS AAA CE  1 ? 
ATOM   118  N  NZ  . LYS A 1 16  ? 14.573  -3.410  -1.341  1.000 10.781 ? 55  LYS AAA NZ  1 ? 
ATOM   119  N  N   . PRO A 1 17  ? 19.472  -4.934  -3.706  1.000 12.320 ? 56  PRO AAA N   1 ? 
ATOM   120  C  CA  . PRO A 1 17  ? 19.518  -6.368  -3.364  1.000 12.360 ? 56  PRO AAA CA  1 ? 
ATOM   121  C  C   . PRO A 1 17  ? 18.152  -6.916  -2.955  1.000 11.673 ? 56  PRO AAA C   1 ? 
ATOM   122  O  O   . PRO A 1 17  ? 17.415  -6.203  -2.306  1.000 11.236 ? 56  PRO AAA O   1 ? 
ATOM   123  C  CB  . PRO A 1 17  ? 20.541  -6.434  -2.209  1.000 13.445 ? 56  PRO AAA CB  1 ? 
ATOM   124  C  CG  . PRO A 1 17  ? 21.368  -5.201  -2.373  1.000 16.167 ? 56  PRO AAA CG  1 ? 
ATOM   125  C  CD  . PRO A 1 17  ? 20.402  -4.149  -2.871  1.000 12.159 ? 56  PRO AAA CD  1 ? 
ATOM   126  N  N   . LYS A 1 18  ? 17.848  -8.143  -3.366  1.000 12.430 ? 57  LYS AAA N   1 ? 
ATOM   127  C  CA  . LYS A 1 18  ? 16.525  -8.756  -3.209  1.000 12.090 ? 57  LYS AAA CA  1 ? 
ATOM   128  C  C   . LYS A 1 18  ? 16.653  -9.987  -2.348  1.000 11.205 ? 57  LYS AAA C   1 ? 
ATOM   129  O  O   . LYS A 1 18  ? 17.637  -10.687 -2.489  1.000 12.700 ? 57  LYS AAA O   1 ? 
ATOM   130  C  CB  . LYS A 1 18  ? 15.905  -9.135  -4.564  1.000 12.294 ? 57  LYS AAA CB  1 ? 
ATOM   131  C  CG  . LYS A 1 18  ? 16.021  -8.023  -5.572  1.000 12.519 ? 57  LYS AAA CG  1 ? 
ATOM   132  C  CD  . LYS A 1 18  ? 15.274  -6.763  -5.074  1.000 12.968 ? 57  LYS AAA CD  1 ? 
ATOM   133  C  CE  . LYS A 1 18  ? 14.893  -5.876  -6.240  1.000 12.953 ? 57  LYS AAA CE  1 ? 
ATOM   134  N  NZ  . LYS A 1 18  ? 16.054  -5.654  -7.133  1.000 10.736 ? 57  LYS AAA NZ  1 ? 
ATOM   135  N  N   . ARG A 1 19  ? 15.606  -10.327 -1.613  1.000 11.765 ? 58  ARG AAA N   1 ? 
ATOM   136  C  CA  . ARG A 1 19  ? 15.640  -11.629 -0.961  1.000 13.199 ? 58  ARG AAA CA  1 ? 
ATOM   137  C  C   . ARG A 1 19  ? 14.220  -12.097 -0.755  1.000 15.614 ? 58  ARG AAA C   1 ? 
ATOM   138  O  O   . ARG A 1 19  ? 13.383  -11.314 -0.385  1.000 19.066 ? 58  ARG AAA O   1 ? 
ATOM   139  C  CB  . ARG A 1 19  ? 16.381  -11.438 0.377   1.000 16.733 ? 58  ARG AAA CB  1 ? 
ATOM   140  C  CG  . ARG A 1 19  ? 16.411  -12.601 1.357   1.000 15.619 ? 58  ARG AAA CG  1 ? 
ATOM   141  C  CD  . ARG A 1 19  ? 17.215  -11.996 2.496   1.000 13.239 ? 58  ARG AAA CD  1 ? 
ATOM   142  N  NE  . ARG A 1 19  ? 16.526  -11.060 3.374   1.000 12.300 ? 58  ARG AAA NE  1 ? 
ATOM   143  C  CZ  . ARG A 1 19  ? 16.689  -11.036 4.668   1.000 11.421 ? 58  ARG AAA CZ  1 ? 
ATOM   144  N  NH1 . ARG A 1 19  ? 17.607  -11.796 5.268   1.000 13.852 ? 58  ARG AAA NH1 1 ? 
ATOM   145  N  NH2 . ARG A 1 19  ? 15.936  -10.204 5.383   1.000 13.860 ? 58  ARG AAA NH2 1 ? 
ATOM   146  N  N   . GLN A 1 20  ? 14.060  -13.412 -0.859  1.000 16.138 ? 59  GLN AAA N   1 ? 
ATOM   147  C  CA  . GLN A 1 20  ? 12.864  -14.087 -0.378  1.000 18.244 ? 59  GLN AAA CA  1 ? 
ATOM   148  C  C   . GLN A 1 20  ? 13.029  -14.417 1.113   1.000 16.163 ? 59  GLN AAA C   1 ? 
ATOM   149  O  O   . GLN A 1 20  ? 14.083  -14.913 1.555   1.000 19.795 ? 59  GLN AAA O   1 ? 
ATOM   150  C  CB  . GLN A 1 20  ? 12.602  -15.318 -1.248  1.000 22.969 ? 59  GLN AAA CB  1 ? 
ATOM   151  C  CG  . GLN A 1 20  ? 11.132  -15.607 -1.535  1.000 32.054 ? 59  GLN AAA CG  1 ? 
ATOM   152  C  CD  . GLN A 1 20  ? 10.246  -14.383 -1.570  1.000 33.000 ? 59  GLN AAA CD  1 ? 
ATOM   153  O  OE1 . GLN A 1 20  ? 9.584   -14.035 -0.583  1.000 30.414 ? 59  GLN AAA OE1 1 ? 
ATOM   154  N  NE2 . GLN A 1 20  ? 10.258  -13.699 -2.705  1.000 35.496 ? 59  GLN AAA NE2 1 ? 
ATOM   155  N  N   . THR A 1 21  ? 12.027  -14.031 1.934   1.000 15.200 ? 60  THR AAA N   1 ? 
ATOM   156  C  CA  . THR A 1 21  ? 11.964  -14.548 3.294   1.000 13.500 ? 60  THR AAA CA  1 ? 
ATOM   157  C  C   . THR A 1 21  ? 10.590  -15.197 3.499   1.000 12.129 ? 60  THR AAA C   1 ? 
ATOM   158  O  O   . THR A 1 21  ? 9.597   -14.905 2.805   1.000 12.701 ? 60  THR AAA O   1 ? 
ATOM   159  C  CB  . THR A 1 21  ? 12.269  -13.496 4.366   1.000 13.359 ? 60  THR AAA CB  1 ? 
ATOM   160  O  OG1 . THR A 1 21  ? 11.124  -12.643 4.491   1.000 13.309 ? 60  THR AAA OG1 1 ? 
ATOM   161  C  CG2 . THR A 1 21  ? 13.495  -12.646 4.082   1.000 13.748 ? 60  THR AAA CG2 1 ? 
ATOM   162  N  N   . ASN A 1 22  ? 10.514  -16.054 4.513   1.000 12.953 ? 61  ASN AAA N   1 ? 
ATOM   163  C  CA  . ASN A 1 22  ? 9.224   -16.651 4.854   1.000 12.804 ? 61  ASN AAA CA  1 ? 
ATOM   164  C  C   . ASN A 1 22  ? 8.207   -15.560 5.258   1.000 11.159 ? 61  ASN AAA C   1 ? 
ATOM   165  O  O   . ASN A 1 22  ? 6.997   -15.711 5.013   1.000 11.715 ? 61  ASN AAA O   1 ? 
ATOM   166  C  CB  . ASN A 1 22  ? 9.362   -17.733 5.937   1.000 13.372 ? 61  ASN AAA CB  1 ? 
ATOM   167  C  CG  . ASN A 1 22  ? 9.793   -17.151 7.263   1.000 13.422 ? 61  ASN AAA CG  1 ? 
ATOM   168  O  OD1 . ASN A 1 22  ? 10.737  -16.381 7.360   1.000 15.934 ? 61  ASN AAA OD1 1 ? 
ATOM   169  N  ND2 . ASN A 1 22  ? 9.071   -17.505 8.314   1.000 16.389 ? 61  ASN AAA ND2 1 ? 
ATOM   170  N  N   . GLN A 1 23  ? 8.716   -14.470 5.841   1.000 10.717 ? 62  GLN AAA N   1 ? 
ATOM   171  C  CA  . GLN A 1 23  ? 7.796   -13.393 6.211   1.000 10.222 ? 62  GLN AAA CA  1 ? 
ATOM   172  C  C   . GLN A 1 23  ? 7.241   -12.664 4.979   1.000 9.974  ? 62  GLN AAA C   1 ? 
ATOM   173  O  O   . GLN A 1 23  ? 6.068   -12.319 4.927   1.000 9.963  ? 62  GLN AAA O   1 ? 
ATOM   174  C  CB  . GLN A 1 23  ? 8.498   -12.391 7.104   1.000 10.600 ? 62  GLN AAA CB  1 ? 
ATOM   175  C  CG  . GLN A 1 23  ? 8.923   -12.994 8.446   1.000 12.577 ? 62  GLN AAA CG  1 ? 
ATOM   176  C  CD  . GLN A 1 23  ? 9.515   -11.947 9.337   1.000 13.456 ? 62  GLN AAA CD  1 ? 
ATOM   177  O  OE1 . GLN A 1 23  ? 10.194  -11.035 8.886   1.000 14.069 ? 62  GLN AAA OE1 1 ? 
ATOM   178  N  NE2 . GLN A 1 23  ? 9.320   -12.160 10.632  1.000 14.423 ? 62  GLN AAA NE2 1 ? 
ATOM   179  N  N   . LEU A 1 24  ? 8.122   -12.429 3.990   1.000 10.235 ? 63  LEU AAA N   1 ? 
ATOM   180  C  CA  . LEU A 1 24  ? 7.627   -11.839 2.741   1.000 9.845  ? 63  LEU AAA CA  1 ? 
ATOM   181  C  C   . LEU A 1 24  ? 6.634   -12.743 2.018   1.000 9.986  ? 63  LEU AAA C   1 ? 
ATOM   182  O  O   . LEU A 1 24  ? 5.663   -12.276 1.432   1.000 10.699 ? 63  LEU AAA O   1 ? 
ATOM   183  C  CB  . LEU A 1 24  ? 8.822   -11.457 1.870   1.000 11.213 ? 63  LEU AAA CB  1 ? 
ATOM   184  C  CG  . LEU A 1 24  ? 9.503   -10.162 2.295   1.000 11.179 ? 63  LEU AAA CG  1 ? 
ATOM   185  C  CD1 . LEU A 1 24  ? 10.910  -10.050 1.692   1.000 13.288 ? 63  LEU AAA CD1 1 ? 
ATOM   186  C  CD2 . LEU A 1 24  ? 8.658   -8.946  1.932   1.000 11.287 ? 63  LEU AAA CD2 1 ? 
ATOM   187  N  N   . GLN A 1 25  ? 6.866   -14.051 2.054   1.000 10.809 ? 64  GLN AAA N   1 ? 
ATOM   188  C  CA  . GLN A 1 25  ? 5.937   -15.002 1.458   1.000 12.230 ? 64  GLN AAA CA  1 ? 
ATOM   189  C  C   . GLN A 1 25  ? 4.572   -14.918 2.138   1.000 11.693 ? 64  GLN AAA C   1 ? 
ATOM   190  O  O   . GLN A 1 25  ? 3.563   -14.904 1.462   1.000 12.993 ? 64  GLN AAA O   1 ? 
ATOM   191  C  CB  . GLN A 1 25  ? 6.545   -16.402 1.550   1.000 13.983 ? 64  GLN AAA CB  1 ? 
ATOM   192  C  CG  . GLN A 1 25  ? 7.668   -16.628 0.539   1.000 19.420 ? 64  GLN AAA CG  1 ? 
ATOM   193  C  CD  . GLN A 1 25  ? 8.653   -17.713 0.923   0.500 19.348 ? 64  GLN AAA CD  1 ? 
ATOM   194  O  OE1 . GLN A 1 25  ? 8.476   -18.449 1.889   0.500 20.960 ? 64  GLN AAA OE1 1 ? 
ATOM   195  N  NE2 . GLN A 1 25  ? 9.722   -17.818 0.157   0.500 23.310 ? 64  GLN AAA NE2 1 ? 
ATOM   196  N  N   . TYR A 1 26  ? 4.576   -14.817 3.475   1.000 11.712 ? 65  TYR AAA N   1 ? 
ATOM   197  C  CA  . TYR A 1 26  ? 3.339   -14.597 4.222   1.000 11.455 ? 65  TYR AAA CA  1 ? 
ATOM   198  C  C   . TYR A 1 26  ? 2.655   -13.293 3.835   1.000 11.346 ? 65  TYR AAA C   1 ? 
ATOM   199  O  O   . TYR A 1 26  ? 1.425   -13.246 3.711   1.000 11.859 ? 65  TYR AAA O   1 ? 
ATOM   200  C  CB  . TYR A 1 26  ? 3.681   -14.654 5.707   1.000 11.795 ? 65  TYR AAA CB  1 ? 
ATOM   201  C  CG  . TYR A 1 26  ? 2.514   -14.387 6.638   1.000 11.799 ? 65  TYR AAA CG  1 ? 
ATOM   202  C  CD1 . TYR A 1 26  ? 2.222   -13.087 7.070   1.000 12.002 ? 65  TYR AAA CD1 1 ? 
ATOM   203  C  CD2 . TYR A 1 26  ? 1.757   -15.439 7.160   1.000 13.354 ? 65  TYR AAA CD2 1 ? 
ATOM   204  C  CE1 . TYR A 1 26  ? 1.201   -12.847 7.968   1.000 12.284 ? 65  TYR AAA CE1 1 ? 
ATOM   205  C  CE2 . TYR A 1 26  ? 0.730   -15.204 8.058   1.000 13.641 ? 65  TYR AAA CE2 1 ? 
ATOM   206  C  CZ  . TYR A 1 26  ? 0.459   -13.909 8.470   1.000 12.040 ? 65  TYR AAA CZ  1 ? 
ATOM   207  O  OH  . TYR A 1 26  ? -0.562  -13.699 9.384   1.000 14.252 ? 65  TYR AAA OH  1 ? 
ATOM   208  N  N   . LEU A 1 27  ? 3.428   -12.211 3.698   1.000 10.031 ? 66  LEU AAA N   1 ? 
ATOM   209  C  CA  . LEU A 1 27  ? 2.822   -10.952 3.279   1.000 10.715 ? 66  LEU AAA CA  1 ? 
ATOM   210  C  C   . LEU A 1 27  ? 2.121   -11.080 1.934   1.000 10.632 ? 66  LEU AAA C   1 ? 
ATOM   211  O  O   . LEU A 1 27  ? 1.100   -10.409 1.726   1.000 12.882 ? 66  LEU AAA O   1 ? 
ATOM   212  C  CB  . LEU A 1 27  ? 3.892   -9.871  3.275   1.000 10.930 ? 66  LEU AAA CB  1 ? 
ATOM   213  C  CG  . LEU A 1 27  ? 4.224   -9.358  4.677   1.000 12.238 ? 66  LEU AAA CG  1 ? 
ATOM   214  C  CD1 . LEU A 1 27  ? 5.564   -8.675  4.740   1.000 13.920 ? 66  LEU AAA CD1 1 ? 
ATOM   215  C  CD2 . LEU A 1 27  ? 3.204   -8.305  5.084   1.000 16.203 ? 66  LEU AAA CD2 1 ? 
ATOM   216  N  N   . LEU A 1 28  ? 2.634   -11.855 1.000   1.000 10.451 ? 67  LEU AAA N   1 ? 
ATOM   217  C  CA  . LEU A 1 28  ? 1.971   -12.001 -0.290  1.000 11.459 ? 67  LEU AAA CA  1 ? 
ATOM   218  C  C   . LEU A 1 28  ? 0.771   -12.949 -0.194  1.000 12.340 ? 67  LEU AAA C   1 ? 
ATOM   219  O  O   . LEU A 1 28  ? -0.352  -12.630 -0.631  1.000 14.043 ? 67  LEU AAA O   1 ? 
ATOM   220  C  CB  . LEU A 1 28  ? 2.978   -12.443 -1.348  1.000 13.528 ? 67  LEU AAA CB  1 ? 
ATOM   221  C  CG  . LEU A 1 28  ? 2.365   -12.719 -2.732  1.000 15.650 ? 67  LEU AAA CG  1 ? 
ATOM   222  C  CD1 . LEU A 1 28  ? 1.614   -11.524 -3.289  1.000 16.000 ? 67  LEU AAA CD1 1 ? 
ATOM   223  C  CD2 . LEU A 1 28  ? 3.449   -13.156 -3.700  1.000 17.770 ? 67  LEU AAA CD2 1 ? 
ATOM   224  N  N   . ARG A 1 29  ? 1.012   -14.140 0.368   1.000 12.292 ? 68  ARG AAA N   1 ? 
ATOM   225  C  CA  . ARG A 1 29  ? 0.058   -15.239 0.320   1.000 13.612 ? 68  ARG AAA CA  1 ? 
ATOM   226  C  C   . ARG A 1 29  ? -1.068  -15.045 1.318   1.000 13.665 ? 68  ARG AAA C   1 ? 
ATOM   227  O  O   . ARG A 1 29  ? -2.160  -15.589 1.040   1.000 17.466 ? 68  ARG AAA O   1 ? 
ATOM   228  C  CB  . ARG A 1 29  ? 0.799   -16.563 0.535   1.000 15.730 ? 68  ARG AAA CB  1 ? 
ATOM   229  C  CG  . ARG A 1 29  ? 1.821   -16.894 -0.551  1.000 19.570 ? 68  ARG AAA CG  1 ? 
ATOM   230  C  CD  . ARG A 1 29  ? 2.322   -18.336 -0.465  1.000 24.846 ? 68  ARG AAA CD  1 ? 
ATOM   231  N  NE  . ARG A 1 29  ? 3.768   -18.551 -0.457  0.500 26.516 ? 68  ARG AAA NE  1 ? 
ATOM   232  C  CZ  . ARG A 1 29  ? 4.465   -19.313 -1.293  0.500 29.285 ? 68  ARG AAA CZ  1 ? 
ATOM   233  N  NH1 . ARG A 1 29  ? 3.861   -19.952 -2.282  0.500 29.273 ? 68  ARG AAA NH1 1 ? 
ATOM   234  N  NH2 . ARG A 1 29  ? 5.774   -19.431 -1.148  0.500 27.663 ? 68  ARG AAA NH2 1 ? 
ATOM   235  N  N   . VAL A 1 30  ? -0.840  -14.374 2.430   1.000 13.823 ? 69  VAL AAA N   1 ? 
ATOM   236  C  CA  . VAL A 1 30  ? -1.865  -14.225 3.449   1.000 13.907 ? 69  VAL AAA CA  1 ? 
ATOM   237  C  C   . VAL A 1 30  ? -2.325  -12.766 3.487   1.000 14.013 ? 69  VAL AAA C   1 ? 
ATOM   238  O  O   . VAL A 1 30  ? -3.532  -12.469 3.413   1.000 14.737 ? 69  VAL AAA O   1 ? 
ATOM   239  C  CB  . VAL A 1 30  ? -1.368  -14.709 4.824   1.000 13.697 ? 69  VAL AAA CB  1 ? 
ATOM   240  C  CG1 . VAL A 1 30  ? -2.454  -14.460 5.864   1.000 15.518 ? 69  VAL AAA CG1 1 ? 
ATOM   241  C  CG2 . VAL A 1 30  ? -1.042  -16.195 4.782   1.000 14.719 ? 69  VAL AAA CG2 1 ? 
ATOM   242  N  N   . VAL A 1 31  ? -1.414  -11.822 3.699   1.000 12.910 ? 70  VAL AAA N   1 ? 
ATOM   243  C  CA  . VAL A 1 31  ? -1.844  -10.461 3.967   1.000 13.063 ? 70  VAL AAA CA  1 ? 
ATOM   244  C  C   . VAL A 1 31  ? -2.402  -9.770  2.727   1.000 11.808 ? 70  VAL AAA C   1 ? 
ATOM   245  O  O   . VAL A 1 31  ? -3.549  -9.301  2.718   1.000 13.726 ? 70  VAL AAA O   1 ? 
ATOM   246  C  CB  . VAL A 1 31  ? -0.699  -9.636  4.583   1.000 12.834 ? 70  VAL AAA CB  1 ? 
ATOM   247  C  CG1 . VAL A 1 31  ? -1.124  -8.187  4.902   1.000 15.345 ? 70  VAL AAA CG1 1 ? 
ATOM   248  C  CG2 . VAL A 1 31  ? -0.148  -10.325 5.821   1.000 14.147 ? 70  VAL AAA CG2 1 ? 
ATOM   249  N  N   . LEU A 1 32  ? -1.609  -9.693  1.657   1.000 12.703 ? 71  LEU AAA N   1 ? 
ATOM   250  C  CA  . LEU A 1 32  ? -2.073  -9.025  0.452   1.000 13.150 ? 71  LEU AAA CA  1 ? 
ATOM   251  C  C   . LEU A 1 32  ? -3.315  -9.749  -0.066  1.000 13.780 ? 71  LEU AAA C   1 ? 
ATOM   252  O  O   . LEU A 1 32  ? -4.303  -9.095  -0.463  1.000 14.077 ? 71  LEU AAA O   1 ? 
ATOM   253  C  CB  . LEU A 1 32  ? -0.960  -8.970  -0.600  1.000 14.511 ? 71  LEU AAA CB  1 ? 
ATOM   254  C  CG  . LEU A 1 32  ? -1.389  -8.220  -1.871  1.000 15.649 ? 71  LEU AAA CG  1 ? 
ATOM   255  C  CD1 . LEU A 1 32  ? -1.600  -6.726  -1.632  1.000 17.289 ? 71  LEU AAA CD1 1 ? 
ATOM   256  C  CD2 . LEU A 1 32  ? -0.507  -8.555  -3.065  1.000 19.500 ? 71  LEU AAA CD2 1 ? 
ATOM   257  N  N   . LYS A 1 33  ? -3.284  -11.078 -0.077  1.000 14.824 ? 72  LYS AAA N   1 ? 
ATOM   258  C  CA  . LYS A 1 33  ? -4.417  -11.856 -0.586  1.000 17.834 ? 72  LYS AAA CA  1 ? 
ATOM   259  C  C   . LYS A 1 33  ? -5.709  -11.482 0.139   1.000 16.438 ? 72  LYS AAA C   1 ? 
ATOM   260  O  O   . LYS A 1 33  ? -6.742  -11.259 -0.530  1.000 20.265 ? 72  LYS AAA O   1 ? 
ATOM   261  C  CB  . LYS A 1 33  ? -4.167  -13.357 -0.384  1.000 20.308 ? 72  LYS AAA CB  1 ? 
ATOM   262  C  CG  . LYS A 1 33  ? -5.184  -14.279 -1.054  0.500 21.008 ? 72  LYS AAA CG  1 ? 
ATOM   263  C  CD  . LYS A 1 33  ? -5.121  -15.736 -0.568  0.500 21.976 ? 72  LYS AAA CD  1 ? 
ATOM   264  C  CE  . LYS A 1 33  ? -5.548  -15.960 0.867   0.500 24.390 ? 72  LYS AAA CE  1 ? 
ATOM   265  N  NZ  . LYS A 1 33  ? -6.989  -16.300 0.937   0.500 26.636 ? 72  LYS AAA NZ  1 ? 
ATOM   266  N  N   . THR A 1 34  ? -5.652  -11.359 1.467   1.000 15.303 ? 73  THR AAA N   1 ? 
ATOM   267  C  CA  . THR A 1 34  ? -6.830  -11.080 2.297   1.000 17.647 ? 73  THR AAA CA  1 ? 
ATOM   268  C  C   . THR A 1 34  ? -7.329  -9.665  1.993   1.000 15.150 ? 73  THR AAA C   1 ? 
ATOM   269  O  O   . THR A 1 34  ? -8.532  -9.413  1.808   1.000 16.505 ? 73  THR AAA O   1 ? 
ATOM   270  C  CB  . THR A 1 34  ? -6.493  -11.184 3.800   1.000 19.648 ? 73  THR AAA CB  1 ? 
ATOM   271  O  OG1 . THR A 1 34  ? -6.264  -12.561 4.112   1.000 22.099 ? 73  THR AAA OG1 1 ? 
ATOM   272  C  CG2 . THR A 1 34  ? -7.538  -10.594 4.739   1.000 21.899 ? 73  THR AAA CG2 1 ? 
ATOM   273  N  N   . LEU A 1 35  ? -6.412  -8.694  1.960   1.000 13.353 ? 74  LEU AAA N   1 ? 
ATOM   274  C  CA  . LEU A 1 35  ? -6.835  -7.318  1.783   1.000 12.832 ? 74  LEU AAA CA  1 ? 
ATOM   275  C  C   . LEU A 1 35  ? -7.301  -7.071  0.344   1.000 12.264 ? 74  LEU AAA C   1 ? 
ATOM   276  O  O   . LEU A 1 35  ? -8.227  -6.283  0.161   1.000 13.360 ? 74  LEU AAA O   1 ? 
ATOM   277  C  CB  . LEU A 1 35  ? -5.703  -6.336  2.170   1.000 11.768 ? 74  LEU AAA CB  1 ? 
ATOM   278  C  CG  . LEU A 1 35  ? -5.602  -5.925  3.660   1.000 15.818 ? 74  LEU AAA CG  1 ? 
ATOM   279  C  CD1 . LEU A 1 35  ? -5.353  -7.053  4.671   1.000 16.870 ? 74  LEU AAA CD1 1 ? 
ATOM   280  C  CD2 . LEU A 1 35  ? -4.607  -4.779  3.884   1.000 15.409 ? 74  LEU AAA CD2 1 ? 
ATOM   281  N  N   . TRP A 1 36  ? -6.663  -7.653  -0.658  1.000 12.144 ? 75  TRP AAA N   1 ? 
ATOM   282  C  CA  . TRP A 1 36  ? -6.956  -7.344  -2.041  1.000 12.983 ? 75  TRP AAA CA  1 ? 
ATOM   283  C  C   . TRP A 1 36  ? -8.417  -7.662  -2.383  1.000 13.971 ? 75  TRP AAA C   1 ? 
ATOM   284  O  O   . TRP A 1 36  ? -9.010  -6.942  -3.192  1.000 14.910 ? 75  TRP AAA O   1 ? 
ATOM   285  C  CB  . TRP A 1 36  ? -6.009  -8.109  -2.968  1.000 14.054 ? 75  TRP AAA CB  1 ? 
ATOM   286  C  CG  . TRP A 1 36  ? -6.109  -7.695  -4.395  1.000 14.228 ? 75  TRP AAA CG  1 ? 
ATOM   287  C  CD1 . TRP A 1 36  ? -6.896  -8.268  -5.365  1.000 16.109 ? 75  TRP AAA CD1 1 ? 
ATOM   288  C  CD2 . TRP A 1 36  ? -5.398  -6.617  -5.027  1.000 12.483 ? 75  TRP AAA CD2 1 ? 
ATOM   289  N  NE1 . TRP A 1 36  ? -6.721  -7.600  -6.551  1.000 16.319 ? 75  TRP AAA NE1 1 ? 
ATOM   290  C  CE2 . TRP A 1 36  ? -5.756  -6.616  -6.387  1.000 13.872 ? 75  TRP AAA CE2 1 ? 
ATOM   291  C  CE3 . TRP A 1 36  ? -4.443  -5.677  -4.563  1.000 12.135 ? 75  TRP AAA CE3 1 ? 
ATOM   292  C  CZ2 . TRP A 1 36  ? -5.266  -5.686  -7.296  1.000 14.678 ? 75  TRP AAA CZ2 1 ? 
ATOM   293  C  CZ3 . TRP A 1 36  ? -3.926  -4.785  -5.472  1.000 12.879 ? 75  TRP AAA CZ3 1 ? 
ATOM   294  C  CH2 . TRP A 1 36  ? -4.344  -4.778  -6.804  1.000 13.420 ? 75  TRP AAA CH2 1 ? 
ATOM   295  N  N   . LYS A 1 37  ? -8.954  -8.747  -1.805  1.000 14.301 ? 76  LYS AAA N   1 ? 
ATOM   296  C  CA  . LYS A 1 37  ? -10.286 -9.240  -2.175  1.000 14.523 ? 76  LYS AAA CA  1 ? 
ATOM   297  C  C   . LYS A 1 37  ? -11.376 -8.607  -1.329  1.000 16.182 ? 76  LYS AAA C   1 ? 
ATOM   298  O  O   . LYS A 1 37  ? -12.579 -8.861  -1.583  1.000 17.101 ? 76  LYS AAA O   1 ? 
ATOM   299  C  CB  . LYS A 1 37  ? -10.339 -10.774 -2.122  1.000 18.368 ? 76  LYS AAA CB  1 ? 
ATOM   300  C  CG  . LYS A 1 37  ? -10.217 -11.379 -0.739  1.000 19.875 ? 76  LYS AAA CG  1 ? 
ATOM   301  C  CD  . LYS A 1 37  ? -10.216 -12.919 -0.765  1.000 23.930 ? 76  LYS AAA CD  1 ? 
ATOM   302  C  CE  . LYS A 1 37  ? -9.953  -13.555 0.587   1.000 28.730 ? 76  LYS AAA CE  1 ? 
ATOM   303  N  NZ  . LYS A 1 37  ? -11.074 -13.411 1.546   1.000 33.585 ? 76  LYS AAA NZ  1 ? 
ATOM   304  N  N   . HIS A 1 38  ? -11.019 -7.784  -0.354  1.000 15.407 ? 77  HIS AAA N   1 ? 
ATOM   305  C  CA  . HIS A 1 38  ? -11.989 -7.121  0.491   1.000 14.696 ? 77  HIS AAA CA  1 ? 
ATOM   306  C  C   . HIS A 1 38  ? -12.886 -6.191  -0.324  1.000 12.761 ? 77  HIS AAA C   1 ? 
ATOM   307  O  O   . HIS A 1 38  ? -12.490 -5.580  -1.270  1.000 13.040 ? 77  HIS AAA O   1 ? 
ATOM   308  C  CB  . HIS A 1 38  ? -11.249 -6.344  1.592   1.000 15.237 ? 77  HIS AAA CB  1 ? 
ATOM   309  C  CG  . HIS A 1 38  ? -12.115 -5.935  2.728   1.000 14.791 ? 77  HIS AAA CG  1 ? 
ATOM   310  N  ND1 . HIS A 1 38  ? -12.950 -4.823  2.671   1.000 14.154 ? 77  HIS AAA ND1 1 ? 
ATOM   311  C  CD2 . HIS A 1 38  ? -12.329 -6.526  3.924   1.000 17.215 ? 77  HIS AAA CD2 1 ? 
ATOM   312  C  CE1 . HIS A 1 38  ? -13.626 -4.751  3.796   1.000 15.826 ? 77  HIS AAA CE1 1 ? 
ATOM   313  N  NE2 . HIS A 1 38  ? -13.225 -5.790  4.608   1.000 17.224 ? 77  HIS AAA NE2 1 ? 
ATOM   314  N  N   . GLN A 1 39  ? -14.161 -6.137  0.112   1.000 13.440 ? 78  GLN AAA N   1 ? 
ATOM   315  C  CA  . GLN A 1 39  ? -15.155 -5.291  -0.519  1.000 13.146 ? 78  GLN AAA CA  1 ? 
ATOM   316  C  C   . GLN A 1 39  ? -14.695 -3.835  -0.610  1.000 11.844 ? 78  GLN AAA C   1 ? 
ATOM   317  O  O   . GLN A 1 39  ? -15.018 -3.149  -1.557  1.000 13.333 ? 78  GLN AAA O   1 ? 
ATOM   318  C  CB  . GLN A 1 39  ? -16.458 -5.310  0.289   1.000 14.447 ? 78  GLN AAA CB  1 ? 
ATOM   319  C  CG  . GLN A 1 39  ? -17.581 -4.489  -0.349  1.000 19.018 ? 78  GLN AAA CG  1 ? 
ATOM   320  C  CD  . GLN A 1 39  ? -18.880 -4.666  0.397   1.000 20.499 ? 78  GLN AAA CD  1 ? 
ATOM   321  O  OE1 . GLN A 1 39  ? -19.885 -5.147  -0.154  1.000 23.817 ? 78  GLN AAA OE1 1 ? 
ATOM   322  N  NE2 . GLN A 1 39  ? -18.828 -4.435  1.694   1.000 17.011 ? 78  GLN AAA NE2 1 ? 
ATOM   323  N  N   . PHE A 1 40  ? -13.873 -3.385  0.367   1.000 11.143 ? 79  PHE AAA N   1 ? 
ATOM   324  C  CA  . PHE A 1 40  ? -13.435 -1.997  0.419   1.000 11.194 ? 79  PHE AAA CA  1 ? 
ATOM   325  C  C   . PHE A 1 40  ? -12.047 -1.785  -0.179  1.000 10.431 ? 79  PHE AAA C   1 ? 
ATOM   326  O  O   . PHE A 1 40  ? -11.498 -0.677  -0.054  1.000 10.953 ? 79  PHE AAA O   1 ? 
ATOM   327  C  CB  . PHE A 1 40  ? -13.456 -1.482  1.850   1.000 12.292 ? 79  PHE AAA CB  1 ? 
ATOM   328  C  CG  . PHE A 1 40  ? -14.821 -1.358  2.485   1.000 12.137 ? 79  PHE AAA CG  1 ? 
ATOM   329  C  CD1 . PHE A 1 40  ? -16.008 -1.300  1.746   1.000 12.155 ? 79  PHE AAA CD1 1 ? 
ATOM   330  C  CD2 . PHE A 1 40  ? -14.886 -1.272  3.876   1.000 13.108 ? 79  PHE AAA CD2 1 ? 
ATOM   331  C  CE1 . PHE A 1 40  ? -17.208 -1.080  2.424   1.000 13.882 ? 79  PHE AAA CE1 1 ? 
ATOM   332  C  CE2 . PHE A 1 40  ? -16.093 -1.078  4.537   1.000 15.593 ? 79  PHE AAA CE2 1 ? 
ATOM   333  C  CZ  . PHE A 1 40  ? -17.265 -1.003  3.802   1.000 15.280 ? 79  PHE AAA CZ  1 ? 
ATOM   334  N  N   . ALA A 1 41  ? -11.487 -2.760  -0.885  1.000 10.858 ? 80  ALA AAA N   1 ? 
ATOM   335  C  CA  . ALA A 1 41  ? -10.130 -2.642  -1.414  1.000 10.880 ? 80  ALA AAA CA  1 ? 
ATOM   336  C  C   . ALA A 1 41  ? -9.993  -1.701  -2.593  1.000 10.623 ? 80  ALA AAA C   1 ? 
ATOM   337  O  O   . ALA A 1 41  ? -8.900  -1.175  -2.822  1.000 10.585 ? 80  ALA AAA O   1 ? 
ATOM   338  C  CB  . ALA A 1 41  ? -9.569  -3.984  -1.848  1.000 13.221 ? 80  ALA AAA CB  1 ? 
ATOM   339  N  N   . TRP A 1 42  ? -11.058 -1.517  -3.403  1.000 10.844 ? 81  TRP AAA N   1 ? 
ATOM   340  C  CA  . TRP A 1 42  ? -10.886 -0.927  -4.725  1.000 10.001 ? 81  TRP AAA CA  1 ? 
ATOM   341  C  C   . TRP A 1 42  ? -10.212 0.452   -4.734  1.000 10.285 ? 81  TRP AAA C   1 ? 
ATOM   342  O  O   . TRP A 1 42  ? -9.426  0.703   -5.638  1.000 11.049 ? 81  TRP AAA O   1 ? 
ATOM   343  C  CB  . TRP A 1 42  ? -12.212 -0.936  -5.544  1.000 11.616 ? 81  TRP AAA CB  1 ? 
ATOM   344  C  CG  . TRP A 1 42  ? -13.349 -0.147  -4.952  1.000 11.430 ? 81  TRP AAA CG  1 ? 
ATOM   345  C  CD1 . TRP A 1 42  ? -14.292 -0.634  -4.075  1.000 11.309 ? 81  TRP AAA CD1 1 ? 
ATOM   346  C  CD2 . TRP A 1 42  ? -13.622 1.262   -5.101  1.000 12.326 ? 81  TRP AAA CD2 1 ? 
ATOM   347  N  NE1 . TRP A 1 42  ? -15.138 0.361   -3.705  1.000 12.228 ? 81  TRP AAA NE1 1 ? 
ATOM   348  C  CE2 . TRP A 1 42  ? -14.768 1.518   -4.313  1.000 12.349 ? 81  TRP AAA CE2 1 ? 
ATOM   349  C  CE3 . TRP A 1 42  ? -13.077 2.330   -5.855  1.000 13.198 ? 81  TRP AAA CE3 1 ? 
ATOM   350  C  CZ2 . TRP A 1 42  ? -15.359 2.786   -4.221  1.000 14.499 ? 81  TRP AAA CZ2 1 ? 
ATOM   351  C  CZ3 . TRP A 1 42  ? -13.645 3.587   -5.746  1.000 14.484 ? 81  TRP AAA CZ3 1 ? 
ATOM   352  C  CH2 . TRP A 1 42  ? -14.746 3.802   -4.917  1.000 14.718 ? 81  TRP AAA CH2 1 ? 
ATOM   353  N  N   . PRO A 1 43  ? -10.440 1.369   -3.779  1.000 9.970  ? 82  PRO AAA N   1 ? 
ATOM   354  C  CA  . PRO A 1 43  ? -9.744  2.657   -3.855  1.000 9.819  ? 82  PRO AAA CA  1 ? 
ATOM   355  C  C   . PRO A 1 43  ? -8.232  2.556   -3.664  1.000 9.323  ? 82  PRO AAA C   1 ? 
ATOM   356  O  O   . PRO A 1 43  ? -7.529  3.537   -3.909  1.000 10.611 ? 82  PRO AAA O   1 ? 
ATOM   357  C  CB  . PRO A 1 43  ? -10.341 3.479   -2.703  1.000 10.617 ? 82  PRO AAA CB  1 ? 
ATOM   358  C  CG  . PRO A 1 43  ? -11.682 2.787   -2.430  1.000 10.685 ? 82  PRO AAA CG  1 ? 
ATOM   359  C  CD  . PRO A 1 43  ? -11.371 1.324   -2.640  1.000 10.176 ? 82  PRO AAA CD  1 ? 
ATOM   360  N  N   . PHE A 1 44  ? -7.791  1.402   -3.160  1.000 9.022  ? 83  PHE AAA N   1 ? 
ATOM   361  C  CA  . PHE A 1 44  ? -6.412  1.209   -2.722  1.000 8.726  ? 83  PHE AAA CA  1 ? 
ATOM   362  C  C   . PHE A 1 44  ? -5.666  0.298   -3.673  1.000 9.030  ? 83  PHE AAA C   1 ? 
ATOM   363  O  O   . PHE A 1 44  ? -4.479  -0.017  -3.415  1.000 10.201 ? 83  PHE AAA O   1 ? 
ATOM   364  C  CB  . PHE A 1 44  ? -6.373  0.626   -1.310  1.000 9.879  ? 83  PHE AAA CB  1 ? 
ATOM   365  C  CG  . PHE A 1 44  ? -7.140  1.494   -0.357  1.000 9.451  ? 83  PHE AAA CG  1 ? 
ATOM   366  C  CD1 . PHE A 1 44  ? -6.625  2.704   0.079   1.000 10.952 ? 83  PHE AAA CD1 1 ? 
ATOM   367  C  CD2 . PHE A 1 44  ? -8.413  1.139   0.049   1.000 10.949 ? 83  PHE AAA CD2 1 ? 
ATOM   368  C  CE1 . PHE A 1 44  ? -7.369  3.532   0.914   1.000 12.395 ? 83  PHE AAA CE1 1 ? 
ATOM   369  C  CE2 . PHE A 1 44  ? -9.166  1.978   0.891   1.000 11.466 ? 83  PHE AAA CE2 1 ? 
ATOM   370  C  CZ  . PHE A 1 44  ? -8.638  3.169   1.310   1.000 11.546 ? 83  PHE AAA CZ  1 ? 
ATOM   371  N  N   . GLN A 1 45  ? -6.277  -0.159  -4.773  1.000 9.112  ? 84  GLN AAA N   1 ? 
ATOM   372  C  CA  . GLN A 1 45  ? -5.644  -1.157  -5.639  1.000 9.801  ? 84  GLN AAA CA  1 ? 
ATOM   373  C  C   . GLN A 1 45  ? -4.778  -0.557  -6.738  1.000 9.486  ? 84  GLN AAA C   1 ? 
ATOM   374  O  O   . GLN A 1 45  ? -4.154  -1.305  -7.482  1.000 10.458 ? 84  GLN AAA O   1 ? 
ATOM   375  C  CB  . GLN A 1 45  ? -6.711  -2.047  -6.293  1.000 10.566 ? 84  GLN AAA CB  1 ? 
ATOM   376  C  CG  . GLN A 1 45  ? -7.341  -3.014  -5.319  1.000 11.598 ? 84  GLN AAA CG  1 ? 
ATOM   377  C  CD  . GLN A 1 45  ? -8.514  -3.786  -5.917  1.000 12.380 ? 84  GLN AAA CD  1 ? 
ATOM   378  O  OE1 . GLN A 1 45  ? -9.203  -3.308  -6.823  1.000 14.229 ? 84  GLN AAA OE1 1 ? 
ATOM   379  N  NE2 . GLN A 1 45  ? -8.760  -4.991  -5.420  1.000 13.511 ? 84  GLN AAA NE2 1 ? 
ATOM   380  N  N   . GLN A 1 46  ? -4.585  0.749   -6.736  1.000 9.679  ? 85  GLN AAA N   1 ? 
ATOM   381  C  CA  . GLN A 1 46  ? -3.768  1.434   -7.730  1.000 9.461  ? 85  GLN AAA CA  1 ? 
ATOM   382  C  C   . GLN A 1 46  ? -3.389  2.794   -7.142  1.000 9.094  ? 85  GLN AAA C   1 ? 
ATOM   383  O  O   . GLN A 1 46  ? -4.083  3.297   -6.257  1.000 9.267  ? 85  GLN AAA O   1 ? 
ATOM   384  C  CB  . GLN A 1 46  ? -4.493  1.592   -9.074  1.000 11.656 ? 85  GLN AAA CB  1 ? 
ATOM   385  C  CG  . GLN A 1 46  ? -5.801  2.406   -8.971  1.000 12.414 ? 85  GLN AAA CG  1 ? 
ATOM   386  C  CD  . GLN A 1 46  ? -6.931  1.621   -8.321  1.000 12.184 ? 85  GLN AAA CD  1 ? 
ATOM   387  O  OE1 . GLN A 1 46  ? -7.209  0.483   -8.695  1.000 13.797 ? 85  GLN AAA OE1 1 ? 
ATOM   388  N  NE2 . GLN A 1 46  ? -7.580  2.178   -7.323  1.000 12.164 ? 85  GLN AAA NE2 1 ? 
ATOM   389  N  N   . PRO A 1 47  ? -2.375  3.453   -7.695  1.000 9.702  ? 86  PRO AAA N   1 ? 
ATOM   390  C  CA  . PRO A 1 47  ? -2.047  4.801   -7.252  1.000 9.868  ? 86  PRO AAA CA  1 ? 
ATOM   391  C  C   . PRO A 1 47  ? -3.244  5.736   -7.398  1.000 10.117 ? 86  PRO AAA C   1 ? 
ATOM   392  O  O   . PRO A 1 47  ? -4.066  5.600   -8.305  1.000 11.151 ? 86  PRO AAA O   1 ? 
ATOM   393  C  CB  . PRO A 1 47  ? -0.962  5.242   -8.239  1.000 12.034 ? 86  PRO AAA CB  1 ? 
ATOM   394  C  CG  . PRO A 1 47  ? -0.264  3.948   -8.579  1.000 12.635 ? 86  PRO AAA CG  1 ? 
ATOM   395  C  CD  . PRO A 1 47  ? -1.379  2.929   -8.660  1.000 11.904 ? 86  PRO AAA CD  1 ? 
ATOM   396  N  N   . VAL A 1 48  ? -3.344  6.700   -6.504  1.000 10.405 ? 87  VAL AAA N   1 ? 
ATOM   397  C  CA  . VAL A 1 48  ? -4.379  7.716   -6.574  1.000 11.395 ? 87  VAL AAA CA  1 ? 
ATOM   398  C  C   . VAL A 1 48  ? -4.203  8.510   -7.881  1.000 11.289 ? 87  VAL AAA C   1 ? 
ATOM   399  O  O   . VAL A 1 48  ? -3.145  9.112   -8.122  1.000 11.580 ? 87  VAL AAA O   1 ? 
ATOM   400  C  CB  . VAL A 1 48  ? -4.379  8.638   -5.342  1.000 12.367 ? 87  VAL AAA CB  1 ? 
ATOM   401  C  CG1 . VAL A 1 48  ? -5.368  9.798   -5.498  1.000 13.443 ? 87  VAL AAA CG1 1 ? 
ATOM   402  C  CG2 . VAL A 1 48  ? -4.721  7.835   -4.100  1.000 12.249 ? 87  VAL AAA CG2 1 ? 
ATOM   403  N  N   . ASP A 1 49  ? -5.242  8.502   -8.715  1.000 11.843 ? 88  ASP AAA N   1 ? 
ATOM   404  C  CA  . ASP A 1 49  ? -5.210  9.242   -9.970  1.000 12.674 ? 88  ASP AAA CA  1 ? 
ATOM   405  C  C   . ASP A 1 49  ? -5.878  10.577  -9.674  1.000 11.568 ? 88  ASP AAA C   1 ? 
ATOM   406  O  O   . ASP A 1 49  ? -7.094  10.741  -9.696  1.000 11.924 ? 88  ASP AAA O   1 ? 
ATOM   407  C  CB  . ASP A 1 49  ? -5.899  8.509   -11.118 1.000 14.815 ? 88  ASP AAA CB  1 ? 
ATOM   408  C  CG  . ASP A 1 49  ? -5.799  9.240   -12.450 1.000 14.691 ? 88  ASP AAA CG  1 ? 
ATOM   409  O  OD1 . ASP A 1 49  ? -5.607  10.443  -12.464 1.000 13.861 ? 88  ASP AAA OD1 1 ? 
ATOM   410  O  OD2 . ASP A 1 49  ? -6.009  8.575   -13.488 1.000 20.793 ? 88  ASP AAA OD2 1 ? 
ATOM   411  N  N   . ALA A 1 50  ? -5.043  11.520  -9.293  1.000 11.415 ? 89  ALA AAA N   1 ? 
ATOM   412  C  CA  . ALA A 1 50  ? -5.492  12.828  -8.828  1.000 12.255 ? 89  ALA AAA CA  1 ? 
ATOM   413  C  C   . ALA A 1 50  ? -6.187  13.592  -9.970  1.000 11.655 ? 89  ALA AAA C   1 ? 
ATOM   414  O  O   . ALA A 1 50  ? -7.054  14.439  -9.704  1.000 12.934 ? 89  ALA AAA O   1 ? 
ATOM   415  C  CB  . ALA A 1 50  ? -4.322  13.592  -8.246  1.000 13.727 ? 89  ALA AAA CB  1 ? 
ATOM   416  N  N   . VAL A 1 51  ? -5.811  13.343  -11.208 1.000 11.614 ? 90  VAL AAA N   1 ? 
ATOM   417  C  CA  . VAL A 1 51  ? -6.447  14.035  -12.323 1.000 13.241 ? 90  VAL AAA CA  1 ? 
ATOM   418  C  C   . VAL A 1 51  ? -7.873  13.517  -12.467 1.000 13.180 ? 90  VAL AAA C   1 ? 
ATOM   419  O  O   . VAL A 1 51  ? -8.827  14.298  -12.504 1.000 13.544 ? 90  VAL AAA O   1 ? 
ATOM   420  C  CB  . VAL A 1 51  ? -5.655  13.816  -13.635 1.000 13.364 ? 90  VAL AAA CB  1 ? 
ATOM   421  C  CG1 . VAL A 1 51  ? -6.386  14.332  -14.878 1.000 17.072 ? 90  VAL AAA CG1 1 ? 
ATOM   422  C  CG2 . VAL A 1 51  ? -4.266  14.439  -13.543 1.000 15.683 ? 90  VAL AAA CG2 1 ? 
ATOM   423  N  N   . LYS A 1 52  ? -8.035  12.194  -12.465 1.000 12.392 ? 91  LYS AAA N   1 ? 
ATOM   424  C  CA  . LYS A 1 52  ? -9.339  11.633  -12.717 1.000 14.171 ? 91  LYS AAA CA  1 ? 
ATOM   425  C  C   . LYS A 1 52  ? -10.268 11.976  -11.567 1.000 12.839 ? 91  LYS AAA C   1 ? 
ATOM   426  O  O   . LYS A 1 52  ? -11.466 12.182  -11.777 1.000 13.410 ? 91  LYS AAA O   1 ? 
ATOM   427  C  CB  . LYS A 1 52  ? -9.272  10.126  -12.907 1.000 16.621 ? 91  LYS AAA CB  1 ? 
ATOM   428  C  CG  . LYS A 1 52  ? -10.527 9.548   -13.585 1.000 21.924 ? 91  LYS AAA CG  1 ? 
ATOM   429  C  CD  . LYS A 1 52  ? -10.475 8.126   -14.162 1.000 21.700 ? 91  LYS AAA CD  1 ? 
ATOM   430  C  CE  . LYS A 1 52  ? -11.651 7.774   -15.071 1.000 20.998 ? 91  LYS AAA CE  1 ? 
ATOM   431  N  NZ  . LYS A 1 52  ? -11.642 6.330   -15.358 1.000 22.863 ? 91  LYS AAA NZ  1 ? 
ATOM   432  N  N   . LEU A 1 53  ? -9.757  12.041  -10.333 1.000 12.132 ? 92  LEU AAA N   1 ? 
ATOM   433  C  CA  . LEU A 1 53  ? -10.556 12.380  -9.159  1.000 12.723 ? 92  LEU AAA CA  1 ? 
ATOM   434  C  C   . LEU A 1 53  ? -10.712 13.888  -8.929  1.000 12.779 ? 92  LEU AAA C   1 ? 
ATOM   435  O  O   . LEU A 1 53  ? -11.383 14.271  -7.970  1.000 14.497 ? 92  LEU AAA O   1 ? 
ATOM   436  C  CB  . LEU A 1 53  ? -9.944  11.723  -7.912  1.000 13.307 ? 92  LEU AAA CB  1 ? 
ATOM   437  C  CG  . LEU A 1 53  ? -10.039 10.199  -7.883  1.000 14.855 ? 92  LEU AAA CG  1 ? 
ATOM   438  C  CD1 . LEU A 1 53  ? -9.141  9.594   -6.815  1.000 19.597 ? 92  LEU AAA CD1 1 ? 
ATOM   439  C  CD2 . LEU A 1 53  ? -11.462 9.729   -7.670  1.000 18.090 ? 92  LEU AAA CD2 1 ? 
ATOM   440  N  N   . ASN A 1 54  ? -10.100 14.723  -9.761  1.000 13.015 ? 93  ASN AAA N   1 ? 
ATOM   441  C  CA  . ASN A 1 54  ? -10.186 16.170  -9.576  1.000 13.669 ? 93  ASN AAA CA  1 ? 
ATOM   442  C  C   . ASN A 1 54  ? -9.683  16.602  -8.209  1.000 13.722 ? 93  ASN AAA C   1 ? 
ATOM   443  O  O   . ASN A 1 54  ? -10.351 17.402  -7.528  1.000 15.514 ? 93  ASN AAA O   1 ? 
ATOM   444  C  CB  . ASN A 1 54  ? -11.609 16.703  -9.855  1.000 17.004 ? 93  ASN AAA CB  1 ? 
ATOM   445  C  CG  . ASN A 1 54  ? -11.605 18.216  -9.896  1.000 23.047 ? 93  ASN AAA CG  1 ? 
ATOM   446  O  OD1 . ASN A 1 54  ? -10.581 18.838  -10.215 1.000 25.436 ? 93  ASN AAA OD1 1 ? 
ATOM   447  N  ND2 . ASN A 1 54  ? -12.722 18.833  -9.541  1.000 26.580 ? 93  ASN AAA ND2 1 ? 
ATOM   448  N  N   . LEU A 1 55  ? -8.503  16.083  -7.843  1.000 12.369 ? 94  LEU AAA N   1 ? 
ATOM   449  C  CA  . LEU A 1 55  ? -7.869  16.415  -6.572  1.000 11.480 ? 94  LEU AAA CA  1 ? 
ATOM   450  C  C   . LEU A 1 55  ? -6.516  17.009  -6.868  1.000 10.768 ? 94  LEU AAA C   1 ? 
ATOM   451  O  O   . LEU A 1 55  ? -5.490  16.374  -6.599  1.000 10.750 ? 94  LEU AAA O   1 ? 
ATOM   452  C  CB  . LEU A 1 55  ? -7.710  15.153  -5.720  1.000 12.949 ? 94  LEU AAA CB  1 ? 
ATOM   453  C  CG  . LEU A 1 55  ? -9.010  14.429  -5.358  1.000 15.525 ? 94  LEU AAA CG  1 ? 
ATOM   454  C  CD1 . LEU A 1 55  ? -8.677  13.131  -4.607  1.000 17.225 ? 94  LEU AAA CD1 1 ? 
ATOM   455  C  CD2 . LEU A 1 55  ? -9.958  15.322  -4.558  1.000 17.988 ? 94  LEU AAA CD2 1 ? 
ATOM   456  N  N   . PRO A 1 56  ? -6.426  18.223  -7.447  1.000 11.322 ? 95  PRO AAA N   1 ? 
ATOM   457  C  CA  . PRO A 1 56  ? -5.122  18.729  -7.861  1.000 11.651 ? 95  PRO AAA CA  1 ? 
ATOM   458  C  C   . PRO A 1 56  ? -4.175  18.971  -6.692  1.000 11.324 ? 95  PRO AAA C   1 ? 
ATOM   459  O  O   . PRO A 1 56  ? -2.967  19.011  -6.913  1.000 13.568 ? 95  PRO AAA O   1 ? 
ATOM   460  C  CB  . PRO A 1 56  ? -5.404  20.065  -8.577  1.000 12.659 ? 95  PRO AAA CB  1 ? 
ATOM   461  C  CG  . PRO A 1 56  ? -6.726  20.450  -8.015  1.000 13.153 ? 95  PRO AAA CG  1 ? 
ATOM   462  C  CD  . PRO A 1 56  ? -7.498  19.144  -7.858  1.000 13.016 ? 95  PRO AAA CD  1 ? 
ATOM   463  N  N   . ASP A 1 57  ? -4.672  19.088  -5.456  1.000 10.932 ? 96  ASP AAA N   1 ? 
ATOM   464  C  CA  . ASP A 1 57  ? -3.790  19.258  -4.318  1.000 11.147 ? 96  ASP AAA CA  1 ? 
ATOM   465  C  C   . ASP A 1 57  ? -3.287  17.920  -3.751  1.000 10.406 ? 96  ASP AAA C   1 ? 
ATOM   466  O  O   . ASP A 1 57  ? -2.524  17.966  -2.802  1.000 11.946 ? 96  ASP AAA O   1 ? 
ATOM   467  C  CB  . ASP A 1 57  ? -4.421  20.108  -3.208  1.000 13.411 ? 96  ASP AAA CB  1 ? 
ATOM   468  C  CG  . ASP A 1 57  ? -5.499  19.386  -2.450  1.000 15.673 ? 96  ASP AAA CG  1 ? 
ATOM   469  O  OD1 . ASP A 1 57  ? -6.048  18.389  -2.977  1.000 14.757 ? 96  ASP AAA OD1 1 ? 
ATOM   470  O  OD2 . ASP A 1 57  ? -5.798  19.842  -1.340  1.000 19.728 ? 96  ASP AAA OD2 1 ? 
ATOM   471  N  N   . TYR A 1 58  ? -3.721  16.758  -4.275  1.000 10.400 ? 97  TYR AAA N   1 ? 
ATOM   472  C  CA  . TYR A 1 58  ? -3.412  15.497  -3.602  1.000 9.958  ? 97  TYR AAA CA  1 ? 
ATOM   473  C  C   . TYR A 1 58  ? -1.912  15.309  -3.406  1.000 10.368 ? 97  TYR AAA C   1 ? 
ATOM   474  O  O   . TYR A 1 58  ? -1.452  15.032  -2.294  1.000 10.095 ? 97  TYR AAA O   1 ? 
ATOM   475  C  CB  . TYR A 1 58  ? -4.039  14.283  -4.301  1.000 10.470 ? 97  TYR AAA CB  1 ? 
ATOM   476  C  CG  . TYR A 1 58  ? -3.811  13.013  -3.539  1.000 10.210 ? 97  TYR AAA CG  1 ? 
ATOM   477  C  CD1 . TYR A 1 58  ? -4.653  12.670  -2.497  1.000 10.865 ? 97  TYR AAA CD1 1 ? 
ATOM   478  C  CD2 . TYR A 1 58  ? -2.755  12.187  -3.833  1.000 10.439 ? 97  TYR AAA CD2 1 ? 
ATOM   479  C  CE1 . TYR A 1 58  ? -4.401  11.552  -1.712  1.000 10.875 ? 97  TYR AAA CE1 1 ? 
ATOM   480  C  CE2 . TYR A 1 58  ? -2.534  11.036  -3.094  1.000 10.539 ? 97  TYR AAA CE2 1 ? 
ATOM   481  C  CZ  . TYR A 1 58  ? -3.365  10.715  -2.036  1.000 10.902 ? 97  TYR AAA CZ  1 ? 
ATOM   482  O  OH  . TYR A 1 58  ? -3.160  9.576   -1.252  1.000 12.352 ? 97  TYR AAA OH  1 ? 
ATOM   483  N  N   . TYR A 1 59  ? -1.157  15.470  -4.489  1.000 10.028 ? 98  TYR AAA N   1 ? 
ATOM   484  C  CA  . TYR A 1 59  ? 0.283   15.258  -4.455  1.000 11.183 ? 98  TYR AAA CA  1 ? 
ATOM   485  C  C   . TYR A 1 59  ? 1.044   16.511  -4.027  1.000 12.087 ? 98  TYR AAA C   1 ? 
ATOM   486  O  O   . TYR A 1 59  ? 2.271   16.437  -3.881  1.000 14.486 ? 98  TYR AAA O   1 ? 
ATOM   487  C  CB  . TYR A 1 59  ? 0.786   14.683  -5.779  1.000 11.211 ? 98  TYR AAA CB  1 ? 
ATOM   488  C  CG  . TYR A 1 59  ? 0.299   13.275  -5.991  1.000 10.477 ? 98  TYR AAA CG  1 ? 
ATOM   489  C  CD1 . TYR A 1 59  ? 0.759   12.223  -5.187  1.000 11.220 ? 98  TYR AAA CD1 1 ? 
ATOM   490  C  CD2 . TYR A 1 59  ? -0.650  12.991  -6.957  1.000 10.162 ? 98  TYR AAA CD2 1 ? 
ATOM   491  C  CE1 . TYR A 1 59  ? 0.313   10.923  -5.383  1.000 11.083 ? 98  TYR AAA CE1 1 ? 
ATOM   492  C  CE2 . TYR A 1 59  ? -1.110  11.693  -7.158  1.000 11.052 ? 98  TYR AAA CE2 1 ? 
ATOM   493  C  CZ  . TYR A 1 59  ? -0.609  10.645  -6.366  1.000 10.192 ? 98  TYR AAA CZ  1 ? 
ATOM   494  O  OH  . TYR A 1 59  ? -1.033  9.350   -6.551  1.000 11.923 ? 98  TYR AAA OH  1 ? 
ATOM   495  N  N   . LYS A 1 60  ? 0.316   17.571  -3.687  1.000 12.961 ? 99  LYS AAA N   1 ? 
ATOM   496  C  CA  . LYS A 1 60  ? 0.910   18.666  -2.940  1.000 14.424 ? 99  LYS AAA CA  1 ? 
ATOM   497  C  C   . LYS A 1 60  ? 0.980   18.270  -1.459  1.000 14.698 ? 99  LYS AAA C   1 ? 
ATOM   498  O  O   . LYS A 1 60  ? 1.899   18.649  -0.753  1.000 17.931 ? 99  LYS AAA O   1 ? 
ATOM   499  C  CB  . LYS A 1 60  ? 0.038   19.919  -3.113  1.000 15.984 ? 99  LYS AAA CB  1 ? 
ATOM   500  C  CG  . LYS A 1 60  ? 0.552   21.216  -2.519  1.000 16.246 ? 99  LYS AAA CG  1 ? 
ATOM   501  C  CD  . LYS A 1 60  ? 1.707   21.788  -3.324  1.000 20.301 ? 99  LYS AAA CD  1 ? 
ATOM   502  C  CE  . LYS A 1 60  ? 2.408   22.864  -2.542  1.000 24.210 ? 99  LYS AAA CE  1 ? 
ATOM   503  N  NZ  . LYS A 1 60  ? 3.602   23.254  -3.314  1.000 26.306 ? 99  LYS AAA NZ  1 ? 
ATOM   504  N  N   A ILE A 1 61  ? -0.062  17.561  -0.978  0.500 12.665 ? 100 ILE AAA N   1 ? 
ATOM   505  N  N   B ILE A 1 61  ? 0.016   17.472  -0.962  0.500 13.056 ? 100 ILE AAA N   1 ? 
ATOM   506  C  CA  A ILE A 1 61  ? -0.128  17.124  0.413   0.500 12.767 ? 100 ILE AAA CA  1 ? 
ATOM   507  C  CA  B ILE A 1 61  ? -0.114  17.107  0.447   0.500 12.836 ? 100 ILE AAA CA  1 ? 
ATOM   508  C  C   A ILE A 1 61  ? 0.637   15.816  0.633   0.500 12.072 ? 100 ILE AAA C   1 ? 
ATOM   509  C  C   B ILE A 1 61  ? 0.517   15.741  0.747   0.500 12.399 ? 100 ILE AAA C   1 ? 
ATOM   510  O  O   A ILE A 1 61  ? 1.388   15.684  1.603   0.500 13.709 ? 100 ILE AAA O   1 ? 
ATOM   511  O  O   B ILE A 1 61  ? 1.079   15.514  1.841   0.500 12.994 ? 100 ILE AAA O   1 ? 
ATOM   512  C  CB  A ILE A 1 61  ? -1.598  16.982  0.872   0.500 12.570 ? 100 ILE AAA CB  1 ? 
ATOM   513  C  CB  B ILE A 1 61  ? -1.624  17.142  0.758   0.500 12.964 ? 100 ILE AAA CB  1 ? 
ATOM   514  C  CG1 A ILE A 1 61  ? -2.417  18.261  0.673   0.500 14.417 ? 100 ILE AAA CG1 1 ? 
ATOM   515  C  CG1 B ILE A 1 61  ? -2.160  18.575  0.656   0.500 15.194 ? 100 ILE AAA CG1 1 ? 
ATOM   516  C  CG2 A ILE A 1 61  ? -1.644  16.534  2.321   0.500 14.298 ? 100 ILE AAA CG2 1 ? 
ATOM   517  C  CG2 B ILE A 1 61  ? -1.967  16.537  2.107   0.500 13.495 ? 100 ILE AAA CG2 1 ? 
ATOM   518  C  CD1 A ILE A 1 61  ? -1.741  19.509  1.194   0.500 14.338 ? 100 ILE AAA CD1 1 ? 
ATOM   519  C  CD1 B ILE A 1 61  ? -3.633  18.675  0.915   0.500 15.409 ? 100 ILE AAA CD1 1 ? 
ATOM   520  N  N   . ILE A 1 62  ? 0.384   14.816  -0.212  1.000 10.721 ? 101 ILE AAA N   1 ? 
ATOM   521  C  CA  . ILE A 1 62  ? 0.926   13.477  -0.021  1.000 10.329 ? 101 ILE AAA CA  1 ? 
ATOM   522  C  C   . ILE A 1 62  ? 2.206   13.362  -0.832  1.000 10.543 ? 101 ILE AAA C   1 ? 
ATOM   523  O  O   . ILE A 1 62  ? 2.197   13.278  -2.055  1.000 11.364 ? 101 ILE AAA O   1 ? 
ATOM   524  C  CB  . ILE A 1 62  ? -0.121  12.448  -0.442  1.000 10.830 ? 101 ILE AAA CB  1 ? 
ATOM   525  C  CG1 . ILE A 1 62  ? -1.373  12.553  0.448   1.000 11.071 ? 101 ILE AAA CG1 1 ? 
ATOM   526  C  CG2 . ILE A 1 62  ? 0.483   11.045  -0.389  1.000 11.426 ? 101 ILE AAA CG2 1 ? 
ATOM   527  C  CD1 . ILE A 1 62  ? -1.112  12.457  1.952   1.000 11.800 ? 101 ILE AAA CD1 1 ? 
ATOM   528  N  N   . LYS A 1 63  ? 3.325   13.378  -0.114  1.000 10.669 ? 102 LYS AAA N   1 ? 
ATOM   529  C  CA  . LYS A 1 63  ? 4.648   13.351  -0.752  1.000 11.423 ? 102 LYS AAA CA  1 ? 
ATOM   530  C  C   . LYS A 1 63  ? 5.257   11.967  -0.653  1.000 11.872 ? 102 LYS AAA C   1 ? 
ATOM   531  O  O   . LYS A 1 63  ? 6.337   11.739  -1.219  1.000 14.301 ? 102 LYS AAA O   1 ? 
ATOM   532  C  CB  . LYS A 1 63  ? 5.604   14.366  -0.136  1.000 13.426 ? 102 LYS AAA CB  1 ? 
ATOM   533  C  CG  . LYS A 1 63  ? 5.137   15.795  -0.281  1.000 15.341 ? 102 LYS AAA CG  1 ? 
ATOM   534  C  CD  . LYS A 1 63  ? 5.055   16.168  -1.755  1.000 16.629 ? 102 LYS AAA CD  1 ? 
ATOM   535  C  CE  . LYS A 1 63  ? 4.852   17.646  -1.901  1.000 19.610 ? 102 LYS AAA CE  1 ? 
ATOM   536  N  NZ  . LYS A 1 63  ? 4.585   17.919  -3.315  1.000 17.408 ? 102 LYS AAA NZ  1 ? 
ATOM   537  N  N   . THR A 1 64  ? 4.603   11.026  0.012   1.000 12.388 ? 103 THR AAA N   1 ? 
ATOM   538  C  CA  . THR A 1 64  ? 5.101   9.676   0.083   1.000 13.121 ? 103 THR AAA CA  1 ? 
ATOM   539  C  C   . THR A 1 64  ? 3.958   8.766   -0.292  1.000 11.012 ? 103 THR AAA C   1 ? 
ATOM   540  O  O   . THR A 1 64  ? 3.394   8.067   0.585   1.000 13.098 ? 103 THR AAA O   1 ? 
ATOM   541  C  CB  . THR A 1 64  ? 5.702   9.337   1.450   1.000 17.908 ? 103 THR AAA CB  1 ? 
ATOM   542  O  OG1 . THR A 1 64  ? 4.661   9.494   2.406   1.000 29.653 ? 103 THR AAA OG1 1 ? 
ATOM   543  C  CG2 . THR A 1 64  ? 6.904   10.183  1.806   1.000 17.809 ? 103 THR AAA CG2 1 ? 
ATOM   544  N  N   . PRO A 1 65  ? 3.562   8.698   -1.555  1.000 10.708 ? 104 PRO AAA N   1 ? 
ATOM   545  C  CA  . PRO A 1 65  ? 2.394   7.911   -1.922  1.000 11.629 ? 104 PRO AAA CA  1 ? 
ATOM   546  C  C   . PRO A 1 65  ? 2.681   6.427   -1.881  1.000 10.135 ? 104 PRO AAA C   1 ? 
ATOM   547  O  O   . PRO A 1 65  ? 3.777   5.955   -2.157  1.000 10.550 ? 104 PRO AAA O   1 ? 
ATOM   548  C  CB  . PRO A 1 65  ? 2.067   8.321   -3.351  1.000 14.512 ? 104 PRO AAA CB  1 ? 
ATOM   549  C  CG  . PRO A 1 65  ? 3.179   9.246   -3.821  1.000 13.037 ? 104 PRO AAA CG  1 ? 
ATOM   550  C  CD  . PRO A 1 65  ? 4.164   9.430   -2.704  1.000 12.999 ? 104 PRO AAA CD  1 ? 
ATOM   551  N  N   . MET A 1 66  ? 1.629   5.647   -1.568  1.000 9.777  ? 105 MET AAA N   1 ? 
ATOM   552  C  CA  . MET A 1 66  ? 1.754   4.204   -1.670  1.000 8.637  ? 105 MET AAA CA  1 ? 
ATOM   553  C  C   . MET A 1 66  ? 0.357   3.619   -1.853  1.000 8.624  ? 105 MET AAA C   1 ? 
ATOM   554  O  O   . MET A 1 66  ? -0.629  4.203   -1.351  1.000 10.041 ? 105 MET AAA O   1 ? 
ATOM   555  C  CB  . MET A 1 66  ? 2.401   3.614   -0.412  1.000 9.621  ? 105 MET AAA CB  1 ? 
ATOM   556  C  CG  . MET A 1 66  ? 2.758   2.137   -0.480  1.000 9.332  ? 105 MET AAA CG  1 ? 
ATOM   557  S  SD  . MET A 1 66  ? 3.665   1.584   -1.955  1.000 9.349  ? 105 MET AAA SD  1 ? 
ATOM   558  C  CE  . MET A 1 66  ? 5.144   2.607   -1.860  1.000 11.472 ? 105 MET AAA CE  1 ? 
ATOM   559  N  N   . ASP A 1 67  ? 0.266   2.461   -2.463  1.000 8.793  ? 106 ASP AAA N   1 ? 
ATOM   560  C  CA  . ASP A 1 67  ? -1.022  1.840   -2.750  1.000 8.870  ? 106 ASP AAA CA  1 ? 
ATOM   561  C  C   . ASP A 1 67  ? -0.781  0.347   -2.833  1.000 8.173  ? 106 ASP AAA C   1 ? 
ATOM   562  O  O   . ASP A 1 67  ? 0.386   -0.113  -3.001  1.000 8.453  ? 106 ASP AAA O   1 ? 
ATOM   563  C  CB  . ASP A 1 67  ? -1.607  2.352   -4.091  1.000 10.426 ? 106 ASP AAA CB  1 ? 
ATOM   564  C  CG  . ASP A 1 67  ? -0.728  1.947   -5.249  1.000 10.038 ? 106 ASP AAA CG  1 ? 
ATOM   565  O  OD1 . ASP A 1 67  ? 0.318   2.661   -5.448  1.000 10.289 ? 106 ASP AAA OD1 1 ? 
ATOM   566  O  OD2 . ASP A 1 67  ? -1.031  0.942   -5.877  1.000 9.929  ? 106 ASP AAA OD2 1 ? 
ATOM   567  N  N   . MET A 1 68  ? -1.843  -0.474  -2.790  1.000 9.044  ? 107 MET AAA N   1 ? 
ATOM   568  C  CA  . MET A 1 68  ? -1.709  -1.917  -2.811  1.000 9.598  ? 107 MET AAA CA  1 ? 
ATOM   569  C  C   . MET A 1 68  ? -1.361  -2.456  -4.181  1.000 9.313  ? 107 MET AAA C   1 ? 
ATOM   570  O  O   . MET A 1 68  ? -0.815  -3.549  -4.257  1.000 10.357 ? 107 MET AAA O   1 ? 
ATOM   571  C  CB  . MET A 1 68  ? -2.959  -2.666  -2.338  1.000 10.590 ? 107 MET AAA CB  1 ? 
ATOM   572  C  CG  . MET A 1 68  ? -3.290  -2.467  -0.890  1.000 11.841 ? 107 MET AAA CG  1 ? 
ATOM   573  S  SD  . MET A 1 68  ? -4.319  -3.738  -0.181  1.000 12.437 ? 107 MET AAA SD  1 ? 
ATOM   574  C  CE  . MET A 1 68  ? -5.829  -3.516  -1.133  1.000 12.210 ? 107 MET AAA CE  1 ? 
ATOM   575  N  N   . GLY A 1 69  ? -1.652  -1.723  -5.277  1.000 9.699  ? 108 GLY AAA N   1 ? 
ATOM   576  C  CA  . GLY A 1 69  ? -1.192  -2.172  -6.576  1.000 10.758 ? 108 GLY AAA CA  1 ? 
ATOM   577  C  C   . GLY A 1 69  ? 0.333   -2.173  -6.646  1.000 10.171 ? 108 GLY AAA C   1 ? 
ATOM   578  O  O   . GLY A 1 69  ? 0.969   -3.139  -7.124  1.000 10.828 ? 108 GLY AAA O   1 ? 
ATOM   579  N  N   . THR A 1 70  ? 0.939   -1.102  -6.132  1.000 9.300  ? 109 THR AAA N   1 ? 
ATOM   580  C  CA  . THR A 1 70  ? 2.397   -1.036  -6.035  1.000 9.384  ? 109 THR AAA CA  1 ? 
ATOM   581  C  C   . THR A 1 70  ? 2.937   -2.119  -5.109  1.000 8.518  ? 109 THR AAA C   1 ? 
ATOM   582  O  O   . THR A 1 70  ? 3.936   -2.800  -5.440  1.000 9.361  ? 109 THR AAA O   1 ? 
ATOM   583  C  CB  . THR A 1 70  ? 2.802   0.358   -5.560  1.000 9.299  ? 109 THR AAA CB  1 ? 
ATOM   584  O  OG1 . THR A 1 70  ? 2.348   1.340   -6.514  1.000 10.913 ? 109 THR AAA OG1 1 ? 
ATOM   585  C  CG2 . THR A 1 70  ? 4.305   0.472   -5.390  1.000 11.125 ? 109 THR AAA CG2 1 ? 
ATOM   586  N  N   . ILE A 1 71  ? 2.315   -2.301  -3.958  1.000 8.359  ? 110 ILE AAA N   1 ? 
ATOM   587  C  CA  . ILE A 1 71  ? 2.796   -3.328  -3.027  1.000 8.991  ? 110 ILE AAA CA  1 ? 
ATOM   588  C  C   . ILE A 1 71  ? 2.701   -4.704  -3.685  1.000 8.585  ? 110 ILE AAA C   1 ? 
ATOM   589  O  O   . ILE A 1 71  ? 3.607   -5.538  -3.562  1.000 9.505  ? 110 ILE AAA O   1 ? 
ATOM   590  C  CB  . ILE A 1 71  ? 1.987   -3.299  -1.710  1.000 8.941  ? 110 ILE AAA CB  1 ? 
ATOM   591  C  CG1 . ILE A 1 71  ? 2.284   -1.985  -0.972  1.000 8.937  ? 110 ILE AAA CG1 1 ? 
ATOM   592  C  CG2 . ILE A 1 71  ? 2.333   -4.507  -0.841  1.000 10.037 ? 110 ILE AAA CG2 1 ? 
ATOM   593  C  CD1 . ILE A 1 71  ? 1.323   -1.695  0.171   1.000 9.876  ? 110 ILE AAA CD1 1 ? 
ATOM   594  N  N   . LYS A 1 72  ? 1.586   -4.989  -4.398  1.000 9.645  ? 111 LYS AAA N   1 ? 
ATOM   595  C  CA  . LYS A 1 72  ? 1.434   -6.273  -5.064  1.000 11.140 ? 111 LYS AAA CA  1 ? 
ATOM   596  C  C   . LYS A 1 72  ? 2.562   -6.479  -6.064  1.000 11.698 ? 111 LYS AAA C   1 ? 
ATOM   597  O  O   . LYS A 1 72  ? 3.144   -7.580  -6.125  1.000 12.422 ? 111 LYS AAA O   1 ? 
ATOM   598  C  CB  . LYS A 1 72  ? 0.069   -6.316  -5.750  1.000 12.493 ? 111 LYS AAA CB  1 ? 
ATOM   599  C  CG  . LYS A 1 72  ? -0.207  -7.598  -6.535  1.000 15.223 ? 111 LYS AAA CG  1 ? 
ATOM   600  C  CD  . LYS A 1 72  ? -1.637  -7.530  -7.131  1.000 18.504 ? 111 LYS AAA CD  1 ? 
ATOM   601  C  CE  . LYS A 1 72  ? -2.006  -8.749  -7.970  1.000 22.534 ? 111 LYS AAA CE  1 ? 
ATOM   602  N  NZ  . LYS A 1 72  ? -1.198  -8.779  -9.208  1.000 29.527 ? 111 LYS AAA NZ  1 ? 
ATOM   603  N  N   . LYS A 1 73  ? 2.886   -5.468  -6.851  1.000 11.523 ? 112 LYS AAA N   1 ? 
ATOM   604  C  CA  . LYS A 1 73  ? 3.997   -5.572  -7.793  1.000 12.512 ? 112 LYS AAA CA  1 ? 
ATOM   605  C  C   . LYS A 1 73  ? 5.302   -5.832  -7.039  1.000 11.401 ? 112 LYS AAA C   1 ? 
ATOM   606  O  O   . LYS A 1 73  ? 6.148   -6.624  -7.489  1.000 12.558 ? 112 LYS AAA O   1 ? 
ATOM   607  C  CB  . LYS A 1 73  ? 4.141   -4.297  -8.653  1.000 13.976 ? 112 LYS AAA CB  1 ? 
ATOM   608  C  CG  . LYS A 1 73  ? 3.133   -4.126  -9.774  1.000 18.216 ? 112 LYS AAA CG  1 ? 
ATOM   609  C  CD  . LYS A 1 73  ? 3.282   -2.815  -10.516 1.000 21.977 ? 112 LYS AAA CD  1 ? 
ATOM   610  C  CE  . LYS A 1 73  ? 2.120   -2.617  -11.469 1.000 27.160 ? 112 LYS AAA CE  1 ? 
ATOM   611  N  NZ  . LYS A 1 73  ? 0.944   -2.039  -10.770 1.000 34.852 ? 112 LYS AAA NZ  1 ? 
ATOM   612  N  N   . ARG A 1 74  ? 5.568   -5.072  -5.973  1.000 10.287 ? 113 ARG AAA N   1 ? 
ATOM   613  C  CA  . ARG A 1 74  ? 6.791   -5.260  -5.203  1.000 10.142 ? 113 ARG AAA CA  1 ? 
ATOM   614  C  C   . ARG A 1 74  ? 6.888   -6.681  -4.665  1.000 9.807  ? 113 ARG AAA C   1 ? 
ATOM   615  O  O   . ARG A 1 74  ? 7.995   -7.269  -4.627  1.000 10.886 ? 113 ARG AAA O   1 ? 
ATOM   616  C  CB  . ARG A 1 74  ? 6.907   -4.224  -4.082  1.000 9.651  ? 113 ARG AAA CB  1 ? 
ATOM   617  C  CG  . ARG A 1 74  ? 7.221   -2.819  -4.587  1.000 9.859  ? 113 ARG AAA CG  1 ? 
ATOM   618  C  CD  . ARG A 1 74  ? 7.289   -1.797  -3.510  1.000 9.417  ? 113 ARG AAA CD  1 ? 
ATOM   619  N  NE  . ARG A 1 74  ? 7.785   -0.537  -4.012  1.000 9.291  ? 113 ARG AAA NE  1 ? 
ATOM   620  C  CZ  . ARG A 1 74  ? 8.218   0.468   -3.278  1.000 9.974  ? 113 ARG AAA CZ  1 ? 
ATOM   621  N  NH1 . ARG A 1 74  ? 8.122   0.458   -1.946  1.000 11.286 ? 113 ARG AAA NH1 1 ? 
ATOM   622  N  NH2 . ARG A 1 74  ? 8.785   1.538   -3.854  1.000 11.157 ? 113 ARG AAA NH2 1 ? 
ATOM   623  N  N   . LEU A 1 75  ? 5.814   -7.234  -4.138  1.000 10.174 ? 114 LEU AAA N   1 ? 
ATOM   624  C  CA  . LEU A 1 75  ? 5.844   -8.590  -3.619  1.000 11.005 ? 114 LEU AAA CA  1 ? 
ATOM   625  C  C   . LEU A 1 75  ? 6.007   -9.606  -4.761  1.000 11.897 ? 114 LEU AAA C   1 ? 
ATOM   626  O  O   . LEU A 1 75  ? 6.842   -10.548 -4.634  1.000 13.539 ? 114 LEU AAA O   1 ? 
ATOM   627  C  CB  . LEU A 1 75  ? 4.575   -8.887  -2.824  1.000 10.565 ? 114 LEU AAA CB  1 ? 
ATOM   628  C  CG  . LEU A 1 75  ? 4.520   -8.223  -1.456  1.000 10.057 ? 114 LEU AAA CG  1 ? 
ATOM   629  C  CD1 . LEU A 1 75  ? 3.085   -8.300  -0.895  1.000 10.937 ? 114 LEU AAA CD1 1 ? 
ATOM   630  C  CD2 . LEU A 1 75  ? 5.499   -8.874  -0.472  1.000 10.865 ? 114 LEU AAA CD2 1 ? 
ATOM   631  N  N   . GLU A 1 76  ? 5.224   -9.492  -5.842  1.000 11.942 ? 115 GLU AAA N   1 ? 
ATOM   632  C  CA  . GLU A 1 76  ? 5.243   -10.470 -6.930  1.000 13.975 ? 115 GLU AAA CA  1 ? 
ATOM   633  C  C   . GLU A 1 76  ? 6.555   -10.418 -7.706  1.000 15.093 ? 115 GLU AAA C   1 ? 
ATOM   634  O  O   . GLU A 1 76  ? 6.979   -11.470 -8.217  1.000 18.977 ? 115 GLU AAA O   1 ? 
ATOM   635  C  CB  . GLU A 1 76  ? 4.034   -10.325 -7.846  1.000 15.693 ? 115 GLU AAA CB  1 ? 
ATOM   636  C  CG  . GLU A 1 76  ? 2.742   -10.698 -7.133  1.000 16.065 ? 115 GLU AAA CG  1 ? 
ATOM   637  C  CD  . GLU A 1 76  ? 1.468   -10.523 -7.935  1.000 18.811 ? 115 GLU AAA CD  1 ? 
ATOM   638  O  OE1 . GLU A 1 76  ? 1.547   -9.911  -8.995  1.000 22.727 ? 115 GLU AAA OE1 1 ? 
ATOM   639  O  OE2 . GLU A 1 76  ? 0.406   -10.892 -7.434  1.000 22.916 ? 115 GLU AAA OE2 1 ? 
ATOM   640  N  N   . ASN A 1 77  ? 7.164   -9.245  -7.813  1.000 14.702 ? 116 ASN AAA N   1 ? 
ATOM   641  C  CA  . ASN A 1 77  ? 8.404   -9.051  -8.550  1.000 16.875 ? 116 ASN AAA CA  1 ? 
ATOM   642  C  C   . ASN A 1 77  ? 9.617   -8.977  -7.636  1.000 15.807 ? 116 ASN AAA C   1 ? 
ATOM   643  O  O   . ASN A 1 77  ? 10.669  -8.474  -8.065  1.000 18.880 ? 116 ASN AAA O   1 ? 
ATOM   644  C  CB  . ASN A 1 77  ? 8.326   -7.828  -9.473  1.000 22.559 ? 116 ASN AAA CB  1 ? 
ATOM   645  C  CG  . ASN A 1 77  ? 7.170   -7.921  -10.452 1.000 26.521 ? 116 ASN AAA CG  1 ? 
ATOM   646  O  OD1 . ASN A 1 77  ? 6.848   -9.000  -10.946 1.000 37.000 ? 116 ASN AAA OD1 1 ? 
ATOM   647  N  ND2 . ASN A 1 77  ? 6.526   -6.804  -10.729 1.000 32.479 ? 116 ASN AAA ND2 1 ? 
ATOM   648  N  N   . ASN A 1 78  ? 9.542   -9.565  -6.455  1.000 15.182 ? 117 ASN AAA N   1 ? 
ATOM   649  C  CA  . ASN A 1 78  ? 10.606  -9.624  -5.468  1.000 15.566 ? 117 ASN AAA CA  1 ? 
ATOM   650  C  C   . ASN A 1 78  ? 11.435  -8.333  -5.416  1.000 13.939 ? 117 ASN AAA C   1 ? 
ATOM   651  O  O   . ASN A 1 78  ? 12.612  -8.320  -5.785  1.000 15.633 ? 117 ASN AAA O   1 ? 
ATOM   652  C  CB  . ASN A 1 78  ? 11.458  -10.886 -5.744  1.000 21.685 ? 117 ASN AAA CB  1 ? 
ATOM   653  C  CG  . ASN A 1 78  ? 10.601  -12.144 -5.810  1.000 25.335 ? 117 ASN AAA CG  1 ? 
ATOM   654  O  OD1 . ASN A 1 78  ? 10.126  -12.649 -4.788  1.000 30.598 ? 117 ASN AAA OD1 1 ? 
ATOM   655  N  ND2 . ASN A 1 78  ? 10.348  -12.630 -7.017  1.000 28.566 ? 117 ASN AAA ND2 1 ? 
ATOM   656  N  N   . TYR A 1 79  ? 10.852  -7.253  -4.911  1.000 11.586 ? 118 TYR AAA N   1 ? 
ATOM   657  C  CA  . TYR A 1 79  ? 11.534  -5.992  -4.775  1.000 10.525 ? 118 TYR AAA CA  1 ? 
ATOM   658  C  C   . TYR A 1 79  ? 12.199  -5.849  -3.409  1.000 9.180  ? 118 TYR AAA C   1 ? 
ATOM   659  O  O   . TYR A 1 79  ? 13.075  -5.011  -3.238  1.000 10.333 ? 118 TYR AAA O   1 ? 
ATOM   660  C  CB  . TYR A 1 79  ? 10.499  -4.903  -5.019  1.000 11.182 ? 118 TYR AAA CB  1 ? 
ATOM   661  C  CG  . TYR A 1 79  ? 11.020  -3.499  -4.888  1.000 10.286 ? 118 TYR AAA CG  1 ? 
ATOM   662  C  CD1 . TYR A 1 79  ? 11.748  -2.912  -5.906  1.000 11.439 ? 118 TYR AAA CD1 1 ? 
ATOM   663  C  CD2 . TYR A 1 79  ? 10.779  -2.751  -3.722  1.000 11.065 ? 118 TYR AAA CD2 1 ? 
ATOM   664  C  CE1 . TYR A 1 79  ? 12.215  -1.618  -5.784  1.000 12.017 ? 118 TYR AAA CE1 1 ? 
ATOM   665  C  CE2 . TYR A 1 79  ? 11.216  -1.466  -3.580  1.000 11.854 ? 118 TYR AAA CE2 1 ? 
ATOM   666  C  CZ  . TYR A 1 79  ? 11.927  -0.889  -4.628  1.000 11.983 ? 118 TYR AAA CZ  1 ? 
ATOM   667  O  OH  . TYR A 1 79  ? 12.397  0.388   -4.474  1.000 13.629 ? 118 TYR AAA OH  1 ? 
ATOM   668  N  N   . TYR A 1 80  ? 11.653  -6.539  -2.402  1.000 9.427  ? 119 TYR AAA N   1 ? 
ATOM   669  C  CA  . TYR A 1 80  ? 12.019  -6.275  -1.009  1.000 9.795  ? 119 TYR AAA CA  1 ? 
ATOM   670  C  C   . TYR A 1 80  ? 13.224  -7.110  -0.585  1.000 10.428 ? 119 TYR AAA C   1 ? 
ATOM   671  O  O   . TYR A 1 80  ? 13.468  -8.201  -1.132  1.000 12.599 ? 119 TYR AAA O   1 ? 
ATOM   672  C  CB  . TYR A 1 80  ? 10.812  -6.606  -0.119  1.000 10.343 ? 119 TYR AAA CB  1 ? 
ATOM   673  C  CG  . TYR A 1 80  ? 9.613   -5.714  -0.311  1.000 9.320  ? 119 TYR AAA CG  1 ? 
ATOM   674  C  CD1 . TYR A 1 80  ? 9.640   -4.358  -0.059  1.000 9.543  ? 119 TYR AAA CD1 1 ? 
ATOM   675  C  CD2 . TYR A 1 80  ? 8.394   -6.266  -0.740  1.000 9.676  ? 119 TYR AAA CD2 1 ? 
ATOM   676  C  CE1 . TYR A 1 80  ? 8.501   -3.569  -0.172  1.000 9.196  ? 119 TYR AAA CE1 1 ? 
ATOM   677  C  CE2 . TYR A 1 80  ? 7.256   -5.504  -0.868  1.000 9.869  ? 119 TYR AAA CE2 1 ? 
ATOM   678  C  CZ  . TYR A 1 80  ? 7.305   -4.177  -0.556  1.000 9.136  ? 119 TYR AAA CZ  1 ? 
ATOM   679  O  OH  . TYR A 1 80  ? 6.130   -3.465  -0.664  1.000 10.333 ? 119 TYR AAA OH  1 ? 
ATOM   680  N  N   . TRP A 1 81  ? 13.888  -6.619  0.461   1.000 10.285 ? 120 TRP AAA N   1 ? 
ATOM   681  C  CA  . TRP A 1 81  ? 14.861  -7.410  1.221   1.000 10.770 ? 120 TRP AAA CA  1 ? 
ATOM   682  C  C   . TRP A 1 81  ? 14.232  -7.981  2.485   1.000 10.111 ? 120 TRP AAA C   1 ? 
ATOM   683  O  O   . TRP A 1 81  ? 14.613  -9.074  2.932   1.000 11.197 ? 120 TRP AAA O   1 ? 
ATOM   684  C  CB  . TRP A 1 81  ? 16.079  -6.554  1.624   1.000 11.474 ? 120 TRP AAA CB  1 ? 
ATOM   685  C  CG  . TRP A 1 81  ? 17.206  -7.310  2.290   1.000 11.397 ? 120 TRP AAA CG  1 ? 
ATOM   686  C  CD1 . TRP A 1 81  ? 17.443  -7.385  3.641   1.000 11.976 ? 120 TRP AAA CD1 1 ? 
ATOM   687  C  CD2 . TRP A 1 81  ? 18.197  -8.135  1.655   1.000 10.019 ? 120 TRP AAA CD2 1 ? 
ATOM   688  N  NE1 . TRP A 1 81  ? 18.524  -8.209  3.845   1.000 11.966 ? 120 TRP AAA NE1 1 ? 
ATOM   689  C  CE2 . TRP A 1 81  ? 19.032  -8.669  2.660   1.000 10.662 ? 120 TRP AAA CE2 1 ? 
ATOM   690  C  CE3 . TRP A 1 81  ? 18.491  -8.459  0.327   1.000 11.041 ? 120 TRP AAA CE3 1 ? 
ATOM   691  C  CZ2 . TRP A 1 81  ? 20.090  -9.529  2.369   1.000 11.169 ? 120 TRP AAA CZ2 1 ? 
ATOM   692  C  CZ3 . TRP A 1 81  ? 19.575  -9.275  0.048   1.000 10.701 ? 120 TRP AAA CZ3 1 ? 
ATOM   693  C  CH2 . TRP A 1 81  ? 20.358  -9.824  1.081   1.000 11.838 ? 120 TRP AAA CH2 1 ? 
ATOM   694  N  N   . ASN A 1 82  ? 13.293  -7.270  3.086   1.000 10.713 ? 121 ASN AAA N   1 ? 
ATOM   695  C  CA  . ASN A 1 82  ? 12.706  -7.781  4.327   1.000 10.832 ? 121 ASN AAA CA  1 ? 
ATOM   696  C  C   . ASN A 1 82  ? 11.235  -7.381  4.465   1.000 10.728 ? 121 ASN AAA C   1 ? 
ATOM   697  O  O   . ASN A 1 82  ? 10.688  -6.559  3.701   1.000 10.788 ? 121 ASN AAA O   1 ? 
ATOM   698  C  CB  . ASN A 1 82  ? 13.504  -7.369  5.570   1.000 11.027 ? 121 ASN AAA CB  1 ? 
ATOM   699  C  CG  . ASN A 1 82  ? 13.552  -5.876  5.786   1.000 10.951 ? 121 ASN AAA CG  1 ? 
ATOM   700  O  OD1 . ASN A 1 82  ? 12.524  -5.197  5.611   1.000 12.832 ? 121 ASN AAA OD1 1 ? 
ATOM   701  N  ND2 . ASN A 1 82  ? 14.646  -5.295  6.272   1.000 13.530 ? 121 ASN AAA ND2 1 ? 
ATOM   702  N  N   . ALA A 1 83  ? 10.587  -7.969  5.472   1.000 10.895 ? 122 ALA AAA N   1 ? 
ATOM   703  C  CA  . ALA A 1 83  ? 9.166   -7.734  5.682   1.000 11.373 ? 122 ALA AAA CA  1 ? 
ATOM   704  C  C   . ALA A 1 83  ? 8.928   -6.320  6.165   1.000 10.099 ? 122 ALA AAA C   1 ? 
ATOM   705  O  O   . ALA A 1 83  ? 7.833   -5.782  5.892   1.000 10.544 ? 122 ALA AAA O   1 ? 
ATOM   706  C  CB  . ALA A 1 83  ? 8.627   -8.751  6.680   1.000 14.155 ? 122 ALA AAA CB  1 ? 
ATOM   707  N  N   . GLN A 1 84  ? 9.827   -5.758  6.940   1.000 10.723 ? 123 GLN AAA N   1 ? 
ATOM   708  C  CA  . GLN A 1 84  ? 9.625   -4.427  7.471   1.000 11.592 ? 123 GLN AAA CA  1 ? 
ATOM   709  C  C   . GLN A 1 84  ? 9.419   -3.409  6.359   1.000 9.040  ? 123 GLN AAA C   1 ? 
ATOM   710  O  O   . GLN A 1 84  ? 8.595   -2.504  6.490   1.000 9.572  ? 123 GLN AAA O   1 ? 
ATOM   711  C  CB  . GLN A 1 84  ? 10.763  -3.963  8.384   1.000 13.478 ? 123 GLN AAA CB  1 ? 
ATOM   712  C  CG  . GLN A 1 84  ? 10.425  -2.648  9.124   1.000 19.699 ? 123 GLN AAA CG  1 ? 
ATOM   713  C  CD  . GLN A 1 84  ? 9.010   -2.640  9.689   0.500 20.683 ? 123 GLN AAA CD  1 ? 
ATOM   714  O  OE1 . GLN A 1 84  ? 8.636   -3.516  10.474  0.500 22.633 ? 123 GLN AAA OE1 1 ? 
ATOM   715  N  NE2 . GLN A 1 84  ? 8.158   -1.730  9.205   0.500 19.760 ? 123 GLN AAA NE2 1 ? 
ATOM   716  N  N   . GLU A 1 85  ? 10.146  -3.542  5.248   1.000 8.747  ? 124 GLU AAA N   1 ? 
ATOM   717  C  CA  . GLU A 1 85  ? 9.949   -2.635  4.124   1.000 8.957  ? 124 GLU AAA CA  1 ? 
ATOM   718  C  C   . GLU A 1 85  ? 8.507   -2.692  3.612   1.000 7.820  ? 124 GLU AAA C   1 ? 
ATOM   719  O  O   . GLU A 1 85  ? 7.910   -1.646  3.270   1.000 9.260  ? 124 GLU AAA O   1 ? 
ATOM   720  C  CB  . GLU A 1 85  ? 10.870  -2.983  2.961   1.000 9.195  ? 124 GLU AAA CB  1 ? 
ATOM   721  C  CG  . GLU A 1 85  ? 12.368  -2.712  3.173   1.000 10.688 ? 124 GLU AAA CG  1 ? 
ATOM   722  C  CD  . GLU A 1 85  ? 13.071  -3.295  1.923   1.000 11.447 ? 124 GLU AAA CD  1 ? 
ATOM   723  O  OE1 . GLU A 1 85  ? 13.300  -2.536  0.946   1.000 14.365 ? 124 GLU AAA OE1 1 ? 
ATOM   724  O  OE2 . GLU A 1 85  ? 13.257  -4.501  1.874   1.000 13.957 ? 124 GLU AAA OE2 1 ? 
ATOM   725  N  N   . CYS A 1 86  ? 7.955   -3.878  3.522   1.000 8.221  ? 125 CYS AAA N   1 ? 
ATOM   726  C  CA  . CYS A 1 86  ? 6.600   -4.044  2.984   1.000 8.568  ? 125 CYS AAA CA  1 ? 
ATOM   727  C  C   . CYS A 1 86  ? 5.548   -3.597  3.986   1.000 8.300  ? 125 CYS AAA C   1 ? 
ATOM   728  O  O   . CYS A 1 86  ? 4.595   -2.897  3.631   1.000 8.679  ? 125 CYS AAA O   1 ? 
ATOM   729  C  CB  . CYS A 1 86  ? 6.419   -5.513  2.642   1.000 9.389  ? 125 CYS AAA CB  1 ? 
ATOM   730  S  SG  . CYS A 1 86  ? 4.769   -5.919  2.026   1.000 11.016 ? 125 CYS AAA SG  1 ? 
ATOM   731  N  N   . ILE A 1 87  ? 5.732   -3.936  5.282   1.000 8.667  ? 126 ILE AAA N   1 ? 
ATOM   732  C  CA  . ILE A 1 87  ? 4.832   -3.438  6.330   1.000 8.764  ? 126 ILE AAA CA  1 ? 
ATOM   733  C  C   . ILE A 1 87  ? 4.834   -1.929  6.312   1.000 9.322  ? 126 ILE AAA C   1 ? 
ATOM   734  O  O   . ILE A 1 87  ? 3.754   -1.290  6.470   1.000 9.791  ? 126 ILE AAA O   1 ? 
ATOM   735  C  CB  . ILE A 1 87  ? 5.266   -4.060  7.667   1.000 9.624  ? 126 ILE AAA CB  1 ? 
ATOM   736  C  CG1 . ILE A 1 87  ? 4.960   -5.549  7.668   1.000 11.012 ? 126 ILE AAA CG1 1 ? 
ATOM   737  C  CG2 . ILE A 1 87  ? 4.579   -3.352  8.829   1.000 11.377 ? 126 ILE AAA CG2 1 ? 
ATOM   738  C  CD1 . ILE A 1 87  ? 5.649   -6.312  8.815   1.000 13.120 ? 126 ILE AAA CD1 1 ? 
ATOM   739  N  N   . GLN A 1 88  ? 5.995   -1.302  6.151   1.000 9.065  ? 127 GLN AAA N   1 ? 
ATOM   740  C  CA  . GLN A 1 88  ? 6.053   0.146   6.092   1.000 9.942  ? 127 GLN AAA CA  1 ? 
ATOM   741  C  C   . GLN A 1 88  ? 5.222   0.676   4.918   1.000 8.595  ? 127 GLN AAA C   1 ? 
ATOM   742  O  O   . GLN A 1 88  ? 4.561   1.703   5.045   1.000 9.009  ? 127 GLN AAA O   1 ? 
ATOM   743  C  CB  . GLN A 1 88  ? 7.507   0.631   5.966   1.000 11.421 ? 127 GLN AAA CB  1 ? 
ATOM   744  C  CG  . GLN A 1 88  ? 7.583   2.151   5.847   1.000 17.927 ? 127 GLN AAA CG  1 ? 
ATOM   745  C  CD  . GLN A 1 88  ? 6.956   2.857   7.028   1.000 22.797 ? 127 GLN AAA CD  1 ? 
ATOM   746  O  OE1 . GLN A 1 88  ? 5.871   3.485   6.973   1.000 25.580 ? 127 GLN AAA OE1 1 ? 
ATOM   747  N  NE2 . GLN A 1 88  ? 7.652   2.756   8.147   1.000 24.457 ? 127 GLN AAA NE2 1 ? 
ATOM   748  N  N   . ASP A 1 89  ? 5.286   0.026   3.769   1.000 8.189  ? 128 ASP AAA N   1 ? 
ATOM   749  C  CA  . ASP A 1 89  ? 4.476   0.440   2.626   1.000 8.340  ? 128 ASP AAA CA  1 ? 
ATOM   750  C  C   . ASP A 1 89  ? 2.988   0.407   2.955   1.000 7.615  ? 128 ASP AAA C   1 ? 
ATOM   751  O  O   . ASP A 1 89  ? 2.253   1.334   2.647   1.000 8.021  ? 128 ASP AAA O   1 ? 
ATOM   752  C  CB  . ASP A 1 89  ? 4.793   -0.409  1.406   1.000 8.323  ? 128 ASP AAA CB  1 ? 
ATOM   753  C  CG  . ASP A 1 89  ? 6.130   -0.127  0.731   1.000 9.510  ? 128 ASP AAA CG  1 ? 
ATOM   754  O  OD1 . ASP A 1 89  ? 6.705   0.932   1.029   1.000 10.533 ? 128 ASP AAA OD1 1 ? 
ATOM   755  O  OD2 . ASP A 1 89  ? 6.562   -0.949  -0.099  1.000 10.590 ? 128 ASP AAA OD2 1 ? 
ATOM   756  N  N   . PHE A 1 90  ? 2.498   -0.703  3.544   1.000 8.230  ? 129 PHE AAA N   1 ? 
ATOM   757  C  CA  . PHE A 1 90  ? 1.092   -0.724  3.972   1.000 8.184  ? 129 PHE AAA CA  1 ? 
ATOM   758  C  C   . PHE A 1 90  ? 0.783   0.446   4.909   1.000 8.113  ? 129 PHE AAA C   1 ? 
ATOM   759  O  O   . PHE A 1 90  ? -0.248  1.118   4.758   1.000 8.885  ? 129 PHE AAA O   1 ? 
ATOM   760  C  CB  . PHE A 1 90  ? 0.728   -2.044  4.626   1.000 9.141  ? 129 PHE AAA CB  1 ? 
ATOM   761  C  CG  . PHE A 1 90  ? 0.412   -3.174  3.676   1.000 9.038  ? 129 PHE AAA CG  1 ? 
ATOM   762  C  CD1 . PHE A 1 90  ? -0.837  -3.261  3.066   1.000 10.600 ? 129 PHE AAA CD1 1 ? 
ATOM   763  C  CD2 . PHE A 1 90  ? 1.372   -4.139  3.432   1.000 9.751  ? 129 PHE AAA CD2 1 ? 
ATOM   764  C  CE1 . PHE A 1 90  ? -1.124  -4.309  2.214   1.000 11.944 ? 129 PHE AAA CE1 1 ? 
ATOM   765  C  CE2 . PHE A 1 90  ? 1.048   -5.195  2.595   1.000 11.240 ? 129 PHE AAA CE2 1 ? 
ATOM   766  C  CZ  . PHE A 1 90  ? -0.190  -5.278  2.011   1.000 11.936 ? 129 PHE AAA CZ  1 ? 
ATOM   767  N  N   . ASN A 1 91  ? 1.616   0.642   5.927   1.000 8.731  ? 130 ASN AAA N   1 ? 
ATOM   768  C  CA  . ASN A 1 91  ? 1.363   1.717   6.888   1.000 9.810  ? 130 ASN AAA CA  1 ? 
ATOM   769  C  C   . ASN A 1 91  ? 1.386   3.089   6.209   1.000 9.127  ? 130 ASN AAA C   1 ? 
ATOM   770  O  O   . ASN A 1 91  ? 0.552   3.948   6.562   1.000 10.106 ? 130 ASN AAA O   1 ? 
ATOM   771  C  CB  . ASN A 1 91  ? 2.347   1.638   8.041   1.000 11.731 ? 130 ASN AAA CB  1 ? 
ATOM   772  C  CG  . ASN A 1 91  ? 1.865   0.497   8.962   1.000 14.774 ? 130 ASN AAA CG  1 ? 
ATOM   773  O  OD1 . ASN A 1 91  ? 0.665   0.270   9.171   1.000 21.046 ? 130 ASN AAA OD1 1 ? 
ATOM   774  N  ND2 . ASN A 1 91  ? 2.765   -0.278  9.467   1.000 18.376 ? 130 ASN AAA ND2 1 ? 
ATOM   775  N  N   . THR A 1 92  ? 2.259   3.292   5.235   1.000 8.416  ? 131 THR AAA N   1 ? 
ATOM   776  C  CA  . THR A 1 92  ? 2.257   4.548   4.492   1.000 9.381  ? 131 THR AAA CA  1 ? 
ATOM   777  C  C   . THR A 1 92  ? 0.939   4.748   3.768   1.000 8.017  ? 131 THR AAA C   1 ? 
ATOM   778  O  O   . THR A 1 92  ? 0.369   5.854   3.772   1.000 8.614  ? 131 THR AAA O   1 ? 
ATOM   779  C  CB  . THR A 1 92  ? 3.426   4.566   3.507   1.000 9.781  ? 131 THR AAA CB  1 ? 
ATOM   780  O  OG1 . THR A 1 92  ? 4.659   4.529   4.221   1.000 12.186 ? 131 THR AAA OG1 1 ? 
ATOM   781  C  CG2 . THR A 1 92  ? 3.411   5.742   2.545   1.000 10.404 ? 131 THR AAA CG2 1 ? 
ATOM   782  N  N   . MET A 1 93  ? 0.457   3.704   3.091   1.000 8.292  ? 132 MET AAA N   1 ? 
ATOM   783  C  CA  . MET A 1 93  ? -0.812  3.791   2.409   1.000 8.551  ? 132 MET AAA CA  1 ? 
ATOM   784  C  C   . MET A 1 93  ? -1.947  4.203   3.335   1.000 7.848  ? 132 MET AAA C   1 ? 
ATOM   785  O  O   . MET A 1 93  ? -2.746  5.083   3.018   1.000 8.379  ? 132 MET AAA O   1 ? 
ATOM   786  C  CB  . MET A 1 93  ? -1.139  2.435   1.798   1.000 8.462  ? 132 MET AAA CB  1 ? 
ATOM   787  C  CG  . MET A 1 93  ? -2.469  2.370   1.062   1.000 9.407  ? 132 MET AAA CG  1 ? 
ATOM   788  S  SD  . MET A 1 93  ? -2.842  0.745   0.430   1.000 9.858  ? 132 MET AAA SD  1 ? 
ATOM   789  C  CE  . MET A 1 93  ? -3.367  -0.061  1.949   1.000 13.684 ? 132 MET AAA CE  1 ? 
ATOM   790  N  N   . PHE A 1 94  ? -2.044  3.575   4.512   1.000 8.478  ? 133 PHE AAA N   1 ? 
ATOM   791  C  CA  . PHE A 1 94  ? -3.103  3.938   5.449   1.000 8.676  ? 133 PHE AAA CA  1 ? 
ATOM   792  C  C   . PHE A 1 94  ? -2.932  5.374   5.907   1.000 8.733  ? 133 PHE AAA C   1 ? 
ATOM   793  O  O   . PHE A 1 94  ? -3.900  6.130   5.949   1.000 9.231  ? 133 PHE AAA O   1 ? 
ATOM   794  C  CB  . PHE A 1 94  ? -3.146  2.996   6.648   1.000 9.499  ? 133 PHE AAA CB  1 ? 
ATOM   795  C  CG  . PHE A 1 94  ? -3.492  1.577   6.308   1.000 9.725  ? 133 PHE AAA CG  1 ? 
ATOM   796  C  CD1 . PHE A 1 94  ? -4.641  1.306   5.590   1.000 11.769 ? 133 PHE AAA CD1 1 ? 
ATOM   797  C  CD2 . PHE A 1 94  ? -2.691  0.504   6.664   1.000 10.697 ? 133 PHE AAA CD2 1 ? 
ATOM   798  C  CE1 . PHE A 1 94  ? -5.017  0.008   5.244   1.000 13.875 ? 133 PHE AAA CE1 1 ? 
ATOM   799  C  CE2 . PHE A 1 94  ? -3.063  -0.791  6.304   1.000 12.445 ? 133 PHE AAA CE2 1 ? 
ATOM   800  C  CZ  . PHE A 1 94  ? -4.209  -1.033  5.595   1.000 13.844 ? 133 PHE AAA CZ  1 ? 
ATOM   801  N  N   . THR A 1 95  ? -1.711  5.744   6.311   1.000 9.913  ? 134 THR AAA N   1 ? 
ATOM   802  C  CA  A THR A 1 95  ? -1.518  7.096   6.797   0.500 11.568 ? 134 THR AAA CA  1 ? 
ATOM   803  C  CA  B THR A 1 95  ? -1.375  7.100   6.742   0.500 10.098 ? 134 THR AAA CA  1 ? 
ATOM   804  C  C   . THR A 1 95  ? -1.802  8.132   5.709   1.000 10.252 ? 134 THR AAA C   1 ? 
ATOM   805  O  O   . THR A 1 95  ? -2.363  9.193   6.042   1.000 11.187 ? 134 THR AAA O   1 ? 
ATOM   806  C  CB  A THR A 1 95  ? -0.201  7.256   7.558   0.500 12.715 ? 134 THR AAA CB  1 ? 
ATOM   807  C  CB  B THR A 1 95  ? 0.121   7.281   7.061   0.500 9.023  ? 134 THR AAA CB  1 ? 
ATOM   808  O  OG1 A THR A 1 95  ? 0.838   6.909   6.658   0.500 18.190 ? 134 THR AAA OG1 1 ? 
ATOM   809  O  OG1 B THR A 1 95  ? 0.352   6.346   8.105   0.500 10.598 ? 134 THR AAA OG1 1 ? 
ATOM   810  C  CG2 A THR A 1 95  ? -0.104  6.326   8.740   0.500 12.891 ? 134 THR AAA CG2 1 ? 
ATOM   811  C  CG2 B THR A 1 95  ? 0.466   8.661   7.558   0.500 9.987  ? 134 THR AAA CG2 1 ? 
ATOM   812  N  N   . ASN A 1 96  ? -1.467  7.891   4.458   1.000 10.198 ? 135 ASN AAA N   1 ? 
ATOM   813  C  CA  . ASN A 1 96  ? -1.842  8.854   3.430   1.000 10.628 ? 135 ASN AAA CA  1 ? 
ATOM   814  C  C   . ASN A 1 96  ? -3.334  9.145   3.454   1.000 9.148  ? 135 ASN AAA C   1 ? 
ATOM   815  O  O   . ASN A 1 96  ? -3.771  10.295  3.307   1.000 9.390  ? 135 ASN AAA O   1 ? 
ATOM   816  C  CB  . ASN A 1 96  ? -1.526  8.324   2.034   1.000 11.492 ? 135 ASN AAA CB  1 ? 
ATOM   817  C  CG  . ASN A 1 96  ? -0.068  8.173   1.656   1.000 14.026 ? 135 ASN AAA CG  1 ? 
ATOM   818  O  OD1 . ASN A 1 96  ? 0.765   8.692   2.403   1.000 15.580 ? 135 ASN AAA OD1 1 ? 
ATOM   819  N  ND2 . ASN A 1 96  ? 0.063   7.505   0.499   1.000 15.266 ? 135 ASN AAA ND2 1 ? 
ATOM   820  N  N   . CYS A 1 97  ? -4.102  8.080   3.587   1.000 8.623  ? 136 CYS AAA N   1 ? 
ATOM   821  C  CA  . CYS A 1 97  ? -5.550  8.200   3.568   1.000 8.479  ? 136 CYS AAA CA  1 ? 
ATOM   822  C  C   . CYS A 1 97  ? -6.042  9.046   4.733   1.000 8.192  ? 136 CYS AAA C   1 ? 
ATOM   823  O  O   . CYS A 1 97  ? -6.862  9.934   4.589   1.000 9.088  ? 136 CYS AAA O   1 ? 
ATOM   824  C  CB  . CYS A 1 97  ? -6.177  6.824   3.565   1.000 8.932  ? 136 CYS AAA CB  1 ? 
ATOM   825  S  SG  . CYS A 1 97  ? -7.966  6.826   3.443   1.000 11.058 ? 136 CYS AAA SG  1 ? 
ATOM   826  N  N   . TYR A 1 98  ? -5.479  8.780   5.908   1.000 8.605  ? 137 TYR AAA N   1 ? 
ATOM   827  C  CA  . TYR A 1 98  ? -5.911  9.445   7.127   1.000 9.718  ? 137 TYR AAA CA  1 ? 
ATOM   828  C  C   . TYR A 1 98  ? -5.447  10.888  7.136   1.000 10.434 ? 137 TYR AAA C   1 ? 
ATOM   829  O  O   . TYR A 1 98  ? -6.145  11.722  7.743   1.000 12.865 ? 137 TYR AAA O   1 ? 
ATOM   830  C  CB  . TYR A 1 98  ? -5.417  8.708   8.369   1.000 10.595 ? 137 TYR AAA CB  1 ? 
ATOM   831  C  CG  . TYR A 1 98  ? -5.834  7.263   8.438   1.000 10.590 ? 137 TYR AAA CG  1 ? 
ATOM   832  C  CD1 . TYR A 1 98  ? -7.026  6.797   7.910   1.000 10.672 ? 137 TYR AAA CD1 1 ? 
ATOM   833  C  CD2 . TYR A 1 98  ? -5.004  6.337   9.012   1.000 10.510 ? 137 TYR AAA CD2 1 ? 
ATOM   834  C  CE1 . TYR A 1 98  ? -7.417  5.467   7.995   1.000 11.886 ? 137 TYR AAA CE1 1 ? 
ATOM   835  C  CE2 . TYR A 1 98  ? -5.361  5.011   9.104   1.000 11.173 ? 137 TYR AAA CE2 1 ? 
ATOM   836  C  CZ  . TYR A 1 98  ? -6.560  4.574   8.587   1.000 10.947 ? 137 TYR AAA CZ  1 ? 
ATOM   837  O  OH  . TYR A 1 98  ? -6.945  3.259   8.651   1.000 13.454 ? 137 TYR AAA OH  1 ? 
ATOM   838  N  N   . ILE A 1 99  ? -4.332  11.198  6.538   1.000 10.006 ? 138 ILE AAA N   1 ? 
ATOM   839  C  CA  . ILE A 1 99  ? -3.859  12.579  6.491   1.000 11.480 ? 138 ILE AAA CA  1 ? 
ATOM   840  C  C   . ILE A 1 99  ? -4.673  13.379  5.478   1.000 11.194 ? 138 ILE AAA C   1 ? 
ATOM   841  O  O   . ILE A 1 99  ? -5.031  14.544  5.775   1.000 12.940 ? 138 ILE AAA O   1 ? 
ATOM   842  C  CB  . ILE A 1 99  ? -2.357  12.613  6.105   1.000 13.806 ? 138 ILE AAA CB  1 ? 
ATOM   843  C  CG1 . ILE A 1 99  ? -1.538  12.069  7.273   1.000 16.074 ? 138 ILE AAA CG1 1 ? 
ATOM   844  C  CG2 . ILE A 1 99  ? -1.888  14.014  5.677   1.000 14.746 ? 138 ILE AAA CG2 1 ? 
ATOM   845  C  CD1 . ILE A 1 99  ? -0.076  11.986  7.034   1.000 23.433 ? 138 ILE AAA CD1 1 ? 
ATOM   846  N  N   . TYR A 1 100 ? -4.954  12.824  4.300   1.000 10.646 ? 139 TYR AAA N   1 ? 
ATOM   847  C  CA  . TYR A 1 100 ? -5.559  13.640  3.278   1.000 10.574 ? 139 TYR AAA CA  1 ? 
ATOM   848  C  C   . TYR A 1 100 ? -7.046  13.862  3.518   1.000 10.511 ? 139 TYR AAA C   1 ? 
ATOM   849  O  O   . TYR A 1 100 ? -7.598  14.912  3.168   1.000 11.797 ? 139 TYR AAA O   1 ? 
ATOM   850  C  CB  . TYR A 1 100 ? -5.348  13.007  1.896   1.000 10.343 ? 139 TYR AAA CB  1 ? 
ATOM   851  C  CG  . TYR A 1 100 ? -5.878  13.872  0.776   1.000 10.233 ? 139 TYR AAA CG  1 ? 
ATOM   852  C  CD1 . TYR A 1 100 ? -5.183  15.004  0.373   1.000 10.591 ? 139 TYR AAA CD1 1 ? 
ATOM   853  C  CD2 . TYR A 1 100 ? -7.123  13.628  0.216   1.000 10.646 ? 139 TYR AAA CD2 1 ? 
ATOM   854  C  CE1 . TYR A 1 100 ? -5.702  15.874  -0.574  1.000 11.689 ? 139 TYR AAA CE1 1 ? 
ATOM   855  C  CE2 . TYR A 1 100 ? -7.650  14.485  -0.740  1.000 11.914 ? 139 TYR AAA CE2 1 ? 
ATOM   856  C  CZ  . TYR A 1 100 ? -6.931  15.613  -1.131  1.000 11.420 ? 139 TYR AAA CZ  1 ? 
ATOM   857  O  OH  . TYR A 1 100 ? -7.491  16.454  -2.069  1.000 13.735 ? 139 TYR AAA OH  1 ? 
ATOM   858  N  N   . ASN A 1 101 ? -7.740  12.831  4.014   1.000 10.308 ? 140 ASN AAA N   1 ? 
ATOM   859  C  CA  . ASN A 1 101 ? -9.198  12.830  4.058   1.000 10.774 ? 140 ASN AAA CA  1 ? 
ATOM   860  C  C   . ASN A 1 101 ? -9.726  13.209  5.431   1.000 11.504 ? 140 ASN AAA C   1 ? 
ATOM   861  O  O   . ASN A 1 101 ? -9.088  13.003  6.451   1.000 15.202 ? 140 ASN AAA O   1 ? 
ATOM   862  C  CB  . ASN A 1 101 ? -9.762  11.485  3.638   1.000 10.759 ? 140 ASN AAA CB  1 ? 
ATOM   863  C  CG  . ASN A 1 101 ? -9.345  11.153  2.232   1.000 9.744  ? 140 ASN AAA CG  1 ? 
ATOM   864  O  OD1 . ASN A 1 101 ? -9.941  11.648  1.281   1.000 11.216 ? 140 ASN AAA OD1 1 ? 
ATOM   865  N  ND2 . ASN A 1 101 ? -8.341  10.323  2.102   1.000 10.443 ? 140 ASN AAA ND2 1 ? 
ATOM   866  N  N   . LYS A 1 102 ? -10.968 13.659  5.495   1.000 14.072 ? 141 LYS AAA N   1 ? 
ATOM   867  C  CA  . LYS A 1 102 ? -11.622 13.998  6.762   1.000 15.317 ? 141 LYS AAA CA  1 ? 
ATOM   868  C  C   . LYS A 1 102 ? -11.978 12.727  7.508   1.000 14.498 ? 141 LYS AAA C   1 ? 
ATOM   869  O  O   . LYS A 1 102 ? -12.387 11.725  6.913   1.000 14.502 ? 141 LYS AAA O   1 ? 
ATOM   870  C  CB  . LYS A 1 102 ? -12.895 14.819  6.516   1.000 18.744 ? 141 LYS AAA CB  1 ? 
ATOM   871  C  CG  . LYS A 1 102 ? -12.644 16.209  5.931   1.000 25.828 ? 141 LYS AAA CG  1 ? 
ATOM   872  C  CD  . LYS A 1 102 ? -13.912 17.012  5.706   0.500 26.089 ? 141 LYS AAA CD  1 ? 
ATOM   873  C  CE  . LYS A 1 102 ? -13.648 18.358  5.073   0.500 30.248 ? 141 LYS AAA CE  1 ? 
ATOM   874  N  NZ  . LYS A 1 102 ? -14.813 18.817  4.285   1.000 35.954 ? 141 LYS AAA NZ  1 ? 
ATOM   875  N  N   . PRO A 1 103 ? -11.919 12.715  8.862   1.000 14.928 ? 142 PRO AAA N   1 ? 
ATOM   876  C  CA  . PRO A 1 103 ? -12.223 11.520  9.630   1.000 17.305 ? 142 PRO AAA CA  1 ? 
ATOM   877  C  C   . PRO A 1 103 ? -13.679 11.164  9.353   1.000 18.394 ? 142 PRO AAA C   1 ? 
ATOM   878  O  O   . PRO A 1 103 ? -14.528 12.046  9.188   1.000 21.064 ? 142 PRO AAA O   1 ? 
ATOM   879  C  CB  . PRO A 1 103 ? -11.977 11.906  11.104  1.000 20.093 ? 142 PRO AAA CB  1 ? 
ATOM   880  C  CG  . PRO A 1 103 ? -11.959 13.395  11.096  1.000 21.420 ? 142 PRO AAA CG  1 ? 
ATOM   881  C  CD  . PRO A 1 103 ? -11.416 13.792  9.739   1.000 17.115 ? 142 PRO AAA CD  1 ? 
ATOM   882  N  N   . GLY A 1 104 ? -14.005 9.886   9.310   1.000 20.287 ? 143 GLY AAA N   1 ? 
ATOM   883  C  CA  . GLY A 1 104 ? -15.403 9.635   8.962   1.000 24.006 ? 143 GLY AAA CA  1 ? 
ATOM   884  C  C   . GLY A 1 104 ? -15.832 9.765   7.482   1.000 21.299 ? 143 GLY AAA C   1 ? 
ATOM   885  O  O   . GLY A 1 104 ? -16.951 9.328   7.175   1.000 23.129 ? 143 GLY AAA O   1 ? 
ATOM   886  N  N   . ASP A 1 105 ? -15.019 10.325  6.547   1.000 17.443 ? 144 ASP AAA N   1 ? 
ATOM   887  C  CA  . ASP A 1 105 ? -15.247 10.169  5.118   1.000 15.481 ? 144 ASP AAA CA  1 ? 
ATOM   888  C  C   . ASP A 1 105 ? -15.325 8.675   4.804   1.000 12.145 ? 144 ASP AAA C   1 ? 
ATOM   889  O  O   . ASP A 1 105 ? -14.672 7.855   5.441   1.000 12.316 ? 144 ASP AAA O   1 ? 
ATOM   890  C  CB  . ASP A 1 105 ? -14.082 10.772  4.314   1.000 16.264 ? 144 ASP AAA CB  1 ? 
ATOM   891  C  CG  . ASP A 1 105 ? -14.141 12.271  4.058   1.000 19.961 ? 144 ASP AAA CG  1 ? 
ATOM   892  O  OD1 . ASP A 1 105 ? -15.137 12.899  4.483   1.000 23.945 ? 144 ASP AAA OD1 1 ? 
ATOM   893  O  OD2 . ASP A 1 105 ? -13.176 12.819  3.452   1.000 23.549 ? 144 ASP AAA OD2 1 ? 
ATOM   894  N  N   . ASP A 1 106 ? -16.068 8.313   3.760   1.000 11.201 ? 145 ASP AAA N   1 ? 
ATOM   895  C  CA  . ASP A 1 106 ? -16.180 6.929   3.414   1.000 10.326 ? 145 ASP AAA CA  1 ? 
ATOM   896  C  C   . ASP A 1 106 ? -14.822 6.278   3.193   1.000 10.271 ? 145 ASP AAA C   1 ? 
ATOM   897  O  O   . ASP A 1 106 ? -14.618 5.144   3.633   1.000 10.536 ? 145 ASP AAA O   1 ? 
ATOM   898  C  CB  . ASP A 1 106 ? -17.003 6.754   2.142   1.000 11.543 ? 145 ASP AAA CB  1 ? 
ATOM   899  C  CG  . ASP A 1 106 ? -18.509 6.903   2.389   1.000 12.421 ? 145 ASP AAA CG  1 ? 
ATOM   900  O  OD1 . ASP A 1 106 ? -18.982 6.788   3.513   1.000 12.770 ? 145 ASP AAA OD1 1 ? 
ATOM   901  O  OD2 . ASP A 1 106 ? -19.226 7.066   1.344   1.000 14.747 ? 145 ASP AAA OD2 1 ? 
ATOM   902  N  N   A ILE A 1 107 ? -13.902 6.914   2.467   0.500 9.321  ? 146 ILE AAA N   1 ? 
ATOM   903  N  N   B ILE A 1 107 ? -13.933 7.008   2.537   0.500 9.864  ? 146 ILE AAA N   1 ? 
ATOM   904  C  CA  A ILE A 1 107 ? -12.633 6.224   2.233   0.500 9.639  ? 146 ILE AAA CA  1 ? 
ATOM   905  C  CA  B ILE A 1 107 ? -12.642 6.440   2.192   0.500 10.563 ? 146 ILE AAA CA  1 ? 
ATOM   906  C  C   A ILE A 1 107 ? -11.889 5.935   3.546   0.500 9.004  ? 146 ILE AAA C   1 ? 
ATOM   907  C  C   B ILE A 1 107 ? -11.858 6.060   3.455   0.500 9.487  ? 146 ILE AAA C   1 ? 
ATOM   908  O  O   A ILE A 1 107 ? -11.162 4.944   3.660   0.500 9.196  ? 146 ILE AAA O   1 ? 
ATOM   909  O  O   B ILE A 1 107 ? -11.100 5.100   3.462   0.500 8.988  ? 146 ILE AAA O   1 ? 
ATOM   910  C  CB  A ILE A 1 107 ? -11.739 6.976   1.228   0.500 9.453  ? 146 ILE AAA CB  1 ? 
ATOM   911  C  CB  B ILE A 1 107 ? -11.878 7.404   1.277   0.500 11.271 ? 146 ILE AAA CB  1 ? 
ATOM   912  C  CG1 A ILE A 1 107 ? -10.646 6.078   0.638   0.500 10.377 ? 146 ILE AAA CG1 1 ? 
ATOM   913  C  CG1 B ILE A 1 107 ? -10.627 6.740   0.710   0.500 11.339 ? 146 ILE AAA CG1 1 ? 
ATOM   914  C  CG2 A ILE A 1 107 ? -11.217 8.320   1.742   0.500 8.546  ? 146 ILE AAA CG2 1 ? 
ATOM   915  C  CG2 B ILE A 1 107 ? -11.581 8.738   1.941   0.500 11.180 ? 146 ILE AAA CG2 1 ? 
ATOM   916  C  CD1 A ILE A 1 107 ? -9.789  6.687   -0.453  0.500 10.676 ? 146 ILE AAA CD1 1 ? 
ATOM   917  C  CD1 B ILE A 1 107 ? -10.904 5.574   -0.195  0.500 12.485 ? 146 ILE AAA CD1 1 ? 
ATOM   918  N  N   . VAL A 1 108 ? -12.039 6.833   4.538   1.000 9.127  ? 147 VAL AAA N   1 ? 
ATOM   919  C  CA  . VAL A 1 108 ? -11.377 6.589   5.821   1.000 9.349  ? 147 VAL AAA CA  1 ? 
ATOM   920  C  C   . VAL A 1 108 ? -11.965 5.363   6.496   1.000 9.153  ? 147 VAL AAA C   1 ? 
ATOM   921  O  O   . VAL A 1 108 ? -11.231 4.532   7.013   1.000 9.784  ? 147 VAL AAA O   1 ? 
ATOM   922  C  CB  . VAL A 1 108 ? -11.467 7.835   6.716   1.000 9.807  ? 147 VAL AAA CB  1 ? 
ATOM   923  C  CG1 . VAL A 1 108 ? -10.941 7.556   8.120   1.000 11.002 ? 147 VAL AAA CG1 1 ? 
ATOM   924  C  CG2 . VAL A 1 108 ? -10.661 8.964   6.087   1.000 11.251 ? 147 VAL AAA CG2 1 ? 
ATOM   925  N  N   . LEU A 1 109 ? -13.309 5.232   6.474   1.000 9.462  ? 148 LEU AAA N   1 ? 
ATOM   926  C  CA  . LEU A 1 109 ? -13.919 4.007   7.007   1.000 9.913  ? 148 LEU AAA CA  1 ? 
ATOM   927  C  C   . LEU A 1 109 ? -13.430 2.763   6.270   1.000 9.583  ? 148 LEU AAA C   1 ? 
ATOM   928  O  O   . LEU A 1 109 ? -13.209 1.707   6.857   1.000 10.470 ? 148 LEU AAA O   1 ? 
ATOM   929  C  CB  . LEU A 1 109 ? -15.433 4.083   6.876   1.000 11.534 ? 148 LEU AAA CB  1 ? 
ATOM   930  C  CG  . LEU A 1 109 ? -16.090 5.133   7.760   1.000 14.933 ? 148 LEU AAA CG  1 ? 
ATOM   931  C  CD1 . LEU A 1 109 ? -17.545 5.343   7.333   1.000 17.479 ? 148 LEU AAA CD1 1 ? 
ATOM   932  C  CD2 . LEU A 1 109 ? -15.967 4.711   9.222   1.000 20.172 ? 148 LEU AAA CD2 1 ? 
ATOM   933  N  N   . MET A 1 110 ? -13.262 2.885   4.963   1.000 9.205  ? 149 MET AAA N   1 ? 
ATOM   934  C  CA  . MET A 1 110 ? -12.742 1.776   4.166   1.000 9.194  ? 149 MET AAA CA  1 ? 
ATOM   935  C  C   . MET A 1 110 ? -11.310 1.397   4.552   1.000 8.535  ? 149 MET AAA C   1 ? 
ATOM   936  O  O   . MET A 1 110 ? -10.994 0.226   4.776   1.000 9.541  ? 149 MET AAA O   1 ? 
ATOM   937  C  CB  . MET A 1 110 ? -12.857 2.143   2.683   1.000 9.262  ? 149 MET AAA CB  1 ? 
ATOM   938  C  CG  . MET A 1 110 ? -14.323 2.276   2.235   1.000 9.518  ? 149 MET AAA CG  1 ? 
ATOM   939  S  SD  . MET A 1 110 ? -14.514 3.083   0.636   1.000 11.260 ? 149 MET AAA SD  1 ? 
ATOM   940  C  CE  . MET A 1 110 ? -14.392 1.608   -0.322  1.000 12.416 ? 149 MET AAA CE  1 ? 
ATOM   941  N  N   . ALA A 1 111 ? -10.451 2.407   4.627   1.000 8.374  ? 150 ALA AAA N   1 ? 
ATOM   942  C  CA  . ALA A 1 111 ? -9.080  2.180   5.070   1.000 8.757  ? 150 ALA AAA CA  1 ? 
ATOM   943  C  C   . ALA A 1 111 ? -9.041  1.587   6.474   1.000 8.906  ? 150 ALA AAA C   1 ? 
ATOM   944  O  O   . ALA A 1 111 ? -8.243  0.690   6.736   1.000 10.029 ? 150 ALA AAA O   1 ? 
ATOM   945  C  CB  . ALA A 1 111 ? -8.295  3.484   5.014   1.000 9.952  ? 150 ALA AAA CB  1 ? 
ATOM   946  N  N   . GLU A 1 112 ? -9.890  2.055   7.376   1.000 9.788  ? 151 GLU AAA N   1 ? 
ATOM   947  C  CA  . GLU A 1 112 ? -9.867  1.525   8.729   1.000 10.466 ? 151 GLU AAA CA  1 ? 
ATOM   948  C  C   . GLU A 1 112 ? -10.264 0.048   8.778   1.000 9.995  ? 151 GLU AAA C   1 ? 
ATOM   949  O  O   . GLU A 1 112 ? -9.698  -0.717  9.582   1.000 10.535 ? 151 GLU AAA O   1 ? 
ATOM   950  C  CB  . GLU A 1 112 ? -10.781 2.346   9.627   1.000 12.109 ? 151 GLU AAA CB  1 ? 
ATOM   951  C  CG  . GLU A 1 112 ? -10.168 3.668   9.970   1.000 13.596 ? 151 GLU AAA CG  1 ? 
ATOM   952  C  CD  . GLU A 1 112 ? -11.090 4.598   10.716  1.000 18.945 ? 151 GLU AAA CD  1 ? 
ATOM   953  O  OE1 . GLU A 1 112 ? -12.326 4.385   10.638  1.000 23.053 ? 151 GLU AAA OE1 1 ? 
ATOM   954  O  OE2 . GLU A 1 112 ? -10.562 5.571   11.330  1.000 24.060 ? 151 GLU AAA OE2 1 ? 
ATOM   955  N  N   . ALA A 1 113 ? -11.205 -0.386  7.933   1.000 10.344 ? 152 ALA AAA N   1 ? 
ATOM   956  C  CA  . ALA A 1 113 ? -11.585 -1.786  7.864   1.000 11.094 ? 152 ALA AAA CA  1 ? 
ATOM   957  C  C   . ALA A 1 113 ? -10.403 -2.601  7.368   1.000 10.370 ? 152 ALA AAA C   1 ? 
ATOM   958  O  O   . ALA A 1 113 ? -10.128 -3.690  7.905   1.000 10.453 ? 152 ALA AAA O   1 ? 
ATOM   959  C  CB  . ALA A 1 113 ? -12.811 -1.970  7.000   1.000 11.500 ? 152 ALA AAA CB  1 ? 
ATOM   960  N  N   . LEU A 1 114 ? -9.730  -2.161  6.298   1.000 9.818  ? 153 LEU AAA N   1 ? 
ATOM   961  C  CA  . LEU A 1 114 ? -8.550  -2.881  5.829   1.000 9.695  ? 153 LEU AAA CA  1 ? 
ATOM   962  C  C   . LEU A 1 114 ? -7.431  -2.907  6.856   1.000 9.365  ? 153 LEU AAA C   1 ? 
ATOM   963  O  O   . LEU A 1 114 ? -6.748  -3.911  7.016   1.000 9.479  ? 153 LEU AAA O   1 ? 
ATOM   964  C  CB  . LEU A 1 114 ? -8.036  -2.219  4.556   1.000 10.226 ? 153 LEU AAA CB  1 ? 
ATOM   965  C  CG  . LEU A 1 114 ? -9.038  -2.209  3.396   1.000 14.243 ? 153 LEU AAA CG  1 ? 
ATOM   966  C  CD1 . LEU A 1 114 ? -8.592  -1.323  2.251   1.000 16.948 ? 153 LEU AAA CD1 1 ? 
ATOM   967  C  CD2 . LEU A 1 114 ? -9.323  -3.627  2.914   1.000 17.523 ? 153 LEU AAA CD2 1 ? 
ATOM   968  N  N   . GLU A 1 115 ? -7.214  -1.798  7.559   1.000 9.165  ? 154 GLU AAA N   1 ? 
ATOM   969  C  CA  . GLU A 1 115 ? -6.152  -1.747  8.551   1.000 9.162  ? 154 GLU AAA CA  1 ? 
ATOM   970  C  C   . GLU A 1 115 ? -6.416  -2.697  9.718   1.000 9.212  ? 154 GLU AAA C   1 ? 
ATOM   971  O  O   . GLU A 1 115 ? -5.487  -3.313  10.259  1.000 9.929  ? 154 GLU AAA O   1 ? 
ATOM   972  C  CB  . GLU A 1 115 ? -5.953  -0.330  9.045   1.000 10.481 ? 154 GLU AAA CB  1 ? 
ATOM   973  C  CG  . GLU A 1 115 ? -4.761  -0.184  9.969   1.000 12.463 ? 154 GLU AAA CG  1 ? 
ATOM   974  C  CD  . GLU A 1 115 ? -4.576  1.197   10.562  1.000 15.564 ? 154 GLU AAA CD  1 ? 
ATOM   975  O  OE1 . GLU A 1 115 ? -5.478  2.022   10.510  1.000 16.612 ? 154 GLU AAA OE1 1 ? 
ATOM   976  O  OE2 . GLU A 1 115 ? -3.458  1.413   11.136  1.000 18.931 ? 154 GLU AAA OE2 1 ? 
ATOM   977  N  N   . LYS A 1 116 ? -7.683  -2.845  10.124  1.000 9.983  ? 155 LYS AAA N   1 ? 
ATOM   978  C  CA  . LYS A 1 116 ? -7.996  -3.766  11.203  1.000 10.932 ? 155 LYS AAA CA  1 ? 
ATOM   979  C  C   . LYS A 1 116 ? -7.610  -5.179  10.790  1.000 10.292 ? 155 LYS AAA C   1 ? 
ATOM   980  O  O   . LYS A 1 116 ? -7.041  -5.954  11.573  1.000 11.006 ? 155 LYS AAA O   1 ? 
ATOM   981  C  CB  . LYS A 1 116 ? -9.490  -3.671  11.485  1.000 11.833 ? 155 LYS AAA CB  1 ? 
ATOM   982  C  CG  . LYS A 1 116 ? -9.984  -4.653  12.552  1.000 14.531 ? 155 LYS AAA CG  1 ? 
ATOM   983  C  CD  . LYS A 1 116 ? -11.423 -4.409  12.922  1.000 16.672 ? 155 LYS AAA CD  1 ? 
ATOM   984  C  CE  . LYS A 1 116 ? -11.880 -5.341  14.038  1.000 21.793 ? 155 LYS AAA CE  1 ? 
ATOM   985  N  NZ  . LYS A 1 116 ? -13.323 -5.210  14.355  1.000 27.965 ? 155 LYS AAA NZ  1 ? 
ATOM   986  N  N   . LEU A 1 117 ? -7.929  -5.551  9.559   1.000 10.819 ? 156 LEU AAA N   1 ? 
ATOM   987  C  CA  . LEU A 1 117 ? -7.566  -6.864  9.046   1.000 10.999 ? 156 LEU AAA CA  1 ? 
ATOM   988  C  C   . LEU A 1 117 ? -6.046  -7.004  8.968   1.000 10.295 ? 156 LEU AAA C   1 ? 
ATOM   989  O  O   . LEU A 1 117 ? -5.477  -8.051  9.320   1.000 10.876 ? 156 LEU AAA O   1 ? 
ATOM   990  C  CB  . LEU A 1 117 ? -8.207  -7.087  7.671   1.000 13.335 ? 156 LEU AAA CB  1 ? 
ATOM   991  C  CG  . LEU A 1 117 ? -9.716  -7.345  7.658   1.000 19.703 ? 156 LEU AAA CG  1 ? 
ATOM   992  C  CD1 . LEU A 1 117 ? -10.236 -7.427  6.232   1.000 22.922 ? 156 LEU AAA CD1 1 ? 
ATOM   993  C  CD2 . LEU A 1 117 ? -10.051 -8.646  8.364   1.000 24.475 ? 156 LEU AAA CD2 1 ? 
ATOM   994  N  N   . PHE A 1 118 ? -5.397  -5.953  8.448   1.000 9.904  ? 157 PHE AAA N   1 ? 
ATOM   995  C  CA  . PHE A 1 118 ? -3.949  -5.943  8.370   1.000 9.536  ? 157 PHE AAA CA  1 ? 
ATOM   996  C  C   . PHE A 1 118 ? -3.313  -6.208  9.726   1.000 9.396  ? 157 PHE AAA C   1 ? 
ATOM   997  O  O   . PHE A 1 118 ? -2.402  -7.034  9.801   1.000 10.773 ? 157 PHE AAA O   1 ? 
ATOM   998  C  CB  . PHE A 1 118 ? -3.496  -4.606  7.787   1.000 9.336  ? 157 PHE AAA CB  1 ? 
ATOM   999  C  CG  . PHE A 1 118 ? -2.012  -4.429  7.665   1.000 10.142 ? 157 PHE AAA CG  1 ? 
ATOM   1000 C  CD1 . PHE A 1 118 ? -1.314  -5.101  6.695   1.000 11.236 ? 157 PHE AAA CD1 1 ? 
ATOM   1001 C  CD2 . PHE A 1 118 ? -1.331  -3.619  8.543   1.000 13.107 ? 157 PHE AAA CD2 1 ? 
ATOM   1002 C  CE1 . PHE A 1 118 ? 0.070   -4.966  6.596   1.000 13.531 ? 157 PHE AAA CE1 1 ? 
ATOM   1003 C  CE2 . PHE A 1 118 ? 0.044   -3.415  8.369   1.000 15.448 ? 157 PHE AAA CE2 1 ? 
ATOM   1004 C  CZ  . PHE A 1 118 ? 0.719   -4.118  7.417   1.000 15.574 ? 157 PHE AAA CZ  1 ? 
ATOM   1005 N  N   . LEU A 1 119 ? -3.737  -5.497  10.742  1.000 9.868  ? 158 LEU AAA N   1 ? 
ATOM   1006 C  CA  . LEU A 1 119 ? -3.135  -5.645  12.066  1.000 11.624 ? 158 LEU AAA CA  1 ? 
ATOM   1007 C  C   . LEU A 1 119 ? -3.299  -7.070  12.572  1.000 10.829 ? 158 LEU AAA C   1 ? 
ATOM   1008 O  O   . LEU A 1 119 ? -2.356  -7.649  13.161  1.000 11.801 ? 158 LEU AAA O   1 ? 
ATOM   1009 C  CB  . LEU A 1 119 ? -3.775  -4.647  13.027  1.000 14.986 ? 158 LEU AAA CB  1 ? 
ATOM   1010 C  CG  . LEU A 1 119 ? -3.236  -4.654  14.457  1.000 19.743 ? 158 LEU AAA CG  1 ? 
ATOM   1011 C  CD1 . LEU A 1 119 ? -1.724  -4.512  14.429  1.000 22.365 ? 158 LEU AAA CD1 1 ? 
ATOM   1012 C  CD2 . LEU A 1 119 ? -3.855  -3.513  15.267  1.000 21.694 ? 158 LEU AAA CD2 1 ? 
ATOM   1013 N  N   . GLN A 1 120 ? -4.474  -7.653  12.391  1.000 10.668 ? 159 GLN AAA N   1 ? 
ATOM   1014 C  CA  . GLN A 1 120 ? -4.691  -9.014  12.860  1.000 12.526 ? 159 GLN AAA CA  1 ? 
ATOM   1015 C  C   . GLN A 1 120 ? -3.681  -9.933  12.173  1.000 11.759 ? 159 GLN AAA C   1 ? 
ATOM   1016 O  O   . GLN A 1 120 ? -3.083  -10.826 12.818  1.000 13.631 ? 159 GLN AAA O   1 ? 
ATOM   1017 C  CB  . GLN A 1 120 ? -6.088  -9.458  12.411  1.000 15.928 ? 159 GLN AAA CB  1 ? 
ATOM   1018 C  CG  . GLN A 1 120 ? -7.310  -8.986  13.196  1.000 24.029 ? 159 GLN AAA CG  1 ? 
ATOM   1019 C  CD  . GLN A 1 120 ? -8.590  -9.347  12.465  0.500 23.927 ? 159 GLN AAA CD  1 ? 
ATOM   1020 O  OE1 . GLN A 1 120 ? -8.626  -10.251 11.624  0.500 28.240 ? 159 GLN AAA OE1 1 ? 
ATOM   1021 N  NE2 . GLN A 1 120 ? -9.674  -8.640  12.768  0.500 24.991 ? 159 GLN AAA NE2 1 ? 
ATOM   1022 N  N   . LYS A 1 121 ? -3.512  -9.775  10.853  1.000 11.718 ? 160 LYS AAA N   1 ? 
ATOM   1023 C  CA  . LYS A 1 121 ? -2.581  -10.644 10.132  1.000 12.071 ? 160 LYS AAA CA  1 ? 
ATOM   1024 C  C   . LYS A 1 121 ? -1.143  -10.385 10.546  1.000 11.232 ? 160 LYS AAA C   1 ? 
ATOM   1025 O  O   . LYS A 1 121 ? -0.357  -11.338 10.606  1.000 13.245 ? 160 LYS AAA O   1 ? 
ATOM   1026 C  CB  . LYS A 1 121 ? -2.740  -10.463 8.618   1.000 13.723 ? 160 LYS AAA CB  1 ? 
ATOM   1027 C  CG  . LYS A 1 121 ? -4.106  -10.831 8.091   1.000 16.274 ? 160 LYS AAA CG  1 ? 
ATOM   1028 C  CD  . LYS A 1 121 ? -4.485  -12.263 8.438   1.000 21.928 ? 160 LYS AAA CD  1 ? 
ATOM   1029 C  CE  . LYS A 1 121 ? -5.705  -12.681 7.655   1.000 25.507 ? 160 LYS AAA CE  1 ? 
ATOM   1030 N  NZ  . LYS A 1 121 ? -6.374  -13.832 8.307   1.000 29.210 ? 160 LYS AAA NZ  1 ? 
ATOM   1031 N  N   . ILE A 1 122 ? -0.746  -9.144  10.765  1.000 11.018 ? 161 ILE AAA N   1 ? 
ATOM   1032 C  CA  . ILE A 1 122 ? 0.654   -8.862  11.086  1.000 11.115 ? 161 ILE AAA CA  1 ? 
ATOM   1033 C  C   . ILE A 1 122 ? 0.984   -9.337  12.493  1.000 11.402 ? 161 ILE AAA C   1 ? 
ATOM   1034 O  O   . ILE A 1 122 ? 2.126   -9.738  12.761  1.000 13.137 ? 161 ILE AAA O   1 ? 
ATOM   1035 C  CB  . ILE A 1 122 ? 1.005   -7.376  10.909  1.000 13.738 ? 161 ILE AAA CB  1 ? 
ATOM   1036 C  CG1 . ILE A 1 122 ? 0.973   -6.982  9.430   1.000 16.833 ? 161 ILE AAA CG1 1 ? 
ATOM   1037 C  CG2 . ILE A 1 122 ? 2.371   -7.063  11.529  1.000 19.205 ? 161 ILE AAA CG2 1 ? 
ATOM   1038 C  CD1 . ILE A 1 122 ? 1.830   -7.845  8.533   1.000 17.450 ? 161 ILE AAA CD1 1 ? 
ATOM   1039 N  N   . ASN A 1 123 ? -0.005  -9.375  13.392  1.000 11.359 ? 162 ASN AAA N   1 ? 
ATOM   1040 C  CA  . ASN A 1 123 ? 0.230   -9.924  14.717  1.000 13.597 ? 162 ASN AAA CA  1 ? 
ATOM   1041 C  C   . ASN A 1 123 ? 0.653   -11.390 14.637  1.000 14.382 ? 162 ASN AAA C   1 ? 
ATOM   1042 O  O   . ASN A 1 123 ? 1.320   -11.890 15.551  1.000 15.505 ? 162 ASN AAA O   1 ? 
ATOM   1043 C  CB  . ASN A 1 123 ? -0.949  -9.621  15.641  1.000 16.131 ? 162 ASN AAA CB  1 ? 
ATOM   1044 C  CG  . ASN A 1 123 ? -1.001  -8.171  16.103  1.000 16.145 ? 162 ASN AAA CG  1 ? 
ATOM   1045 O  OD1 . ASN A 1 123 ? -0.065  -7.417  15.938  1.000 20.989 ? 162 ASN AAA OD1 1 ? 
ATOM   1046 N  ND2 . ASN A 1 123 ? -2.143  -7.782  16.652  1.000 21.018 ? 162 ASN AAA ND2 1 ? 
ATOM   1047 N  N   . GLU A 1 124 ? 0.246   -12.084 13.581  1.000 12.877 ? 163 GLU AAA N   1 ? 
ATOM   1048 C  CA  . GLU A 1 124 ? 0.573   -13.483 13.322  1.000 15.014 ? 163 GLU AAA CA  1 ? 
ATOM   1049 C  C   . GLU A 1 124 ? 1.693   -13.679 12.289  1.000 15.456 ? 163 GLU AAA C   1 ? 
ATOM   1050 O  O   . GLU A 1 124 ? 1.993   -14.810 11.871  1.000 18.262 ? 163 GLU AAA O   1 ? 
ATOM   1051 C  CB  . GLU A 1 124 ? -0.689  -14.204 12.859  1.000 16.793 ? 163 GLU AAA CB  1 ? 
ATOM   1052 C  CG  . GLU A 1 124 ? -1.705  -14.375 13.996  1.000 18.992 ? 163 GLU AAA CG  1 ? 
ATOM   1053 C  CD  . GLU A 1 124 ? -1.339  -15.371 15.096  1.000 22.822 ? 163 GLU AAA CD  1 ? 
ATOM   1054 O  OE1 . GLU A 1 124 ? -0.205  -15.911 15.120  1.000 24.780 ? 163 GLU AAA OE1 1 ? 
ATOM   1055 O  OE2 . GLU A 1 124 ? -2.232  -15.654 15.931  1.000 27.523 ? 163 GLU AAA OE2 1 ? 
ATOM   1056 N  N   . LEU A 1 125 ? 2.396   -12.593 11.926  1.000 13.336 ? 164 LEU AAA N   1 ? 
ATOM   1057 C  CA  . LEU A 1 125 ? 3.513   -12.724 11.018  1.000 14.145 ? 164 LEU AAA CA  1 ? 
ATOM   1058 C  C   . LEU A 1 125 ? 4.458   -13.714 11.648  1.000 13.088 ? 164 LEU AAA C   1 ? 
ATOM   1059 O  O   . LEU A 1 125 ? 4.897   -13.534 12.787  1.000 13.414 ? 164 LEU AAA O   1 ? 
ATOM   1060 C  CB  . LEU A 1 125 ? 4.153   -11.358 10.852  1.000 13.440 ? 164 LEU AAA CB  1 ? 
ATOM   1061 C  CG  . LEU A 1 125 ? 5.387   -11.314 9.955   1.000 13.438 ? 164 LEU AAA CG  1 ? 
ATOM   1062 C  CD1 . LEU A 1 125 ? 4.922   -11.329 8.510   1.000 16.785 ? 164 LEU AAA CD1 1 ? 
ATOM   1063 C  CD2 . LEU A 1 125 ? 6.225   -10.084 10.222  1.000 15.965 ? 164 LEU AAA CD2 1 ? 
ATOM   1064 N  N   . PRO A 1 126 ? 4.878   -14.746 10.885  1.000 14.811 ? 165 PRO AAA N   1 ? 
ATOM   1065 C  CA  . PRO A 1 126 ? 5.664   -15.801 11.458  1.000 15.840 ? 165 PRO AAA CA  1 ? 
ATOM   1066 C  C   . PRO A 1 126 ? 7.040   -15.333 11.784  1.000 14.297 ? 165 PRO AAA C   1 ? 
ATOM   1067 O  O   . PRO A 1 126 ? 7.677   -14.438 11.186  1.000 15.203 ? 165 PRO AAA O   1 ? 
ATOM   1068 C  CB  . PRO A 1 126 ? 5.745   -16.881 10.373  1.000 18.556 ? 165 PRO AAA CB  1 ? 
ATOM   1069 C  CG  . PRO A 1 126 ? 5.658   -16.071 9.119   1.000 20.678 ? 165 PRO AAA CG  1 ? 
ATOM   1070 C  CD  . PRO A 1 126 ? 4.631   -14.993 9.455   1.000 18.871 ? 165 PRO AAA CD  1 ? 
ATOM   1071 N  N   . THR A 1 127 ? 7.547   -16.060 12.787  1.000 16.764 ? 166 THR AAA N   1 ? 
ATOM   1072 C  CA  . THR A 1 127 ? 8.932   -15.892 13.122  1.000 18.223 ? 166 THR AAA CA  1 ? 
ATOM   1073 C  C   . THR A 1 127 ? 9.786   -16.141 11.870  1.000 17.626 ? 166 THR AAA C   1 ? 
ATOM   1074 O  O   . THR A 1 127 ? 9.527   -17.051 11.110  1.000 18.931 ? 166 THR AAA O   1 ? 
ATOM   1075 C  CB  . THR A 1 127 ? 9.285   -16.923 14.201  1.000 19.847 ? 166 THR AAA CB  1 ? 
ATOM   1076 O  OG1 . THR A 1 127 ? 8.321   -16.784 15.253  1.000 20.972 ? 166 THR AAA OG1 1 ? 
ATOM   1077 C  CG2 . THR A 1 127 ? 10.719  -16.796 14.661  1.000 23.392 ? 166 THR AAA CG2 1 ? 
ATOM   1078 N  N   . GLU A 1 128 ? 10.755  -15.278 11.632  1.000 16.336 ? 167 GLU AAA N   1 ? 
ATOM   1079 C  CA  . GLU A 1 128 ? 11.620  -15.416 10.458  1.000 22.084 ? 167 GLU AAA CA  1 ? 
ATOM   1080 C  C   . GLU A 1 128 ? 12.486  -16.666 10.589  1.000 26.031 ? 167 GLU AAA C   1 ? 
ATOM   1081 O  O   . GLU A 1 128 ? 13.132  -16.888 11.606  1.000 28.982 ? 167 GLU AAA O   1 ? 
ATOM   1082 C  CB  . GLU A 1 128 ? 12.504  -14.181 10.252  1.000 24.640 ? 167 GLU AAA CB  1 ? 
ATOM   1083 C  CG  . GLU A 1 128 ? 13.382  -14.198 9.000   1.000 31.948 ? 167 GLU AAA CG  1 ? 
ATOM   1084 C  CD  . GLU A 1 128 ? 14.265  -12.963 8.903   1.000 36.733 ? 167 GLU AAA CD  1 ? 
ATOM   1085 O  OE1 . GLU A 1 128 ? 14.237  -12.154 9.855   1.000 40.930 ? 167 GLU AAA OE1 1 ? 
ATOM   1086 O  OE2 . GLU A 1 128 ? 14.986  -12.811 7.894   1.000 39.340 ? 167 GLU AAA OE2 1 ? 
ATOM   1087 N  N   . GLU A 1 129 ? 12.501  -17.485 9.534   1.000 28.047 ? 168 GLU AAA N   1 ? 
ATOM   1088 C  CA  . GLU A 1 129 ? 13.297  -18.696 9.581   1.000 35.013 ? 168 GLU AAA CA  1 ? 
ATOM   1089 C  C   . GLU A 1 129 ? 14.369  -18.605 8.495   1.000 40.945 ? 168 GLU AAA C   1 ? 
ATOM   1090 O  O   . GLU A 1 129 ? 14.380  -17.658 7.686   1.000 42.240 ? 168 GLU AAA O   1 ? 
ATOM   1091 C  CB  . GLU A 1 129 ? 12.396  -19.926 9.454   1.000 40.750 ? 168 GLU AAA CB  1 ? 
ATOM   1092 C  CG  . GLU A 1 129 ? 11.818  -20.092 8.059   1.000 45.281 ? 168 GLU AAA CG  1 ? 
ATOM   1093 C  CD  . GLU A 1 129 ? 10.466  -20.777 7.992   1.000 48.696 ? 168 GLU AAA CD  1 ? 
ATOM   1094 O  OE1 . GLU A 1 129 ? 9.798   -20.896 9.051   1.000 50.178 ? 168 GLU AAA OE1 1 ? 
ATOM   1095 O  OE2 . GLU A 1 129 ? 10.080  -21.182 6.877   1.000 52.290 ? 168 GLU AAA OE2 1 ? 
ATOM   1096 O  OXT . GLU A 1 129 ? 15.235  -19.479 8.442   1.000 44.783 ? 168 GLU AAA OXT 1 ? 
HETATM 1097 C  C1  . GOL B 2 .   ? -8.390  8.226   -2.183  1.000 21.751 ? 201 GOL AAA C1  1 ? 
HETATM 1098 O  O1  . GOL B 2 .   ? -8.669  8.250   -3.572  1.000 23.127 ? 201 GOL AAA O1  1 ? 
HETATM 1099 C  C2  . GOL B 2 .   ? -7.689  9.497   -1.766  1.000 18.381 ? 201 GOL AAA C2  1 ? 
HETATM 1100 O  O2  . GOL B 2 .   ? -7.419  9.414   -0.369  1.000 16.586 ? 201 GOL AAA O2  1 ? 
HETATM 1101 C  C3  . GOL B 2 .   ? -8.435  10.770  -2.069  1.000 19.911 ? 201 GOL AAA C3  1 ? 
HETATM 1102 O  O3  . GOL B 2 .   ? -9.677  10.865  -1.384  1.000 22.484 ? 201 GOL AAA O3  1 ? 
HETATM 1103 C  C1  . GOL C 2 .   ? 2.868   13.065  3.664   1.000 20.314 ? 202 GOL AAA C1  1 ? 
HETATM 1104 O  O1  . GOL C 2 .   ? 3.847   13.626  2.790   1.000 18.642 ? 202 GOL AAA O1  1 ? 
HETATM 1105 C  C2  . GOL C 2 .   ? 2.845   11.562  3.574   1.000 20.958 ? 202 GOL AAA C2  1 ? 
HETATM 1106 O  O2  . GOL C 2 .   ? 2.689   11.105  2.226   1.000 15.508 ? 202 GOL AAA O2  1 ? 
HETATM 1107 C  C3  . GOL C 2 .   ? 1.712   10.967  4.384   1.000 23.091 ? 202 GOL AAA C3  1 ? 
HETATM 1108 O  O3  . GOL C 2 .   ? 1.754   9.545   4.343   1.000 23.836 ? 202 GOL AAA O3  1 ? 
HETATM 1109 BR BR4 . BYZ D 3 .   ? -7.590  18.095  -12.206 1.000 29.727 ? 203 BYZ AAA BR4 1 ? 
HETATM 1110 C  C4  . BYZ D 3 .   ? -5.786  17.926  -11.736 1.000 20.078 ? 203 BYZ AAA C4  1 ? 
HETATM 1111 C  C5  . BYZ D 3 .   ? -5.177  16.986  -10.873 1.000 20.302 ? 203 BYZ AAA C5  1 ? 
HETATM 1112 N  N1  . BYZ D 3 .   ? -3.846  17.173  -10.830 1.000 17.977 ? 203 BYZ AAA N1  1 ? 
HETATM 1113 N  N2  . BYZ D 3 .   ? -3.638  18.279  -11.589 1.000 24.589 ? 203 BYZ AAA N2  1 ? 
HETATM 1114 C  C3  . BYZ D 3 .   ? -4.767  18.729  -12.167 1.000 24.879 ? 203 BYZ AAA C3  1 ? 
HETATM 1115 O  O   . HOH E 4 .   ? -1.010  1.229   9.499   1.000 36.923 ? 301 HOH AAA O   1 ? 
HETATM 1116 O  O   . HOH E 4 .   ? -11.395 -13.080 3.559   1.000 32.702 ? 302 HOH AAA O   1 ? 
HETATM 1117 O  O   . HOH E 4 .   ? -20.592 -7.249  -0.815  1.000 33.808 ? 303 HOH AAA O   1 ? 
HETATM 1118 O  O   . HOH E 4 .   ? 5.755   2.261   9.454   1.000 32.557 ? 304 HOH AAA O   1 ? 
HETATM 1119 O  O   . HOH E 4 .   ? -13.874 2.739   11.426  1.000 27.756 ? 305 HOH AAA O   1 ? 
HETATM 1120 O  O   . HOH E 4 .   ? 2.364   -7.882  -10.014 1.000 35.008 ? 306 HOH AAA O   1 ? 
HETATM 1121 O  O   . HOH E 4 .   ? -11.419 4.774   -13.521 1.000 28.233 ? 307 HOH AAA O   1 ? 
HETATM 1122 O  O   . HOH E 4 .   ? -14.990 7.700   8.538   1.000 32.199 ? 308 HOH AAA O   1 ? 
HETATM 1123 O  O   . HOH E 4 .   ? -4.366  16.833  4.851   1.000 30.274 ? 309 HOH AAA O   1 ? 
HETATM 1124 O  O   . HOH E 4 .   ? -8.253  6.082   -4.864  1.000 19.826 ? 310 HOH AAA O   1 ? 
HETATM 1125 O  O   . HOH E 4 .   ? 1.734   -17.321 12.351  1.000 43.393 ? 311 HOH AAA O   1 ? 
HETATM 1126 O  O   . HOH E 4 .   ? -11.954 15.017  2.881   1.000 33.075 ? 312 HOH AAA O   1 ? 
HETATM 1127 O  O   . HOH E 4 .   ? -11.088 9.186   -3.555  1.000 41.415 ? 313 HOH AAA O   1 ? 
HETATM 1128 O  O   . HOH E 4 .   ? -0.781  -0.341  -9.831  1.000 26.741 ? 314 HOH AAA O   1 ? 
HETATM 1129 O  O   . HOH E 4 .   ? -15.241 14.531  8.901   1.000 40.947 ? 315 HOH AAA O   1 ? 
HETATM 1130 O  O   . HOH E 4 .   ? -5.139  8.316   0.241   1.000 17.323 ? 316 HOH AAA O   1 ? 
HETATM 1131 O  O   . HOH E 4 .   ? 14.644  2.816   -10.767 1.000 28.583 ? 317 HOH AAA O   1 ? 
HETATM 1132 O  O   . HOH E 4 .   ? -1.647  7.498   -1.864  1.000 15.030 ? 318 HOH AAA O   1 ? 
HETATM 1133 O  O   . HOH E 4 .   ? -12.611 12.699  -14.118 1.000 23.683 ? 319 HOH AAA O   1 ? 
HETATM 1134 O  O   . HOH E 4 .   ? 2.046   10.025  -14.003 1.000 28.133 ? 320 HOH AAA O   1 ? 
HETATM 1135 O  O   . HOH E 4 .   ? 11.487  -5.711  -12.258 1.000 26.954 ? 321 HOH AAA O   1 ? 
HETATM 1136 O  O   . HOH E 4 .   ? -13.003 13.129  -6.177  1.000 24.923 ? 322 HOH AAA O   1 ? 
HETATM 1137 O  O   . HOH E 4 .   ? 4.241   8.110   -6.758  1.000 13.960 ? 323 HOH AAA O   1 ? 
HETATM 1138 O  O   . HOH E 4 .   ? -1.939  15.235  -9.662  1.000 23.885 ? 324 HOH AAA O   1 ? 
HETATM 1139 O  O   . HOH E 4 .   ? -16.423 13.690  6.702   1.000 35.754 ? 325 HOH AAA O   1 ? 
HETATM 1140 O  O   . HOH E 4 .   ? 7.300   -19.521 8.219   1.000 29.407 ? 326 HOH AAA O   1 ? 
HETATM 1141 O  O   . HOH E 4 .   ? 24.374  -3.592  -9.431  1.000 22.394 ? 327 HOH AAA O   1 ? 
HETATM 1142 O  O   . HOH E 4 .   ? -21.598 6.652   4.144   1.000 12.136 ? 328 HOH AAA O   1 ? 
HETATM 1143 O  O   . HOH E 4 .   ? -4.088  -9.609  17.038  1.000 40.770 ? 329 HOH AAA O   1 ? 
HETATM 1144 O  O   . HOH E 4 .   ? 9.212   -16.251 17.743  1.000 25.269 ? 330 HOH AAA O   1 ? 
HETATM 1145 O  O   . HOH E 4 .   ? 8.503   -5.005  -11.097 1.000 44.831 ? 331 HOH AAA O   1 ? 
HETATM 1146 O  O   . HOH E 4 .   ? -3.894  4.889   -10.911 1.000 19.769 ? 332 HOH AAA O   1 ? 
HETATM 1147 O  O   . HOH E 4 .   ? 3.945   1.581   -8.686  1.000 28.783 ? 333 HOH AAA O   1 ? 
HETATM 1148 O  O   . HOH E 4 .   ? -2.222  -15.733 10.080  1.000 24.034 ? 334 HOH AAA O   1 ? 
HETATM 1149 O  O   . HOH E 4 .   ? -1.315  -0.290  10.944  1.000 32.345 ? 335 HOH AAA O   1 ? 
HETATM 1150 O  O   . HOH E 4 .   ? -19.005 8.652   5.494   1.000 22.478 ? 336 HOH AAA O   1 ? 
HETATM 1151 O  O   . HOH E 4 .   ? 13.195  -16.961 5.334   1.000 21.161 ? 337 HOH AAA O   1 ? 
HETATM 1152 O  O   . HOH E 4 .   ? -3.171  5.125   -1.692  1.000 11.451 ? 338 HOH AAA O   1 ? 
HETATM 1153 O  O   . HOH E 4 .   ? -6.956  -11.794 -3.195  1.000 27.566 ? 339 HOH AAA O   1 ? 
HETATM 1154 O  O   . HOH E 4 .   ? 4.423   14.096  -13.366 1.000 13.912 ? 340 HOH AAA O   1 ? 
HETATM 1155 O  O   . HOH E 4 .   ? 6.615   1.371   -10.573 1.000 19.269 ? 341 HOH AAA O   1 ? 
HETATM 1156 O  O   . HOH E 4 .   ? -7.696  19.748  -4.678  1.000 22.430 ? 342 HOH AAA O   1 ? 
HETATM 1157 O  O   . HOH E 4 .   ? -7.516  14.754  7.838   1.000 32.251 ? 343 HOH AAA O   1 ? 
HETATM 1158 O  O   . HOH E 4 .   ? -6.688  -0.767  -11.071 1.000 35.055 ? 344 HOH AAA O   1 ? 
HETATM 1159 O  O   . HOH E 4 .   ? -13.001 11.534  1.036   1.000 26.944 ? 345 HOH AAA O   1 ? 
HETATM 1160 O  O   . HOH E 4 .   ? -8.705  0.254   11.948  1.000 16.781 ? 346 HOH AAA O   1 ? 
HETATM 1161 O  O   . HOH E 4 .   ? -13.922 -6.013  7.252   1.000 24.691 ? 347 HOH AAA O   1 ? 
HETATM 1162 O  O   . HOH E 4 .   ? 6.358   12.588  3.181   1.000 31.740 ? 348 HOH AAA O   1 ? 
HETATM 1163 O  O   . HOH E 4 .   ? 8.418   -19.536 11.549  1.000 30.751 ? 349 HOH AAA O   1 ? 
HETATM 1164 O  O   . HOH E 4 .   ? 1.033   16.295  4.492   1.000 29.201 ? 350 HOH AAA O   1 ? 
HETATM 1165 O  O   . HOH E 4 .   ? -1.197  19.546  -11.307 1.000 22.077 ? 351 HOH AAA O   1 ? 
HETATM 1166 O  O   . HOH E 4 .   ? -7.070  -5.627  14.320  1.000 18.005 ? 352 HOH AAA O   1 ? 
HETATM 1167 O  O   . HOH E 4 .   ? -8.711  11.275  8.680   1.000 15.659 ? 353 HOH AAA O   1 ? 
HETATM 1168 O  O   . HOH E 4 .   ? -17.055 -2.810  -3.402  1.000 27.202 ? 354 HOH AAA O   1 ? 
HETATM 1169 O  O   . HOH E 4 .   ? 14.090  -10.207 7.582   1.000 22.731 ? 355 HOH AAA O   1 ? 
HETATM 1170 O  O   . HOH E 4 .   ? 5.606   -18.111 4.910   1.000 22.468 ? 356 HOH AAA O   1 ? 
HETATM 1171 O  O   . HOH E 4 .   ? 0.406   9.196   -15.019 1.000 27.414 ? 357 HOH AAA O   1 ? 
HETATM 1172 O  O   . HOH E 4 .   ? 6.579   3.324   2.436   1.000 16.836 ? 358 HOH AAA O   1 ? 
HETATM 1173 O  O   . HOH E 4 .   ? -9.517  -1.063  -8.611  1.000 18.661 ? 359 HOH AAA O   1 ? 
HETATM 1174 O  O   . HOH E 4 .   ? 0.682   -17.062 17.492  1.000 33.519 ? 360 HOH AAA O   1 ? 
HETATM 1175 O  O   . HOH E 4 .   ? 1.972   8.031   -13.125 1.000 28.108 ? 361 HOH AAA O   1 ? 
HETATM 1176 O  O   . HOH E 4 .   ? 8.432   5.224   -11.371 1.000 27.072 ? 362 HOH AAA O   1 ? 
HETATM 1177 O  O   . HOH E 4 .   ? 1.008   5.322   -4.976  1.000 11.642 ? 363 HOH AAA O   1 ? 
HETATM 1178 O  O   . HOH E 4 .   ? 14.264  -1.561  -14.023 1.000 28.403 ? 364 HOH AAA O   1 ? 
HETATM 1179 O  O   . HOH E 4 .   ? -10.122 17.066  -1.352  1.000 28.738 ? 365 HOH AAA O   1 ? 
HETATM 1180 O  O   . HOH E 4 .   ? -4.752  4.181   -3.689  1.000 11.645 ? 366 HOH AAA O   1 ? 
HETATM 1181 O  O   . HOH E 4 .   ? -17.240 -4.335  3.996   1.000 31.433 ? 367 HOH AAA O   1 ? 
HETATM 1182 O  O   . HOH E 4 .   ? -14.132 0.950   9.395   1.000 18.646 ? 368 HOH AAA O   1 ? 
HETATM 1183 O  O   . HOH E 4 .   ? -1.267  8.618   -10.158 1.000 14.287 ? 369 HOH AAA O   1 ? 
HETATM 1184 O  O   . HOH E 4 .   ? 11.588  -10.667 6.468   1.000 14.044 ? 370 HOH AAA O   1 ? 
HETATM 1185 O  O   . HOH E 4 .   ? 1.394   7.745   -9.603  1.000 13.662 ? 371 HOH AAA O   1 ? 
HETATM 1186 O  O   . HOH E 4 .   ? -13.629 7.386   10.565  1.000 33.120 ? 372 HOH AAA O   1 ? 
HETATM 1187 O  O   . HOH E 4 .   ? -0.472  -4.548  -9.101  1.000 22.264 ? 373 HOH AAA O   1 ? 
HETATM 1188 O  O   . HOH E 4 .   ? -6.696  4.787   -6.704  1.000 19.773 ? 374 HOH AAA O   1 ? 
HETATM 1189 O  O   . HOH E 4 .   ? -12.204 -5.217  9.068   1.000 16.798 ? 375 HOH AAA O   1 ? 
HETATM 1190 O  O   . HOH E 4 .   ? -13.248 -9.552  -4.242  1.000 24.775 ? 376 HOH AAA O   1 ? 
HETATM 1191 O  O   . HOH E 4 .   ? 9.383   0.210   1.590   1.000 15.940 ? 377 HOH AAA O   1 ? 
HETATM 1192 O  O   . HOH E 4 .   ? 3.355   20.996  -0.124  1.000 38.121 ? 378 HOH AAA O   1 ? 
HETATM 1193 O  O   . HOH E 4 .   ? -17.701 10.230  2.461   1.000 21.370 ? 379 HOH AAA O   1 ? 
HETATM 1194 O  O   . HOH E 4 .   ? 14.749  -0.207  1.672   1.000 22.749 ? 380 HOH AAA O   1 ? 
HETATM 1195 O  O   . HOH E 4 .   ? -1.555  -13.123 -3.153  1.000 27.754 ? 381 HOH AAA O   1 ? 
HETATM 1196 O  O   . HOH E 4 .   ? 1.882   0.584   -9.210  1.000 23.533 ? 382 HOH AAA O   1 ? 
HETATM 1197 O  O   . HOH E 4 .   ? -12.850 17.014  -6.239  1.000 37.204 ? 383 HOH AAA O   1 ? 
HETATM 1198 O  O   . HOH E 4 .   ? 11.464  -0.636  -0.096  1.000 16.845 ? 384 HOH AAA O   1 ? 
HETATM 1199 O  O   . HOH E 4 .   ? 7.142   -13.337 -5.079  1.000 32.606 ? 385 HOH AAA O   1 ? 
HETATM 1200 O  O   . HOH E 4 .   ? 6.607   -12.243 -1.247  1.000 27.766 ? 386 HOH AAA O   1 ? 
HETATM 1201 O  O   . HOH E 4 .   ? 6.539   6.357   -1.627  1.000 28.687 ? 387 HOH AAA O   1 ? 
HETATM 1202 O  O   . HOH E 4 .   ? 16.311  1.649   -4.924  1.000 25.065 ? 388 HOH AAA O   1 ? 
HETATM 1203 O  O   . HOH E 4 .   ? -11.757 -6.338  -3.917  1.000 22.375 ? 389 HOH AAA O   1 ? 
HETATM 1204 O  O   . HOH E 4 .   ? 1.939   -2.039  11.559  1.000 26.405 ? 390 HOH AAA O   1 ? 
HETATM 1205 O  O   . HOH E 4 .   ? -1.680  8.661   -14.179 1.000 45.439 ? 391 HOH AAA O   1 ? 
HETATM 1206 O  O   . HOH E 4 .   ? 11.626  -5.700  -8.304  1.000 15.217 ? 392 HOH AAA O   1 ? 
HETATM 1207 O  O   . HOH E 4 .   ? -4.346  5.743   0.734   1.000 12.018 ? 393 HOH AAA O   1 ? 
HETATM 1208 O  O   . HOH E 4 .   ? 11.091  -13.081 13.442  1.000 29.415 ? 394 HOH AAA O   1 ? 
HETATM 1209 O  O   . HOH E 4 .   ? -14.527 9.203   0.782   1.000 17.236 ? 395 HOH AAA O   1 ? 
HETATM 1210 O  O   . HOH E 4 .   ? -9.058  6.436   -16.610 1.000 41.793 ? 396 HOH AAA O   1 ? 
HETATM 1211 O  O   . HOH E 4 .   ? 10.250  0.990   -11.074 1.000 16.172 ? 397 HOH AAA O   1 ? 
HETATM 1212 O  O   . HOH E 4 .   ? -8.269  -7.772  -8.971  1.000 36.291 ? 398 HOH AAA O   1 ? 
HETATM 1213 O  O   . HOH E 4 .   ? -1.659  16.461  -7.192  1.000 22.214 ? 399 HOH AAA O   1 ? 
HETATM 1214 O  O   . HOH E 4 .   ? 4.701   20.701  -2.554  1.000 40.137 ? 400 HOH AAA O   1 ? 
HETATM 1215 O  O   . HOH E 4 .   ? -7.286  6.467   -8.578  1.000 24.645 ? 401 HOH AAA O   1 ? 
HETATM 1216 O  O   . HOH E 4 .   ? 12.795  1.063   -1.695  1.000 20.295 ? 402 HOH AAA O   1 ? 
HETATM 1217 O  O   . HOH E 4 .   ? 5.635   0.075   9.660   1.000 28.308 ? 403 HOH AAA O   1 ? 
HETATM 1218 O  O   . HOH E 4 .   ? 3.176   5.697   8.274   1.000 34.614 ? 404 HOH AAA O   1 ? 
HETATM 1219 O  O   . HOH E 4 .   ? 18.417  0.758   -12.121 1.000 28.077 ? 405 HOH AAA O   1 ? 
HETATM 1220 O  O   . HOH E 4 .   ? -1.183  7.070   -4.591  1.000 15.064 ? 406 HOH AAA O   1 ? 
HETATM 1221 O  O   . HOH E 4 .   ? 9.919   4.674   -4.810  1.000 20.791 ? 407 HOH AAA O   1 ? 
HETATM 1222 O  O   . HOH E 4 .   ? -14.732 17.463  -7.923  1.000 41.932 ? 408 HOH AAA O   1 ? 
HETATM 1223 O  O   . HOH E 4 .   ? 14.330  -2.562  7.255   1.000 25.495 ? 409 HOH AAA O   1 ? 
HETATM 1224 O  O   . HOH E 4 .   ? 8.317   7.715   -7.625  1.000 15.288 ? 410 HOH AAA O   1 ? 
HETATM 1225 O  O   . HOH E 4 .   ? 11.944  -7.094  8.488   1.000 17.793 ? 411 HOH AAA O   1 ? 
HETATM 1226 O  O   . HOH E 4 .   ? -2.342  -18.500 16.689  1.000 40.054 ? 412 HOH AAA O   1 ? 
HETATM 1227 O  O   . HOH E 4 .   ? 4.985   16.428  -16.166 1.000 27.890 ? 413 HOH AAA O   1 ? 
HETATM 1228 O  O   . HOH E 4 .   ? 9.096   3.172   -1.304  1.000 25.575 ? 414 HOH AAA O   1 ? 
HETATM 1229 O  O   . HOH E 4 .   ? -10.704 -6.804  -6.756  1.000 30.644 ? 415 HOH AAA O   1 ? 
HETATM 1230 O  O   . HOH E 4 .   ? -15.144 -7.891  2.337   1.000 22.417 ? 416 HOH AAA O   1 ? 
HETATM 1231 O  O   . HOH E 4 .   ? 19.113  -8.553  6.768   1.000 14.678 ? 417 HOH AAA O   1 ? 
HETATM 1232 O  O   . HOH E 4 .   ? -13.018 -3.900  -3.711  1.000 16.941 ? 418 HOH AAA O   1 ? 
HETATM 1233 O  O   . HOH E 4 .   ? 13.617  -8.805  -8.596  1.000 23.936 ? 419 HOH AAA O   1 ? 
HETATM 1234 O  O   . HOH E 4 .   ? -0.454  7.428   10.801  1.000 33.423 ? 420 HOH AAA O   1 ? 
HETATM 1235 O  O   . HOH E 4 .   ? 8.272   -2.944  -12.746 1.000 41.533 ? 421 HOH AAA O   1 ? 
HETATM 1236 O  O   . HOH E 4 .   ? 3.396   18.801  -5.947  1.000 29.402 ? 422 HOH AAA O   1 ? 
HETATM 1237 O  O   . HOH E 4 .   ? 7.388   -19.655 15.406  1.000 30.859 ? 423 HOH AAA O   1 ? 
HETATM 1238 O  O   . HOH E 4 .   ? -0.424  3.408   9.423   1.000 29.503 ? 424 HOH AAA O   1 ? 
HETATM 1239 O  O   . HOH E 4 .   ? 10.157  0.933   8.303   1.000 37.090 ? 425 HOH AAA O   1 ? 
HETATM 1240 O  O   . HOH E 4 .   ? -2.786  -5.190  18.247  1.000 32.418 ? 426 HOH AAA O   1 ? 
HETATM 1241 O  O   . HOH E 4 .   ? -10.604 -11.877 9.854   1.000 30.980 ? 427 HOH AAA O   1 ? 
HETATM 1242 O  O   . HOH E 4 .   ? -6.749  -16.391 6.572   1.000 26.449 ? 428 HOH AAA O   1 ? 
HETATM 1243 O  O   . HOH E 4 .   ? -13.656 -10.646 0.734   1.000 26.342 ? 429 HOH AAA O   1 ? 
HETATM 1244 O  O   . HOH E 4 .   ? -11.876 -7.620  10.689  1.000 26.605 ? 430 HOH AAA O   1 ? 
HETATM 1245 O  O   . HOH E 4 .   ? 8.975   12.584  0.427   1.000 37.075 ? 431 HOH AAA O   1 ? 
HETATM 1246 O  O   . HOH E 4 .   ? -5.383  -13.052 13.197  1.000 40.611 ? 432 HOH AAA O   1 ? 
HETATM 1247 O  O   . HOH E 4 .   ? 16.527  -15.315 -1.748  1.000 23.996 ? 433 HOH AAA O   1 ? 
HETATM 1248 O  O   . HOH E 4 .   ? 15.886  -11.084 12.527  1.000 40.051 ? 434 HOH AAA O   1 ? 
HETATM 1249 O  O   . HOH E 4 .   ? 1.623   7.393   -6.912  1.000 17.076 ? 435 HOH AAA O   1 ? 
HETATM 1250 O  O   . HOH E 4 .   ? 11.883  -1.204  6.931   1.000 32.075 ? 436 HOH AAA O   1 ? 
HETATM 1251 O  O   . HOH E 4 .   ? 0.508   -6.292  -10.730 1.000 32.750 ? 437 HOH AAA O   1 ? 
HETATM 1252 O  O   . HOH E 4 .   ? -5.378  -7.008  15.896  1.000 31.783 ? 438 HOH AAA O   1 ? 
HETATM 1253 O  O   . HOH E 4 .   ? -9.296  -12.238 7.532   1.000 36.601 ? 439 HOH AAA O   1 ? 
HETATM 1254 O  O   . HOH E 4 .   ? 4.999   -1.156  11.937  1.000 34.437 ? 440 HOH AAA O   1 ? 
HETATM 1255 O  O   . HOH E 4 .   ? 12.476  -19.633 13.604  1.000 46.733 ? 441 HOH AAA O   1 ? 
HETATM 1256 O  O   . HOH E 4 .   ? 17.278  -14.626 9.831   1.000 37.392 ? 442 HOH AAA O   1 ? 
HETATM 1257 O  O   . HOH E 4 .   ? -11.150 1.342   -8.719  1.000 26.015 ? 443 HOH AAA O   1 ? 
HETATM 1258 O  O   . HOH E 4 .   ? 2.716   24.652  -0.110  1.000 35.965 ? 444 HOH AAA O   1 ? 
HETATM 1259 O  O   . HOH E 4 .   ? -6.632  -1.172  13.181  1.000 21.157 ? 445 HOH AAA O   1 ? 
HETATM 1260 O  O   . HOH E 4 .   ? 15.168  -7.668  9.025   1.000 29.797 ? 446 HOH AAA O   1 ? 
HETATM 1261 O  O   . HOH E 4 .   ? -7.416  -1.641  13.599  1.000 31.780 ? 447 HOH AAA O   1 ? 
HETATM 1262 O  O   . HOH E 4 .   ? -13.068 -1.107  11.045  1.000 21.992 ? 448 HOH AAA O   1 ? 
HETATM 1263 O  O   . HOH E 4 .   ? 9.067   0.022   -13.474 1.000 28.270 ? 449 HOH AAA O   1 ? 
HETATM 1264 O  O   . HOH E 4 .   ? 13.634  -5.539  9.918   1.000 23.595 ? 450 HOH AAA O   1 ? 
HETATM 1265 O  O   . HOH E 4 .   ? -11.163 -0.350  13.075  1.000 22.384 ? 451 HOH AAA O   1 ? 
HETATM 1266 O  O   . HOH E 4 .   ? 13.979  -12.301 -4.513  1.000 28.728 ? 452 HOH AAA O   1 ? 
HETATM 1267 O  O   . HOH E 4 .   ? 1.344   0.535   13.010  1.000 34.887 ? 453 HOH AAA O   1 ? 
HETATM 1268 O  O   . HOH E 4 .   ? 18.141  -10.255 8.845   1.000 26.670 ? 454 HOH AAA O   1 ? 
HETATM 1269 O  O   . HOH E 4 .   ? 12.025  3.105   -11.525 1.000 30.798 ? 455 HOH AAA O   1 ? 
HETATM 1270 O  O   . HOH E 4 .   ? 5.965   13.323  -15.630 1.000 23.775 ? 456 HOH AAA O   1 ? 
HETATM 1271 O  O   . HOH E 4 .   ? -15.217 -3.956  -5.499  1.000 29.568 ? 457 HOH AAA O   1 ? 
HETATM 1272 O  O   . HOH E 4 .   ? -0.294  -17.844 10.476  1.000 32.150 ? 458 HOH AAA O   1 ? 
HETATM 1273 O  O   . HOH E 4 .   ? -14.206 -12.061 -3.573  1.000 24.432 ? 459 HOH AAA O   1 ? 
HETATM 1274 O  O   . HOH E 4 .   ? 7.635   4.866   0.277   1.000 23.416 ? 460 HOH AAA O   1 ? 
HETATM 1275 O  O   . HOH E 4 .   ? 15.607  1.401   -2.083  1.000 24.107 ? 461 HOH AAA O   1 ? 
HETATM 1276 O  O   . HOH E 4 .   ? 10.653  1.463   3.481   1.000 31.278 ? 462 HOH AAA O   1 ? 
HETATM 1277 O  O   . HOH E 4 .   ? 0.856   5.932   -11.544 1.000 19.943 ? 463 HOH AAA O   1 ? 
HETATM 1278 O  O   . HOH E 4 .   ? 3.876   0.891   -11.059 1.000 25.459 ? 464 HOH AAA O   1 ? 
HETATM 1279 O  O   . HOH E 4 .   ? 8.936   3.448   4.132   1.000 32.075 ? 465 HOH AAA O   1 ? 
HETATM 1280 O  O   . HOH E 4 .   ? -2.081  6.684   -11.983 1.000 23.611 ? 466 HOH AAA O   1 ? 
HETATM 1281 O  O   . HOH E 4 .   ? 4.679   -2.267  -13.551 1.000 49.077 ? 467 HOH AAA O   1 ? 
HETATM 1282 O  O   . HOH E 4 .   ? -13.881 -3.444  10.222  1.000 20.717 ? 468 HOH AAA O   1 ? 
HETATM 1283 O  O   . HOH E 4 .   ? -4.059  -11.208 -4.462  1.000 38.848 ? 469 HOH AAA O   1 ? 
HETATM 1284 O  O   . HOH E 4 .   ? -13.811 15.620  -4.226  1.000 47.419 ? 470 HOH AAA O   1 ? 
HETATM 1285 O  O   . HOH E 4 .   ? -3.206  2.555   -12.433 1.000 38.615 ? 471 HOH AAA O   1 ? 
HETATM 1286 O  O   . HOH E 4 .   ? -18.082 1.123   7.247   1.000 23.058 ? 472 HOH AAA O   1 ? 
HETATM 1287 O  O   . HOH E 4 .   ? 1.145   3.080   -11.950 1.000 28.749 ? 473 HOH AAA O   1 ? 
HETATM 1288 O  O   . HOH E 4 .   ? -15.999 -2.605  8.384   1.000 30.466 ? 474 HOH AAA O   1 ? 
# 
